data_4B73
#
_entry.id   4B73
#
_cell.length_a   90.842
_cell.length_b   109.496
_cell.length_c   141.024
_cell.angle_alpha   90.00
_cell.angle_beta   90.00
_cell.angle_gamma   90.00
#
_symmetry.space_group_name_H-M   'P 21 21 21'
#
loop_
_entity.id
_entity.type
_entity.pdbx_description
1 polymer 'NON-STRUCTURAL PROTEIN 4A, SERINE PROTEASE NS3'
2 non-polymer (2S)-4-amino-N-[(1R)-1-(4-chloro-2-fluoro-3-phenoxyphenyl)propyl]-4-oxobutan-2-aminium
3 water water
#
_entity_poly.entity_id   1
_entity_poly.type   'polypeptide(L)'
_entity_poly.pdbx_seq_one_letter_code
;MGSSHHHHHHSSGLVPRGSHMGSVVIVGRIILSGSGSITAYSQQTRGLLGCIITSLTGRDKNQVEGEVQVVSTATQSFLA
TCVNGVCWTVYHGAGSKTLAGPKGPITQMYTNVDQDLVGWQAPPGARSLTPCTCGSSDLYLVTRHADVIPVRRRGDSRGS
LLSPRPVSYLKGSSGGPLLCPSGHAVGIFRAAVCTRGVAKAVDFVPVESMETTMRSPVFTDNSSPPAVPQSFQVAHLHAP
TGSGKSTKVPAAYAAQGYKVLVLNPSVAATLGFGAYMSKAHGIDPNIRTGVRTITTGAPVTYSTYGKFLADGGCSGGAYD
IIICDECHSTDSTTILGIGTVLDQAETAGARLVVLATATPPGSVTVPHPNIEEVALSNTGEIPFYGKAIPIEAIRGGRHL
IFCHSKKKCDELAAKLSGLGINAVAYYRGLDVSVIPTIGDVVVVATDALMTGYTGDFDSVIDCNTCVTQTVDFSLDPTFT
IETTTVPQDAVSRSQRRGRTGRGRRGIYRFVTPGERPSGMFDSSVLCECYDAGCAWYELTPAETSVRLRAYLNTPGLPVC
QDHLEFWESVFTGLTHIDAHFLSQTKQAGDNFPYLVAYQATVCARAQAPPPSWDQMWKCLIRLKPTLHGPTPLLYRLGAV
QNEVTLTHPITKYIMACMSADLEVVT
;
_entity_poly.pdbx_strand_id   A,B
#
loop_
_chem_comp.id
_chem_comp.type
_chem_comp.name
_chem_comp.formula
4VA non-polymer (2S)-4-amino-N-[(1R)-1-(4-chloro-2-fluoro-3-phenoxyphenyl)propyl]-4-oxobutan-2-aminium 'C19 H23 Cl F N2 O2 1'
#
# COMPACT_ATOMS: atom_id res chain seq x y z
N GLY A 22 -15.53 3.02 -16.04
CA GLY A 22 -15.20 4.37 -15.48
C GLY A 22 -14.23 5.14 -16.37
N SER A 23 -14.36 6.45 -16.42
CA SER A 23 -13.44 7.29 -17.21
C SER A 23 -12.29 7.79 -16.34
N VAL A 24 -11.21 8.23 -17.00
CA VAL A 24 -10.14 8.99 -16.35
C VAL A 24 -10.65 10.41 -16.12
N VAL A 25 -10.42 10.96 -14.93
CA VAL A 25 -10.84 12.31 -14.63
C VAL A 25 -9.63 13.21 -14.46
N ILE A 26 -9.67 14.43 -14.99
CA ILE A 26 -8.70 15.47 -14.61
C ILE A 26 -9.09 16.07 -13.25
N VAL A 27 -8.16 16.04 -12.29
CA VAL A 27 -8.41 16.48 -10.91
C VAL A 27 -7.42 17.60 -10.48
N GLY A 28 -6.58 18.05 -11.40
CA GLY A 28 -5.69 19.14 -11.11
C GLY A 28 -4.75 19.40 -12.24
N ARG A 29 -3.76 20.25 -11.98
CA ARG A 29 -2.75 20.56 -13.01
C ARG A 29 -1.44 20.96 -12.41
N ILE A 30 -0.41 21.05 -13.27
CA ILE A 30 0.89 21.53 -12.87
C ILE A 30 1.23 22.65 -13.81
N ILE A 31 1.35 23.85 -13.24
CA ILE A 31 1.61 25.04 -14.02
C ILE A 31 3.10 25.20 -14.07
N LEU A 32 3.69 25.08 -15.26
CA LEU A 32 5.10 25.39 -15.47
C LEU A 32 5.33 26.89 -15.53
N SER A 33 6.52 27.31 -15.14
CA SER A 33 6.91 28.73 -15.18
C SER A 33 6.93 29.28 -16.60
N GLY A 34 7.05 30.60 -16.70
CA GLY A 34 7.05 31.30 -17.97
C GLY A 34 8.44 31.47 -18.52
N SER A 35 9.38 31.79 -17.64
CA SER A 35 10.73 32.17 -18.04
C SER A 35 11.77 31.84 -16.97
N GLY A 36 13.03 32.19 -17.26
CA GLY A 36 14.14 31.86 -16.39
C GLY A 36 14.26 30.37 -16.16
N SER A 37 14.62 29.99 -14.94
CA SER A 37 14.75 28.59 -14.59
C SER A 37 13.39 27.89 -14.65
N ILE A 38 13.43 26.59 -14.95
CA ILE A 38 12.23 25.77 -14.98
C ILE A 38 11.77 25.51 -13.53
N THR A 39 10.55 25.92 -13.24
CA THR A 39 9.91 25.65 -11.95
C THR A 39 8.41 25.48 -12.20
N ALA A 40 7.68 24.98 -11.20
CA ALA A 40 6.26 24.69 -11.38
C ALA A 40 5.50 24.64 -10.06
N TYR A 41 4.17 24.70 -10.11
CA TYR A 41 3.36 24.51 -8.91
C TYR A 41 2.07 23.78 -9.28
N SER A 42 1.45 23.15 -8.30
CA SER A 42 0.26 22.37 -8.60
C SER A 42 -0.97 23.17 -8.29
N GLN A 43 -2.05 22.89 -9.01
CA GLN A 43 -3.39 23.42 -8.71
C GLN A 43 -4.33 22.22 -8.60
N GLN A 44 -5.09 22.13 -7.52
CA GLN A 44 -6.06 21.09 -7.39
C GLN A 44 -7.44 21.63 -7.69
N THR A 45 -8.14 20.98 -8.60
CA THR A 45 -9.47 21.40 -9.08
C THR A 45 -10.64 20.47 -8.70
N ARG A 46 -10.36 19.32 -8.09
CA ARG A 46 -11.44 18.38 -7.73
C ARG A 46 -11.11 17.52 -6.52
N GLY A 47 -12.14 17.27 -5.70
CA GLY A 47 -12.01 16.33 -4.59
C GLY A 47 -12.32 14.90 -5.00
N LEU A 48 -12.44 14.01 -4.02
CA LEU A 48 -12.74 12.62 -4.29
C LEU A 48 -14.14 12.45 -4.84
N LEU A 49 -15.11 13.13 -4.23
CA LEU A 49 -16.52 12.98 -4.62
C LEU A 49 -16.77 13.47 -6.04
N GLY A 50 -16.29 14.67 -6.33
CA GLY A 50 -16.31 15.16 -7.70
C GLY A 50 -15.60 14.24 -8.67
N CYS A 51 -14.47 13.66 -8.25
CA CYS A 51 -13.69 12.77 -9.11
C CYS A 51 -14.53 11.53 -9.47
N ILE A 52 -15.16 10.87 -8.49
CA ILE A 52 -15.94 9.66 -8.80
C ILE A 52 -17.15 9.97 -9.72
N ILE A 53 -17.90 11.01 -9.40
CA ILE A 53 -19.07 11.37 -10.19
C ILE A 53 -18.70 11.64 -11.66
N THR A 54 -17.64 12.43 -11.88
CA THR A 54 -17.16 12.71 -13.21
C THR A 54 -16.69 11.44 -13.95
N SER A 55 -16.08 10.51 -13.23
CA SER A 55 -15.60 9.28 -13.82
C SER A 55 -16.76 8.38 -14.25
N LEU A 56 -17.81 8.37 -13.45
CA LEU A 56 -18.97 7.52 -13.71
C LEU A 56 -19.89 8.14 -14.77
N THR A 57 -19.90 9.47 -14.91
CA THR A 57 -20.72 10.11 -15.96
C THR A 57 -19.93 10.34 -17.26
N GLY A 58 -18.62 10.47 -17.12
CA GLY A 58 -17.75 10.76 -18.24
C GLY A 58 -17.86 12.20 -18.65
N ARG A 59 -18.44 13.05 -17.80
CA ARG A 59 -18.78 14.44 -18.14
C ARG A 59 -18.01 15.47 -17.29
N ASP A 60 -17.32 16.41 -17.95
CA ASP A 60 -16.46 17.34 -17.25
C ASP A 60 -16.50 18.75 -17.82
N LYS A 61 -17.40 19.55 -17.27
CA LYS A 61 -17.63 20.88 -17.81
C LYS A 61 -16.58 21.88 -17.32
N ASN A 62 -15.84 21.55 -16.25
CA ASN A 62 -14.74 22.39 -15.79
C ASN A 62 -13.77 22.54 -16.94
N GLN A 63 -13.34 23.77 -17.23
CA GLN A 63 -12.45 24.02 -18.35
C GLN A 63 -11.03 23.52 -18.02
N VAL A 64 -10.18 23.45 -19.04
CA VAL A 64 -8.85 22.87 -18.90
C VAL A 64 -7.74 23.83 -19.33
N GLU A 65 -7.04 24.36 -18.32
CA GLU A 65 -5.85 25.14 -18.52
C GLU A 65 -4.66 24.23 -18.31
N GLY A 66 -3.48 24.73 -18.66
CA GLY A 66 -2.24 24.06 -18.34
C GLY A 66 -1.98 22.96 -19.34
N GLU A 67 -0.71 22.56 -19.43
CA GLU A 67 -0.29 21.49 -20.32
C GLU A 67 -0.17 20.15 -19.61
N VAL A 68 0.11 20.17 -18.30
CA VAL A 68 0.29 18.95 -17.53
C VAL A 68 -0.88 18.82 -16.60
N GLN A 69 -1.65 17.75 -16.80
CA GLN A 69 -2.85 17.52 -16.04
C GLN A 69 -2.53 16.45 -15.02
N VAL A 70 -3.16 16.56 -13.85
CA VAL A 70 -3.03 15.61 -12.80
C VAL A 70 -4.32 14.88 -13.05
N VAL A 71 -4.24 13.58 -13.20
CA VAL A 71 -5.40 12.78 -13.56
C VAL A 71 -5.53 11.63 -12.60
N SER A 72 -6.73 11.12 -12.47
CA SER A 72 -6.92 10.01 -11.58
C SER A 72 -7.90 9.02 -12.17
N THR A 73 -7.89 7.80 -11.65
CA THR A 73 -8.98 6.80 -11.78
C THR A 73 -9.55 6.52 -10.37
N ALA A 74 -10.53 5.62 -10.26
CA ALA A 74 -11.03 5.19 -8.95
C ALA A 74 -9.85 4.69 -8.13
N THR A 75 -9.09 3.77 -8.71
CA THR A 75 -8.03 3.08 -8.00
C THR A 75 -6.70 3.81 -7.89
N GLN A 76 -6.44 4.83 -8.72
CA GLN A 76 -5.10 5.46 -8.72
C GLN A 76 -5.05 6.85 -9.37
N SER A 77 -3.86 7.45 -9.40
CA SER A 77 -3.67 8.81 -9.90
C SER A 77 -2.25 9.03 -10.42
N PHE A 78 -2.15 9.89 -11.42
CA PHE A 78 -0.92 10.06 -12.16
C PHE A 78 -1.07 11.30 -13.01
N LEU A 79 -0.20 11.47 -14.01
CA LEU A 79 -0.12 12.71 -14.78
C LEU A 79 -0.39 12.52 -16.26
N ALA A 80 -0.73 13.60 -16.98
CA ALA A 80 -0.80 13.58 -18.43
C ALA A 80 -0.32 14.90 -18.92
N THR A 81 0.35 14.84 -20.05
CA THR A 81 1.04 15.95 -20.65
C THR A 81 0.55 16.08 -22.10
N CYS A 82 -0.23 17.12 -22.39
CA CYS A 82 -0.52 17.48 -23.78
C CYS A 82 0.73 17.94 -24.54
N VAL A 83 1.00 17.24 -25.65
CA VAL A 83 1.97 17.60 -26.67
C VAL A 83 1.27 17.44 -28.04
N ASN A 84 1.55 18.41 -28.92
CA ASN A 84 0.91 18.54 -30.24
C ASN A 84 -0.62 18.33 -30.33
N GLY A 85 -1.36 18.92 -29.42
CA GLY A 85 -2.81 18.69 -29.38
C GLY A 85 -3.29 17.32 -28.88
N VAL A 86 -2.38 16.46 -28.46
CA VAL A 86 -2.74 15.17 -27.85
C VAL A 86 -2.32 15.14 -26.36
N CYS A 87 -3.31 15.04 -25.49
CA CYS A 87 -3.06 14.74 -24.09
C CYS A 87 -2.58 13.26 -23.89
N TRP A 88 -1.29 13.07 -23.62
CA TRP A 88 -0.67 11.75 -23.54
C TRP A 88 -0.49 11.28 -22.12
N THR A 89 -0.70 9.99 -21.90
CA THR A 89 -0.31 9.38 -20.64
C THR A 89 0.20 7.94 -20.86
N VAL A 90 0.47 7.23 -19.76
CA VAL A 90 0.98 5.88 -19.83
C VAL A 90 -0.19 4.90 -19.88
N TYR A 91 0.00 3.78 -20.58
CA TYR A 91 -1.04 2.72 -20.63
C TYR A 91 -1.19 1.97 -19.33
N HIS A 92 -0.10 1.71 -18.64
CA HIS A 92 -0.18 1.08 -17.31
C HIS A 92 -0.99 1.90 -16.30
N GLY A 93 -1.17 3.19 -16.56
CA GLY A 93 -2.06 4.03 -15.73
C GLY A 93 -3.48 4.10 -16.27
N ALA A 94 -3.62 4.52 -17.52
CA ALA A 94 -4.95 4.82 -18.09
C ALA A 94 -5.63 3.61 -18.72
N GLY A 95 -4.88 2.55 -18.99
CA GLY A 95 -5.42 1.48 -19.85
C GLY A 95 -6.02 2.07 -21.11
N SER A 96 -7.18 1.55 -21.53
CA SER A 96 -7.88 2.02 -22.73
C SER A 96 -9.01 2.95 -22.39
N LYS A 97 -9.03 3.44 -21.15
CA LYS A 97 -10.17 4.18 -20.67
C LYS A 97 -10.36 5.49 -21.39
N THR A 98 -11.60 5.97 -21.41
CA THR A 98 -11.98 7.25 -21.98
C THR A 98 -11.66 8.38 -21.00
N LEU A 99 -11.47 9.59 -21.53
CA LEU A 99 -11.23 10.78 -20.71
C LEU A 99 -12.53 11.57 -20.54
N ALA A 100 -12.89 11.86 -19.28
CA ALA A 100 -14.05 12.69 -18.95
C ALA A 100 -13.87 14.06 -19.62
N GLY A 101 -14.90 14.48 -20.37
CA GLY A 101 -14.85 15.71 -21.20
C GLY A 101 -16.13 16.55 -21.09
N PRO A 102 -16.16 17.72 -21.77
CA PRO A 102 -17.26 18.68 -21.65
C PRO A 102 -18.59 18.14 -22.15
N LYS A 103 -18.59 17.51 -23.32
CA LYS A 103 -19.80 16.85 -23.82
C LYS A 103 -19.73 15.31 -23.69
N GLY A 104 -19.17 14.83 -22.58
CA GLY A 104 -19.10 13.39 -22.29
C GLY A 104 -17.75 12.78 -22.59
N PRO A 105 -17.62 11.47 -22.39
CA PRO A 105 -16.32 10.77 -22.46
C PRO A 105 -15.65 10.83 -23.81
N ILE A 106 -14.40 11.26 -23.85
CA ILE A 106 -13.59 11.27 -25.07
C ILE A 106 -12.90 9.91 -25.21
N THR A 107 -13.05 9.23 -26.34
CA THR A 107 -12.34 7.96 -26.55
C THR A 107 -10.90 8.25 -26.90
N GLN A 108 -10.02 7.28 -26.66
CA GLN A 108 -8.60 7.42 -26.96
C GLN A 108 -8.35 7.48 -28.46
N MET A 109 -7.41 8.29 -28.90
CA MET A 109 -7.14 8.41 -30.29
C MET A 109 -6.01 7.48 -30.68
N TYR A 110 -5.00 7.41 -29.82
CA TYR A 110 -3.90 6.45 -29.97
C TYR A 110 -3.82 5.57 -28.74
N THR A 111 -3.69 4.27 -28.95
CA THR A 111 -3.42 3.35 -27.88
C THR A 111 -2.21 2.48 -28.27
N ASN A 112 -1.01 2.99 -27.98
CA ASN A 112 0.24 2.32 -28.33
C ASN A 112 0.71 1.48 -27.15
N VAL A 113 0.10 0.30 -26.95
CA VAL A 113 0.40 -0.55 -25.80
C VAL A 113 1.88 -0.92 -25.76
N ASP A 114 2.51 -1.03 -26.92
CA ASP A 114 3.91 -1.47 -26.98
C ASP A 114 4.84 -0.45 -26.36
N GLN A 115 4.48 0.82 -26.43
CA GLN A 115 5.30 1.90 -25.96
C GLN A 115 4.81 2.46 -24.61
N ASP A 116 3.76 1.86 -24.05
CA ASP A 116 3.15 2.33 -22.79
C ASP A 116 2.67 3.75 -22.94
N LEU A 117 1.96 3.99 -24.04
CA LEU A 117 1.62 5.33 -24.48
C LEU A 117 0.18 5.37 -25.01
N VAL A 118 -0.66 6.19 -24.40
CA VAL A 118 -2.03 6.42 -24.86
C VAL A 118 -2.23 7.92 -24.99
N GLY A 119 -3.30 8.28 -25.70
CA GLY A 119 -3.53 9.66 -26.08
C GLY A 119 -4.95 9.97 -26.43
N TRP A 120 -5.48 11.05 -25.86
CA TRP A 120 -6.78 11.62 -26.21
C TRP A 120 -6.55 12.90 -26.98
N GLN A 121 -7.54 13.34 -27.77
CA GLN A 121 -7.48 14.65 -28.43
C GLN A 121 -7.64 15.70 -27.36
N ALA A 122 -6.75 16.70 -27.37
CA ALA A 122 -6.72 17.66 -26.29
C ALA A 122 -8.02 18.50 -26.30
N PRO A 123 -8.75 18.50 -25.17
CA PRO A 123 -10.03 19.23 -25.06
C PRO A 123 -9.91 20.76 -25.20
N PRO A 124 -11.06 21.47 -25.39
CA PRO A 124 -11.11 22.92 -25.69
C PRO A 124 -10.05 23.77 -24.97
N GLY A 125 -9.24 24.49 -25.76
CA GLY A 125 -8.20 25.37 -25.25
C GLY A 125 -7.17 24.78 -24.29
N ALA A 126 -6.98 23.45 -24.33
CA ALA A 126 -5.91 22.84 -23.55
C ALA A 126 -4.60 23.14 -24.28
N ARG A 127 -3.56 23.43 -23.53
CA ARG A 127 -2.33 23.97 -24.08
C ARG A 127 -1.34 22.84 -24.17
N SER A 128 -0.41 22.90 -25.11
CA SER A 128 0.48 21.79 -25.40
C SER A 128 1.97 22.19 -25.40
N LEU A 129 2.78 21.48 -24.65
CA LEU A 129 4.23 21.61 -24.84
C LEU A 129 4.64 21.34 -26.29
N THR A 130 5.89 21.65 -26.57
CA THR A 130 6.41 21.49 -27.92
C THR A 130 7.74 20.76 -27.82
N PRO A 131 8.08 20.02 -28.87
CA PRO A 131 9.07 18.96 -28.70
C PRO A 131 10.49 19.48 -28.66
N CYS A 132 11.41 18.68 -28.14
CA CYS A 132 12.80 19.12 -28.01
C CYS A 132 13.48 19.31 -29.38
N THR A 133 13.12 20.45 -30.00
CA THR A 133 13.72 20.96 -31.25
C THR A 133 15.25 20.85 -31.18
N CYS A 134 15.86 21.62 -30.27
CA CYS A 134 17.33 21.76 -30.18
C CYS A 134 18.10 20.47 -29.83
N GLY A 135 17.49 19.59 -29.03
CA GLY A 135 18.17 18.41 -28.54
C GLY A 135 19.33 18.76 -27.61
N SER A 136 19.03 18.88 -26.32
CA SER A 136 20.05 18.94 -25.27
C SER A 136 20.10 17.61 -24.50
N SER A 137 20.97 17.56 -23.48
CA SER A 137 21.16 16.37 -22.65
C SER A 137 21.07 16.66 -21.15
N ASP A 138 20.71 17.88 -20.78
CA ASP A 138 20.37 18.20 -19.39
C ASP A 138 18.87 18.28 -19.38
N LEU A 139 18.24 17.44 -18.57
CA LEU A 139 16.79 17.30 -18.59
C LEU A 139 16.20 17.58 -17.24
N TYR A 140 14.92 17.87 -17.22
CA TYR A 140 14.22 18.14 -15.96
C TYR A 140 12.86 17.44 -15.92
N LEU A 141 12.68 16.59 -14.90
CA LEU A 141 11.45 15.83 -14.76
C LEU A 141 10.51 16.58 -13.84
N VAL A 142 9.31 16.85 -14.29
CA VAL A 142 8.29 17.38 -13.41
C VAL A 142 7.47 16.22 -12.78
N THR A 143 7.23 16.30 -11.48
CA THR A 143 6.52 15.29 -10.73
C THR A 143 5.16 15.83 -10.31
N ARG A 144 4.29 14.96 -9.81
CA ARG A 144 2.97 15.39 -9.39
C ARG A 144 2.98 16.38 -8.22
N HIS A 145 4.09 16.45 -7.49
CA HIS A 145 4.18 17.38 -6.37
C HIS A 145 4.67 18.75 -6.86
N ALA A 146 4.95 18.85 -8.15
CA ALA A 146 5.45 20.07 -8.77
C ALA A 146 6.94 20.24 -8.51
N ASP A 147 7.62 19.21 -8.03
CA ASP A 147 9.08 19.28 -7.92
C ASP A 147 9.70 19.17 -9.31
N VAL A 148 10.98 19.48 -9.43
CA VAL A 148 11.62 19.67 -10.73
C VAL A 148 13.03 19.08 -10.68
N ILE A 149 13.10 17.77 -10.84
CA ILE A 149 14.32 16.99 -10.66
C ILE A 149 15.22 17.11 -11.88
N PRO A 150 16.51 17.37 -11.68
CA PRO A 150 17.42 17.36 -12.82
C PRO A 150 17.79 15.93 -13.22
N VAL A 151 17.89 15.71 -14.53
CA VAL A 151 18.16 14.40 -15.11
C VAL A 151 19.11 14.49 -16.28
N ARG A 152 20.02 13.52 -16.38
CA ARG A 152 21.02 13.45 -17.46
C ARG A 152 20.69 12.35 -18.48
N ARG A 153 20.41 12.75 -19.72
CA ARG A 153 20.07 11.83 -20.77
C ARG A 153 21.20 10.86 -21.09
N ARG A 154 21.00 9.58 -20.79
CA ARG A 154 21.98 8.54 -21.05
C ARG A 154 21.75 7.84 -22.39
N GLY A 155 20.50 7.80 -22.85
CA GLY A 155 20.17 7.18 -24.14
C GLY A 155 18.93 7.79 -24.75
N ASP A 156 18.38 7.11 -25.75
CA ASP A 156 17.17 7.56 -26.44
C ASP A 156 15.99 7.68 -25.50
N SER A 157 15.92 6.79 -24.53
CA SER A 157 14.75 6.69 -23.65
C SER A 157 15.11 6.56 -22.17
N ARG A 158 16.37 6.82 -21.83
CA ARG A 158 16.88 6.67 -20.46
C ARG A 158 17.58 7.92 -19.96
N GLY A 159 17.57 8.09 -18.64
CA GLY A 159 18.23 9.22 -18.01
C GLY A 159 18.54 8.94 -16.56
N SER A 160 19.73 9.38 -16.11
CA SER A 160 20.13 9.19 -14.70
C SER A 160 19.81 10.42 -13.81
N LEU A 161 19.35 10.13 -12.61
CA LEU A 161 19.15 11.15 -11.61
C LEU A 161 20.49 11.65 -11.13
N LEU A 162 20.69 12.98 -11.15
CA LEU A 162 21.93 13.59 -10.67
C LEU A 162 22.10 13.39 -9.14
N SER A 163 20.99 13.39 -8.43
CA SER A 163 20.93 12.91 -7.04
C SER A 163 19.94 11.74 -6.93
N PRO A 164 20.45 10.51 -6.82
CA PRO A 164 19.54 9.38 -6.62
C PRO A 164 18.51 9.58 -5.50
N ARG A 165 17.44 8.78 -5.53
CA ARG A 165 16.26 9.01 -4.73
C ARG A 165 15.51 7.71 -4.45
N PRO A 166 14.79 7.66 -3.33
CA PRO A 166 13.90 6.53 -3.08
C PRO A 166 12.79 6.49 -4.12
N VAL A 167 12.59 5.33 -4.73
CA VAL A 167 11.60 5.13 -5.78
C VAL A 167 10.18 5.63 -5.42
N SER A 168 9.83 5.69 -4.14
CA SER A 168 8.51 6.17 -3.72
C SER A 168 8.26 7.66 -4.01
N TYR A 169 9.34 8.44 -4.04
CA TYR A 169 9.29 9.87 -4.37
C TYR A 169 8.59 10.10 -5.73
N LEU A 170 8.77 9.14 -6.64
CA LEU A 170 8.35 9.27 -8.02
C LEU A 170 6.98 8.66 -8.31
N LYS A 171 6.39 7.98 -7.33
CA LYS A 171 5.11 7.34 -7.55
C LYS A 171 4.02 8.37 -7.87
N GLY A 172 3.23 8.11 -8.90
CA GLY A 172 2.13 8.99 -9.25
C GLY A 172 2.52 10.06 -10.22
N SER A 173 3.78 10.06 -10.62
CA SER A 173 4.27 11.01 -11.62
C SER A 173 4.44 10.43 -13.03
N SER A 174 3.98 9.22 -13.29
CA SER A 174 4.18 8.67 -14.62
C SER A 174 3.18 9.41 -15.46
N GLY A 175 3.60 9.76 -16.66
CA GLY A 175 2.81 10.61 -17.51
C GLY A 175 3.40 12.01 -17.54
N GLY A 176 4.29 12.28 -16.58
CA GLY A 176 4.82 13.61 -16.37
C GLY A 176 5.89 13.88 -17.39
N PRO A 177 6.15 15.16 -17.66
CA PRO A 177 7.08 15.51 -18.72
C PRO A 177 8.50 15.57 -18.27
N LEU A 178 9.39 15.33 -19.23
CA LEU A 178 10.79 15.56 -19.09
C LEU A 178 11.13 16.70 -20.04
N LEU A 179 11.62 17.80 -19.48
CA LEU A 179 11.87 19.04 -20.20
C LEU A 179 13.36 19.27 -20.41
N CYS A 180 13.70 19.91 -21.53
CA CYS A 180 15.06 20.43 -21.73
C CYS A 180 15.04 21.88 -21.22
N PRO A 181 16.22 22.51 -21.02
CA PRO A 181 16.23 23.83 -20.37
C PRO A 181 15.29 24.85 -21.06
N SER A 182 15.19 24.78 -22.38
CA SER A 182 14.30 25.65 -23.15
C SER A 182 12.78 25.42 -22.98
N GLY A 183 12.37 24.53 -22.07
CA GLY A 183 10.95 24.29 -21.79
C GLY A 183 10.24 23.28 -22.68
N HIS A 184 10.97 22.70 -23.63
CA HIS A 184 10.42 21.76 -24.60
C HIS A 184 10.42 20.32 -24.08
N ALA A 185 9.33 19.60 -24.41
CA ALA A 185 9.12 18.22 -23.95
C ALA A 185 10.03 17.19 -24.63
N VAL A 186 10.93 16.60 -23.88
CA VAL A 186 11.78 15.51 -24.37
C VAL A 186 10.98 14.18 -24.48
N GLY A 187 10.08 13.96 -23.53
CA GLY A 187 9.37 12.69 -23.40
C GLY A 187 8.43 12.72 -22.21
N ILE A 188 7.79 11.58 -21.91
CA ILE A 188 7.00 11.43 -20.70
C ILE A 188 7.51 10.30 -19.79
N PHE A 189 7.56 10.62 -18.50
CA PHE A 189 8.05 9.67 -17.53
C PHE A 189 7.15 8.45 -17.53
N ARG A 190 7.74 7.26 -17.58
CA ARG A 190 6.95 6.03 -17.44
C ARG A 190 7.45 5.01 -16.45
N ALA A 191 8.72 5.07 -16.03
CA ALA A 191 9.22 4.10 -15.06
C ALA A 191 10.55 4.49 -14.40
N ALA A 192 10.68 4.15 -13.12
CA ALA A 192 11.97 4.21 -12.42
C ALA A 192 12.80 2.96 -12.72
N VAL A 193 14.09 3.16 -12.92
CA VAL A 193 15.08 2.09 -12.91
C VAL A 193 15.76 2.05 -11.54
N CYS A 194 15.49 0.99 -10.77
CA CYS A 194 15.96 0.87 -9.40
C CYS A 194 17.20 -0.02 -9.27
N THR A 195 17.98 0.27 -8.23
CA THR A 195 18.98 -0.61 -7.68
C THR A 195 18.71 -0.69 -6.19
N ARG A 196 18.25 -1.84 -5.74
CA ARG A 196 18.07 -2.11 -4.32
C ARG A 196 17.25 -1.03 -3.63
N GLY A 197 16.15 -0.63 -4.25
CA GLY A 197 15.19 0.31 -3.64
C GLY A 197 15.36 1.78 -4.00
N VAL A 198 16.50 2.13 -4.54
CA VAL A 198 16.83 3.52 -4.85
C VAL A 198 16.77 3.71 -6.37
N ALA A 199 16.20 4.83 -6.82
CA ALA A 199 16.10 5.13 -8.24
C ALA A 199 17.35 5.84 -8.72
N LYS A 200 18.15 5.18 -9.55
CA LYS A 200 19.35 5.80 -10.11
C LYS A 200 19.01 6.46 -11.44
N ALA A 201 17.92 6.01 -12.05
CA ALA A 201 17.54 6.45 -13.40
C ALA A 201 16.02 6.47 -13.67
N VAL A 202 15.64 6.97 -14.85
CA VAL A 202 14.24 7.07 -15.24
C VAL A 202 14.13 6.66 -16.70
N ASP A 203 13.06 5.94 -17.00
CA ASP A 203 12.75 5.56 -18.36
C ASP A 203 11.60 6.46 -18.78
N PHE A 204 11.64 6.97 -20.00
CA PHE A 204 10.56 7.78 -20.53
C PHE A 204 10.23 7.38 -21.95
N VAL A 205 9.04 7.78 -22.40
CA VAL A 205 8.64 7.58 -23.78
C VAL A 205 9.13 8.78 -24.56
N PRO A 206 10.08 8.57 -25.48
CA PRO A 206 10.52 9.66 -26.32
C PRO A 206 9.41 10.38 -27.07
N VAL A 207 9.65 11.67 -27.26
CA VAL A 207 8.69 12.51 -27.94
C VAL A 207 8.54 12.03 -29.39
N GLU A 208 9.63 11.54 -29.99
CA GLU A 208 9.57 10.97 -31.35
C GLU A 208 8.85 9.62 -31.44
N SER A 209 8.73 8.86 -30.33
CA SER A 209 7.72 7.77 -30.28
C SER A 209 6.29 8.30 -30.34
N MET A 210 6.05 9.52 -29.84
CA MET A 210 4.74 10.14 -29.94
C MET A 210 4.48 10.65 -31.37
N GLU A 211 5.51 10.71 -32.21
CA GLU A 211 5.36 11.16 -33.59
C GLU A 211 5.31 9.96 -34.57
N THR A 212 6.13 8.94 -34.33
CA THR A 212 5.93 7.62 -34.95
C THR A 212 4.46 7.18 -34.75
N THR A 213 3.92 7.40 -33.55
CA THR A 213 2.54 7.07 -33.22
C THR A 213 1.50 7.89 -34.00
N MET A 214 1.66 9.21 -34.04
CA MET A 214 0.73 10.05 -34.79
C MET A 214 0.90 9.86 -36.31
N ARG A 215 2.09 9.50 -36.76
CA ARG A 215 2.34 9.28 -38.19
C ARG A 215 2.11 7.80 -38.56
N SER A 216 0.83 7.46 -38.68
CA SER A 216 0.38 6.08 -38.90
C SER A 216 -1.14 6.18 -39.04
N PRO A 217 -1.78 5.13 -39.61
CA PRO A 217 -3.24 5.04 -39.44
C PRO A 217 -3.69 5.00 -37.94
N VAL A 218 -4.72 5.79 -37.58
CA VAL A 218 -5.40 5.74 -36.26
C VAL A 218 -6.23 4.43 -36.11
N PHE A 219 -6.67 3.90 -37.25
CA PHE A 219 -7.38 2.62 -37.34
C PHE A 219 -6.53 1.68 -38.22
N THR A 220 -6.17 0.51 -37.69
CA THR A 220 -5.46 -0.55 -38.45
C THR A 220 -6.32 -1.80 -38.46
N ASP A 221 -6.33 -2.51 -39.60
CA ASP A 221 -7.18 -3.69 -39.69
C ASP A 221 -6.45 -4.98 -39.52
N ASN A 222 -7.08 -5.89 -38.78
CA ASN A 222 -6.56 -7.21 -38.52
C ASN A 222 -7.67 -8.27 -38.50
N SER A 223 -8.84 -7.91 -39.03
CA SER A 223 -10.07 -8.74 -38.94
C SER A 223 -10.05 -9.95 -39.86
N SER A 224 -9.21 -9.88 -40.89
CA SER A 224 -9.11 -10.93 -41.92
C SER A 224 -7.77 -11.64 -41.87
N PRO A 225 -7.78 -12.96 -42.12
CA PRO A 225 -6.49 -13.64 -42.20
C PRO A 225 -5.66 -12.99 -43.28
N PRO A 226 -4.37 -12.83 -43.03
CA PRO A 226 -3.53 -12.17 -44.02
C PRO A 226 -3.36 -13.03 -45.26
N ALA A 227 -2.93 -12.43 -46.36
CA ALA A 227 -2.50 -13.22 -47.51
C ALA A 227 -1.09 -13.69 -47.17
N VAL A 228 -0.72 -14.83 -47.71
CA VAL A 228 0.62 -15.38 -47.50
C VAL A 228 1.63 -14.52 -48.25
N PRO A 229 2.56 -13.89 -47.52
CA PRO A 229 3.53 -13.07 -48.20
C PRO A 229 4.58 -13.93 -48.87
N GLN A 230 5.27 -13.31 -49.82
CA GLN A 230 6.34 -13.97 -50.54
C GLN A 230 7.51 -14.21 -49.61
N SER A 231 7.68 -13.33 -48.60
CA SER A 231 8.71 -13.49 -47.58
C SER A 231 8.18 -13.26 -46.16
N PHE A 232 8.95 -13.76 -45.21
CA PHE A 232 8.58 -13.82 -43.80
C PHE A 232 7.96 -12.55 -43.23
N GLN A 233 6.81 -12.73 -42.60
CA GLN A 233 6.05 -11.64 -42.03
C GLN A 233 5.28 -12.21 -40.81
N VAL A 234 5.09 -11.39 -39.78
CA VAL A 234 4.34 -11.77 -38.60
C VAL A 234 3.09 -10.93 -38.64
N ALA A 235 1.93 -11.55 -38.68
CA ALA A 235 0.69 -10.81 -38.81
C ALA A 235 -0.19 -11.09 -37.61
N HIS A 236 -1.18 -10.25 -37.38
CA HIS A 236 -2.15 -10.46 -36.30
C HIS A 236 -3.50 -10.75 -36.89
N LEU A 237 -4.23 -11.66 -36.27
CA LEU A 237 -5.59 -11.96 -36.65
C LEU A 237 -6.40 -11.70 -35.41
N HIS A 238 -7.08 -10.55 -35.40
CA HIS A 238 -7.94 -10.16 -34.30
C HIS A 238 -9.34 -10.44 -34.77
N ALA A 239 -9.93 -11.50 -34.26
CA ALA A 239 -11.20 -12.00 -34.78
C ALA A 239 -11.89 -12.89 -33.74
N PRO A 240 -13.24 -12.89 -33.68
CA PRO A 240 -14.01 -13.63 -32.65
C PRO A 240 -13.79 -15.15 -32.66
N THR A 241 -13.88 -15.79 -31.48
CA THR A 241 -13.77 -17.27 -31.39
C THR A 241 -15.09 -17.84 -31.85
N GLY A 242 -15.17 -18.06 -33.15
CA GLY A 242 -16.44 -18.16 -33.82
C GLY A 242 -16.23 -17.91 -35.29
N SER A 243 -15.36 -16.96 -35.62
CA SER A 243 -14.89 -16.80 -37.00
C SER A 243 -14.15 -18.05 -37.50
N GLY A 244 -13.86 -19.00 -36.61
CA GLY A 244 -13.14 -20.20 -36.97
C GLY A 244 -11.67 -19.88 -37.11
N LYS A 245 -11.08 -19.35 -36.05
CA LYS A 245 -9.67 -18.94 -36.11
C LYS A 245 -8.78 -20.19 -36.31
N SER A 246 -9.21 -21.31 -35.75
CA SER A 246 -8.39 -22.52 -35.69
C SER A 246 -8.91 -23.68 -36.55
N THR A 247 -9.96 -23.45 -37.31
CA THR A 247 -10.52 -24.49 -38.17
C THR A 247 -10.56 -23.93 -39.60
N LYS A 248 -11.50 -23.02 -39.85
CA LYS A 248 -11.66 -22.42 -41.15
C LYS A 248 -10.34 -21.80 -41.67
N VAL A 249 -9.65 -20.97 -40.91
CA VAL A 249 -8.54 -20.26 -41.57
C VAL A 249 -7.38 -21.17 -41.97
N PRO A 250 -7.03 -22.17 -41.11
CA PRO A 250 -6.01 -23.15 -41.52
C PRO A 250 -6.47 -24.07 -42.66
N ALA A 251 -7.72 -24.51 -42.66
CA ALA A 251 -8.27 -25.26 -43.81
C ALA A 251 -8.08 -24.47 -45.11
N ALA A 252 -8.48 -23.20 -45.07
CA ALA A 252 -8.36 -22.31 -46.24
C ALA A 252 -6.93 -22.21 -46.77
N TYR A 253 -5.97 -22.06 -45.87
CA TYR A 253 -4.55 -21.99 -46.29
C TYR A 253 -4.08 -23.33 -46.89
N ALA A 254 -4.51 -24.42 -46.28
CA ALA A 254 -4.19 -25.76 -46.74
C ALA A 254 -4.82 -25.98 -48.12
N ALA A 255 -6.06 -25.54 -48.28
CA ALA A 255 -6.74 -25.59 -49.59
C ALA A 255 -5.96 -24.96 -50.72
N GLN A 256 -5.08 -24.01 -50.39
CA GLN A 256 -4.23 -23.36 -51.38
C GLN A 256 -2.81 -23.93 -51.40
N GLY A 257 -2.59 -25.08 -50.75
CA GLY A 257 -1.33 -25.82 -50.91
C GLY A 257 -0.20 -25.52 -49.94
N TYR A 258 -0.53 -24.86 -48.83
CA TYR A 258 0.46 -24.49 -47.81
C TYR A 258 0.47 -25.47 -46.62
N LYS A 259 1.65 -25.69 -46.02
CA LYS A 259 1.80 -26.47 -44.77
C LYS A 259 1.63 -25.52 -43.57
N VAL A 260 0.76 -25.91 -42.67
CA VAL A 260 0.26 -25.08 -41.64
C VAL A 260 0.29 -25.82 -40.33
N LEU A 261 0.85 -25.13 -39.33
CA LEU A 261 0.87 -25.64 -37.97
C LEU A 261 0.03 -24.70 -37.14
N VAL A 262 -0.89 -25.25 -36.36
CA VAL A 262 -1.73 -24.47 -35.48
C VAL A 262 -1.42 -24.81 -34.02
N LEU A 263 -0.86 -23.83 -33.30
CA LEU A 263 -0.56 -23.96 -31.87
C LEU A 263 -1.62 -23.33 -30.96
N ASN A 264 -1.81 -23.96 -29.82
CA ASN A 264 -2.88 -23.60 -28.94
C ASN A 264 -2.56 -24.04 -27.52
N PRO A 265 -2.92 -23.23 -26.50
CA PRO A 265 -2.56 -23.59 -25.14
C PRO A 265 -3.24 -24.84 -24.58
N SER A 266 -4.41 -25.20 -25.09
CA SER A 266 -5.25 -26.25 -24.46
C SER A 266 -5.11 -27.58 -25.18
N VAL A 267 -4.90 -28.64 -24.42
CA VAL A 267 -4.94 -29.96 -25.03
C VAL A 267 -6.36 -30.30 -25.51
N ALA A 268 -7.39 -29.94 -24.72
CA ALA A 268 -8.79 -30.18 -25.14
C ALA A 268 -9.12 -29.43 -26.43
N ALA A 269 -8.79 -28.15 -26.48
CA ALA A 269 -9.09 -27.41 -27.69
C ALA A 269 -8.33 -27.96 -28.90
N THR A 270 -7.08 -28.40 -28.71
CA THR A 270 -6.28 -28.89 -29.86
C THR A 270 -6.90 -30.15 -30.49
N LEU A 271 -7.29 -31.10 -29.65
CA LEU A 271 -7.91 -32.33 -30.10
C LEU A 271 -9.28 -32.09 -30.76
N GLY A 272 -10.02 -31.11 -30.22
CA GLY A 272 -11.32 -30.75 -30.74
C GLY A 272 -11.23 -30.21 -32.15
N PHE A 273 -10.30 -29.29 -32.38
CA PHE A 273 -10.08 -28.73 -33.71
C PHE A 273 -9.74 -29.79 -34.73
N GLY A 274 -8.84 -30.71 -34.39
CA GLY A 274 -8.47 -31.81 -35.27
C GLY A 274 -9.61 -32.73 -35.60
N ALA A 275 -10.44 -33.04 -34.62
CA ALA A 275 -11.56 -33.94 -34.81
C ALA A 275 -12.59 -33.25 -35.69
N TYR A 276 -12.72 -31.95 -35.51
CA TYR A 276 -13.63 -31.13 -36.29
C TYR A 276 -13.16 -31.07 -37.73
N MET A 277 -11.85 -30.95 -37.92
CA MET A 277 -11.30 -30.83 -39.23
C MET A 277 -11.53 -32.10 -40.02
N SER A 278 -11.38 -33.26 -39.39
CA SER A 278 -11.60 -34.52 -40.11
C SER A 278 -13.07 -34.68 -40.50
N LYS A 279 -13.98 -34.37 -39.60
CA LYS A 279 -15.41 -34.57 -39.89
C LYS A 279 -15.94 -33.43 -40.77
N ALA A 280 -15.69 -32.19 -40.39
CA ALA A 280 -16.09 -31.04 -41.22
C ALA A 280 -15.10 -30.82 -42.39
N HIS A 281 -14.19 -29.86 -42.30
CA HIS A 281 -13.45 -29.42 -43.50
C HIS A 281 -12.63 -30.47 -44.27
N GLY A 282 -12.90 -31.76 -44.08
CA GLY A 282 -12.43 -32.80 -45.02
C GLY A 282 -11.36 -33.80 -44.56
N ILE A 283 -10.21 -33.29 -44.10
CA ILE A 283 -8.94 -34.05 -43.98
C ILE A 283 -8.55 -34.46 -42.55
N ASP A 284 -7.63 -35.42 -42.45
CA ASP A 284 -7.20 -36.02 -41.18
C ASP A 284 -5.83 -35.48 -40.75
N PRO A 285 -5.84 -34.40 -39.94
CA PRO A 285 -4.59 -33.70 -39.63
C PRO A 285 -3.69 -34.46 -38.65
N ASN A 286 -2.44 -34.02 -38.56
CA ASN A 286 -1.50 -34.50 -37.55
C ASN A 286 -1.88 -33.85 -36.21
N ILE A 287 -1.88 -34.63 -35.15
CA ILE A 287 -2.14 -34.14 -33.79
C ILE A 287 -0.91 -34.36 -32.96
N ARG A 288 -0.59 -33.39 -32.11
CA ARG A 288 0.59 -33.49 -31.30
C ARG A 288 0.29 -32.95 -29.90
N THR A 289 0.06 -33.89 -28.98
CA THR A 289 -0.13 -33.60 -27.57
C THR A 289 0.55 -34.67 -26.75
N GLY A 290 0.83 -34.36 -25.48
CA GLY A 290 1.33 -35.36 -24.56
C GLY A 290 0.49 -36.64 -24.54
N VAL A 291 -0.81 -36.48 -24.46
CA VAL A 291 -1.73 -37.62 -24.31
C VAL A 291 -2.04 -38.33 -25.65
N ARG A 292 -1.84 -37.65 -26.78
CA ARG A 292 -2.17 -38.23 -28.08
C ARG A 292 -1.36 -37.64 -29.24
N THR A 293 -0.73 -38.51 -30.01
CA THR A 293 0.03 -38.10 -31.16
C THR A 293 -0.21 -39.02 -32.34
N ILE A 294 -0.43 -38.41 -33.50
CA ILE A 294 -0.72 -39.09 -34.77
C ILE A 294 0.07 -38.40 -35.88
N THR A 295 0.85 -39.15 -36.65
CA THR A 295 1.42 -38.61 -37.89
C THR A 295 0.69 -39.21 -39.11
N THR A 296 -0.31 -38.48 -39.60
CA THR A 296 -1.03 -38.85 -40.82
C THR A 296 -0.33 -38.44 -42.13
N GLY A 297 0.63 -37.54 -42.06
CA GLY A 297 1.31 -37.03 -43.26
C GLY A 297 0.58 -35.91 -44.00
N ALA A 298 -0.61 -35.54 -43.51
CA ALA A 298 -1.36 -34.38 -43.98
C ALA A 298 -0.55 -33.09 -43.83
N PRO A 299 -1.03 -31.98 -44.43
CA PRO A 299 -0.33 -30.71 -44.37
C PRO A 299 -0.84 -29.77 -43.24
N VAL A 300 -1.94 -30.10 -42.56
CA VAL A 300 -2.25 -29.41 -41.29
C VAL A 300 -1.84 -30.26 -40.08
N THR A 301 -1.14 -29.62 -39.16
CA THR A 301 -0.73 -30.20 -37.88
C THR A 301 -1.33 -29.32 -36.80
N TYR A 302 -2.06 -29.91 -35.87
CA TYR A 302 -2.47 -29.20 -34.68
C TYR A 302 -1.55 -29.64 -33.55
N SER A 303 -1.04 -28.68 -32.76
CA SER A 303 -0.18 -28.97 -31.59
C SER A 303 -0.46 -28.07 -30.41
N THR A 304 -0.01 -28.46 -29.23
CA THR A 304 -0.03 -27.54 -28.08
C THR A 304 1.31 -26.85 -28.03
N TYR A 305 1.37 -25.76 -27.27
CA TYR A 305 2.62 -25.03 -27.12
C TYR A 305 3.62 -25.91 -26.36
N GLY A 306 3.11 -26.69 -25.43
CA GLY A 306 3.95 -27.58 -24.62
C GLY A 306 4.55 -28.71 -25.42
N LYS A 307 3.74 -29.34 -26.28
CA LYS A 307 4.28 -30.42 -27.12
C LYS A 307 5.24 -29.82 -28.12
N PHE A 308 4.87 -28.69 -28.67
CA PHE A 308 5.77 -28.01 -29.59
C PHE A 308 7.15 -27.74 -28.97
N LEU A 309 7.17 -27.24 -27.72
CA LEU A 309 8.44 -27.00 -27.00
C LEU A 309 9.16 -28.27 -26.58
N ALA A 310 8.40 -29.27 -26.13
CA ALA A 310 8.96 -30.60 -25.77
C ALA A 310 9.67 -31.18 -26.95
N ASP A 311 9.12 -30.97 -28.14
CA ASP A 311 9.72 -31.45 -29.38
C ASP A 311 10.94 -30.62 -29.84
N GLY A 312 11.34 -29.62 -29.07
CA GLY A 312 12.43 -28.71 -29.47
C GLY A 312 12.06 -27.65 -30.50
N GLY A 313 10.78 -27.33 -30.59
CA GLY A 313 10.34 -26.21 -31.40
C GLY A 313 10.29 -26.51 -32.89
N CYS A 314 10.78 -25.57 -33.71
CA CYS A 314 10.68 -25.65 -35.16
C CYS A 314 11.79 -26.52 -35.71
N SER A 315 11.41 -27.58 -36.44
CA SER A 315 12.37 -28.36 -37.22
C SER A 315 12.21 -27.92 -38.69
N GLY A 316 13.33 -27.49 -39.29
CA GLY A 316 13.34 -26.80 -40.59
C GLY A 316 12.61 -27.47 -41.74
N GLY A 317 11.97 -26.65 -42.58
CA GLY A 317 11.23 -27.11 -43.76
C GLY A 317 9.78 -27.51 -43.53
N ALA A 318 9.43 -27.88 -42.29
CA ALA A 318 8.13 -28.50 -42.03
C ALA A 318 6.94 -27.62 -42.43
N TYR A 319 6.95 -26.34 -42.06
CA TYR A 319 5.75 -25.52 -42.21
C TYR A 319 5.96 -24.17 -42.91
N ASP A 320 4.98 -23.78 -43.73
CA ASP A 320 4.94 -22.46 -44.36
C ASP A 320 4.27 -21.41 -43.49
N ILE A 321 3.28 -21.82 -42.71
CA ILE A 321 2.48 -20.92 -41.90
C ILE A 321 2.38 -21.53 -40.52
N ILE A 322 2.51 -20.70 -39.51
CA ILE A 322 2.38 -21.14 -38.11
C ILE A 322 1.38 -20.21 -37.45
N ILE A 323 0.19 -20.74 -37.14
CA ILE A 323 -0.81 -19.96 -36.44
C ILE A 323 -0.65 -20.13 -34.93
N CYS A 324 -0.31 -19.04 -34.24
CA CYS A 324 -0.25 -19.03 -32.77
C CYS A 324 -1.58 -18.60 -32.23
N ASP A 325 -2.45 -19.56 -31.98
CA ASP A 325 -3.77 -19.25 -31.46
C ASP A 325 -3.77 -18.90 -29.96
N GLU A 326 -4.78 -18.18 -29.53
CA GLU A 326 -4.92 -17.69 -28.15
C GLU A 326 -3.65 -17.00 -27.70
N CYS A 327 -3.15 -16.15 -28.58
CA CYS A 327 -1.89 -15.49 -28.40
C CYS A 327 -1.93 -14.42 -27.27
N HIS A 328 -3.12 -14.15 -26.75
CA HIS A 328 -3.32 -13.24 -25.59
C HIS A 328 -2.96 -13.87 -24.24
N SER A 329 -2.85 -15.19 -24.19
CA SER A 329 -2.55 -15.94 -22.97
C SER A 329 -1.17 -15.69 -22.40
N THR A 330 -1.11 -15.51 -21.09
CA THR A 330 0.15 -15.14 -20.49
C THR A 330 0.61 -16.21 -19.51
N ASP A 331 0.17 -17.44 -19.71
CA ASP A 331 0.80 -18.58 -19.05
C ASP A 331 2.18 -18.81 -19.68
N SER A 332 3.01 -19.57 -18.98
CA SER A 332 4.40 -19.48 -19.28
C SER A 332 4.68 -20.26 -20.54
N THR A 333 4.08 -21.44 -20.66
CA THR A 333 4.23 -22.25 -21.85
C THR A 333 3.89 -21.51 -23.13
N THR A 334 2.76 -20.80 -23.13
CA THR A 334 2.30 -20.08 -24.31
C THR A 334 3.33 -19.05 -24.71
N ILE A 335 3.80 -18.27 -23.74
CA ILE A 335 4.80 -17.20 -24.00
C ILE A 335 6.09 -17.81 -24.48
N LEU A 336 6.52 -18.87 -23.81
CA LEU A 336 7.76 -19.54 -24.15
C LEU A 336 7.62 -20.16 -25.55
N GLY A 337 6.43 -20.68 -25.82
CA GLY A 337 6.08 -21.16 -27.15
C GLY A 337 6.14 -20.12 -28.27
N ILE A 338 5.42 -19.01 -28.10
CA ILE A 338 5.35 -18.00 -29.12
C ILE A 338 6.74 -17.40 -29.34
N GLY A 339 7.45 -17.19 -28.25
CA GLY A 339 8.85 -16.77 -28.32
C GLY A 339 9.76 -17.66 -29.16
N THR A 340 9.57 -18.96 -29.07
CA THR A 340 10.33 -19.90 -29.88
C THR A 340 10.00 -19.76 -31.38
N VAL A 341 8.72 -19.85 -31.73
CA VAL A 341 8.26 -19.61 -33.12
C VAL A 341 8.83 -18.31 -33.65
N LEU A 342 8.78 -17.24 -32.88
CA LEU A 342 9.31 -15.95 -33.31
C LEU A 342 10.83 -15.92 -33.46
N ASP A 343 11.57 -16.64 -32.62
CA ASP A 343 13.00 -16.74 -32.85
C ASP A 343 13.36 -17.63 -34.05
N GLN A 344 12.57 -18.66 -34.31
CA GLN A 344 13.06 -19.76 -35.11
C GLN A 344 12.41 -19.89 -36.47
N ALA A 345 11.30 -19.20 -36.70
CA ALA A 345 10.44 -19.56 -37.82
C ALA A 345 11.00 -19.11 -39.20
N GLU A 346 11.60 -17.92 -39.27
CA GLU A 346 12.21 -17.45 -40.52
C GLU A 346 13.34 -18.39 -40.94
N THR A 347 14.18 -18.76 -39.98
CA THR A 347 15.29 -19.67 -40.25
C THR A 347 14.84 -21.10 -40.54
N ALA A 348 13.66 -21.48 -40.09
CA ALA A 348 13.12 -22.81 -40.39
C ALA A 348 12.30 -22.78 -41.69
N GLY A 349 12.19 -21.62 -42.33
CA GLY A 349 11.58 -21.50 -43.66
C GLY A 349 10.11 -21.14 -43.76
N ALA A 350 9.48 -20.80 -42.64
CA ALA A 350 8.09 -20.35 -42.65
C ALA A 350 8.00 -19.01 -43.39
N ARG A 351 6.88 -18.75 -44.04
CA ARG A 351 6.64 -17.46 -44.67
C ARG A 351 5.79 -16.58 -43.76
N LEU A 352 5.00 -17.21 -42.91
CA LEU A 352 3.99 -16.47 -42.16
C LEU A 352 3.81 -17.03 -40.74
N VAL A 353 3.84 -16.12 -39.78
CA VAL A 353 3.44 -16.41 -38.43
C VAL A 353 2.25 -15.56 -38.16
N VAL A 354 1.13 -16.19 -37.80
CA VAL A 354 -0.09 -15.47 -37.47
C VAL A 354 -0.31 -15.51 -35.98
N LEU A 355 -0.51 -14.34 -35.37
CA LEU A 355 -0.80 -14.31 -33.96
C LEU A 355 -2.30 -14.04 -33.80
N ALA A 356 -3.04 -15.08 -33.46
CA ALA A 356 -4.51 -15.04 -33.41
C ALA A 356 -5.02 -14.89 -31.97
N THR A 357 -6.08 -14.08 -31.82
CA THR A 357 -6.78 -13.92 -30.56
C THR A 357 -8.05 -13.12 -30.81
N ALA A 358 -9.09 -13.39 -30.04
CA ALA A 358 -10.28 -12.54 -30.05
C ALA A 358 -10.06 -11.29 -29.19
N THR A 359 -9.09 -11.33 -28.28
CA THR A 359 -8.92 -10.28 -27.27
C THR A 359 -7.48 -9.73 -27.16
N PRO A 360 -7.05 -8.93 -28.15
CA PRO A 360 -5.66 -8.46 -28.16
C PRO A 360 -5.37 -7.34 -27.14
N PRO A 361 -4.09 -7.00 -26.94
CA PRO A 361 -3.77 -6.00 -25.93
C PRO A 361 -4.44 -4.65 -26.19
N GLY A 362 -5.09 -4.13 -25.15
CA GLY A 362 -5.80 -2.87 -25.25
C GLY A 362 -7.25 -3.02 -25.58
N SER A 363 -7.72 -4.26 -25.72
CA SER A 363 -9.09 -4.48 -26.15
C SER A 363 -9.99 -4.26 -24.96
N VAL A 364 -11.25 -3.94 -25.25
CA VAL A 364 -12.29 -3.66 -24.25
C VAL A 364 -13.41 -4.69 -24.41
N THR A 365 -14.17 -4.96 -23.35
CA THR A 365 -15.33 -5.82 -23.51
C THR A 365 -16.46 -4.96 -24.04
N VAL A 366 -16.83 -5.22 -25.30
CA VAL A 366 -17.95 -4.57 -25.96
C VAL A 366 -19.18 -5.44 -25.76
N PRO A 367 -20.37 -4.89 -26.03
CA PRO A 367 -21.56 -5.76 -25.85
C PRO A 367 -21.69 -6.85 -26.95
N HIS A 368 -22.34 -7.97 -26.58
CA HIS A 368 -22.55 -9.11 -27.48
C HIS A 368 -24.05 -9.28 -27.80
N PRO A 369 -24.44 -9.36 -29.09
CA PRO A 369 -25.88 -9.46 -29.42
C PRO A 369 -26.61 -10.74 -28.95
N ASN A 370 -25.89 -11.85 -28.77
CA ASN A 370 -26.49 -13.07 -28.22
C ASN A 370 -26.65 -13.06 -26.70
N ILE A 371 -26.02 -12.10 -26.03
CA ILE A 371 -25.79 -12.20 -24.58
C ILE A 371 -26.42 -11.05 -23.80
N GLU A 372 -27.33 -11.38 -22.88
CA GLU A 372 -27.93 -10.39 -22.00
C GLU A 372 -27.10 -10.32 -20.72
N GLU A 373 -26.63 -9.11 -20.40
CA GLU A 373 -25.78 -8.88 -19.24
C GLU A 373 -26.56 -8.29 -18.05
N VAL A 374 -26.69 -9.08 -16.97
CA VAL A 374 -27.51 -8.72 -15.81
C VAL A 374 -26.73 -8.62 -14.49
N ALA A 375 -26.68 -7.41 -13.90
CA ALA A 375 -26.07 -7.22 -12.59
C ALA A 375 -26.77 -8.04 -11.53
N LEU A 376 -26.01 -8.84 -10.80
CA LEU A 376 -26.50 -9.49 -9.58
C LEU A 376 -26.89 -8.45 -8.55
N SER A 377 -27.81 -8.80 -7.67
CA SER A 377 -28.25 -7.94 -6.60
C SER A 377 -28.05 -8.68 -5.28
N ASN A 378 -28.41 -8.04 -4.17
CA ASN A 378 -28.45 -8.72 -2.88
C ASN A 378 -29.69 -9.63 -2.69
N THR A 379 -30.68 -9.55 -3.60
CA THR A 379 -31.84 -10.45 -3.58
C THR A 379 -31.41 -11.81 -4.10
N GLY A 380 -31.63 -12.86 -3.31
CA GLY A 380 -31.27 -14.23 -3.72
C GLY A 380 -30.93 -15.13 -2.55
N GLU A 381 -30.99 -16.44 -2.80
CA GLU A 381 -30.78 -17.47 -1.76
C GLU A 381 -29.31 -17.88 -1.60
N ILE A 382 -28.52 -17.77 -2.67
CA ILE A 382 -27.12 -18.19 -2.66
C ILE A 382 -26.24 -16.97 -2.53
N PRO A 383 -25.46 -16.87 -1.44
CA PRO A 383 -24.44 -15.84 -1.41
C PRO A 383 -23.38 -16.08 -2.46
N PHE A 384 -22.92 -14.99 -3.07
CA PHE A 384 -21.90 -15.06 -4.10
C PHE A 384 -21.08 -13.77 -4.10
N TYR A 385 -19.90 -13.86 -3.49
CA TYR A 385 -18.97 -12.75 -3.42
C TYR A 385 -19.66 -11.44 -3.05
N GLY A 386 -20.38 -11.44 -1.95
CA GLY A 386 -20.98 -10.20 -1.48
C GLY A 386 -22.31 -9.84 -2.15
N LYS A 387 -22.59 -10.38 -3.33
CA LYS A 387 -23.94 -10.24 -3.88
C LYS A 387 -24.69 -11.57 -3.68
N ALA A 388 -25.62 -11.91 -4.58
CA ALA A 388 -26.50 -13.09 -4.41
C ALA A 388 -27.04 -13.61 -5.74
N ILE A 389 -27.18 -14.94 -5.83
CA ILE A 389 -27.77 -15.64 -6.98
C ILE A 389 -29.14 -16.27 -6.63
N PRO A 390 -30.20 -15.96 -7.41
CA PRO A 390 -31.46 -16.68 -7.18
C PRO A 390 -31.43 -18.08 -7.79
N ILE A 391 -31.91 -19.07 -7.04
CA ILE A 391 -31.96 -20.47 -7.52
C ILE A 391 -32.78 -20.61 -8.81
N GLU A 392 -33.78 -19.75 -8.97
CA GLU A 392 -34.55 -19.68 -10.22
C GLU A 392 -33.62 -19.60 -11.42
N ALA A 393 -32.60 -18.75 -11.31
CA ALA A 393 -31.71 -18.43 -12.42
C ALA A 393 -30.80 -19.59 -12.82
N ILE A 394 -30.74 -20.63 -11.98
CA ILE A 394 -29.82 -21.76 -12.19
C ILE A 394 -30.44 -23.18 -12.08
N ARG A 395 -31.77 -23.28 -11.99
CA ARG A 395 -32.43 -24.58 -12.06
C ARG A 395 -32.84 -24.92 -13.49
N GLY A 396 -33.33 -23.92 -14.22
CA GLY A 396 -33.68 -24.09 -15.62
C GLY A 396 -32.50 -24.23 -16.58
N GLY A 397 -31.70 -25.31 -16.45
CA GLY A 397 -30.82 -25.75 -17.55
C GLY A 397 -29.32 -26.02 -17.32
N ARG A 398 -28.50 -25.52 -18.24
CA ARG A 398 -27.02 -25.63 -18.18
C ARG A 398 -26.34 -24.27 -17.89
N HIS A 399 -25.58 -24.23 -16.79
CA HIS A 399 -24.95 -22.98 -16.32
C HIS A 399 -23.51 -23.18 -15.86
N LEU A 400 -22.72 -22.12 -15.95
CA LEU A 400 -21.32 -22.09 -15.54
C LEU A 400 -21.10 -20.99 -14.52
N ILE A 401 -20.54 -21.34 -13.37
CA ILE A 401 -20.19 -20.34 -12.35
C ILE A 401 -18.66 -20.24 -12.25
N PHE A 402 -18.11 -19.07 -12.56
CA PHE A 402 -16.68 -18.83 -12.39
C PHE A 402 -16.38 -18.33 -10.98
N CYS A 403 -15.56 -19.11 -10.26
CA CYS A 403 -15.06 -18.80 -8.94
C CYS A 403 -13.54 -18.72 -8.96
N HIS A 404 -12.97 -17.98 -8.00
CA HIS A 404 -11.53 -17.64 -7.99
C HIS A 404 -10.61 -18.78 -7.47
N SER A 405 -11.10 -19.56 -6.50
CA SER A 405 -10.29 -20.61 -5.81
C SER A 405 -10.91 -21.99 -5.93
N LYS A 406 -10.08 -23.02 -5.82
CA LYS A 406 -10.52 -24.41 -5.56
C LYS A 406 -11.51 -24.47 -4.40
N LYS A 407 -11.15 -23.80 -3.29
CA LYS A 407 -11.96 -23.76 -2.07
C LYS A 407 -13.38 -23.29 -2.37
N LYS A 408 -13.54 -22.01 -2.74
CA LYS A 408 -14.87 -21.49 -3.04
C LYS A 408 -15.64 -22.46 -3.98
N CYS A 409 -14.95 -23.09 -4.94
CA CYS A 409 -15.61 -24.03 -5.85
C CYS A 409 -16.30 -25.19 -5.09
N ASP A 410 -15.52 -25.91 -4.28
CA ASP A 410 -16.04 -27.05 -3.50
C ASP A 410 -17.09 -26.62 -2.50
N GLU A 411 -16.89 -25.46 -1.89
CA GLU A 411 -17.85 -24.90 -0.94
C GLU A 411 -19.20 -24.61 -1.60
N LEU A 412 -19.17 -24.08 -2.82
CA LEU A 412 -20.40 -23.69 -3.53
C LEU A 412 -21.07 -24.84 -4.26
N ALA A 413 -20.31 -25.89 -4.59
CA ALA A 413 -20.93 -27.16 -5.01
C ALA A 413 -21.74 -27.65 -3.82
N ALA A 414 -21.04 -27.82 -2.69
CA ALA A 414 -21.66 -28.21 -1.42
C ALA A 414 -23.01 -27.51 -1.16
N LYS A 415 -23.06 -26.19 -1.22
CA LYS A 415 -24.31 -25.46 -0.91
C LYS A 415 -25.41 -25.74 -1.94
N LEU A 416 -25.04 -25.67 -3.22
CA LEU A 416 -26.00 -25.77 -4.32
C LEU A 416 -26.69 -27.13 -4.40
N SER A 417 -25.91 -28.20 -4.30
CA SER A 417 -26.45 -29.55 -4.40
C SER A 417 -27.44 -29.88 -3.26
N GLY A 418 -27.10 -29.50 -2.04
CA GLY A 418 -28.01 -29.58 -0.90
C GLY A 418 -29.34 -28.87 -1.17
N LEU A 419 -29.29 -27.79 -1.94
CA LEU A 419 -30.50 -27.07 -2.31
C LEU A 419 -31.22 -27.72 -3.49
N GLY A 420 -30.87 -28.98 -3.78
CA GLY A 420 -31.47 -29.71 -4.88
C GLY A 420 -31.01 -29.21 -6.23
N ILE A 421 -29.69 -29.24 -6.45
CA ILE A 421 -29.07 -28.94 -7.76
C ILE A 421 -27.95 -29.95 -8.08
N ASN A 422 -27.80 -30.31 -9.35
CA ASN A 422 -26.70 -31.17 -9.74
C ASN A 422 -25.49 -30.31 -10.08
N ALA A 423 -24.70 -30.00 -9.05
CA ALA A 423 -23.52 -29.16 -9.21
C ALA A 423 -22.24 -30.01 -9.06
N VAL A 424 -21.22 -29.64 -9.83
CA VAL A 424 -19.91 -30.29 -9.74
C VAL A 424 -18.79 -29.26 -9.91
N ALA A 425 -17.74 -29.43 -9.12
CA ALA A 425 -16.58 -28.54 -9.18
C ALA A 425 -15.62 -28.93 -10.29
N TYR A 426 -14.97 -27.94 -10.90
CA TYR A 426 -13.87 -28.26 -11.79
C TYR A 426 -12.74 -27.24 -11.68
N TYR A 427 -11.53 -27.78 -11.54
CA TYR A 427 -10.31 -26.97 -11.47
C TYR A 427 -9.11 -27.88 -11.75
N ARG A 428 -7.91 -27.28 -11.78
CA ARG A 428 -6.69 -28.03 -12.09
C ARG A 428 -6.56 -29.23 -11.14
N GLY A 429 -6.36 -30.41 -11.74
CA GLY A 429 -6.22 -31.66 -10.99
C GLY A 429 -7.39 -32.61 -11.20
N LEU A 430 -8.59 -32.13 -10.94
CA LEU A 430 -9.80 -32.89 -11.21
C LEU A 430 -9.84 -33.23 -12.68
N ASP A 431 -10.71 -34.17 -13.05
CA ASP A 431 -10.74 -34.64 -14.43
C ASP A 431 -11.95 -34.10 -15.19
N VAL A 432 -11.70 -33.50 -16.37
CA VAL A 432 -12.76 -33.11 -17.27
C VAL A 432 -13.65 -34.32 -17.52
N SER A 433 -14.90 -34.05 -17.88
CA SER A 433 -15.94 -35.09 -18.00
C SER A 433 -16.58 -35.46 -16.66
N VAL A 434 -15.96 -35.07 -15.53
CA VAL A 434 -16.71 -34.94 -14.27
C VAL A 434 -17.85 -33.94 -14.51
N ILE A 435 -17.69 -33.13 -15.55
CA ILE A 435 -18.75 -32.30 -16.14
C ILE A 435 -19.64 -33.17 -17.04
N PRO A 436 -20.92 -33.41 -16.63
CA PRO A 436 -21.82 -34.18 -17.51
C PRO A 436 -22.04 -33.54 -18.88
N THR A 437 -22.37 -34.37 -19.87
CA THR A 437 -22.04 -34.05 -21.26
C THR A 437 -23.02 -33.27 -22.20
N ILE A 438 -24.36 -33.43 -22.30
CA ILE A 438 -25.37 -34.40 -21.75
C ILE A 438 -26.28 -33.81 -20.64
N GLY A 439 -26.12 -34.18 -19.37
CA GLY A 439 -27.13 -33.88 -18.33
C GLY A 439 -27.72 -32.47 -18.27
N ASP A 440 -28.32 -32.13 -17.12
CA ASP A 440 -28.77 -30.76 -16.81
C ASP A 440 -27.94 -30.37 -15.59
N VAL A 441 -27.12 -29.33 -15.72
CA VAL A 441 -25.98 -29.13 -14.80
C VAL A 441 -25.71 -27.67 -14.39
N VAL A 442 -25.10 -27.52 -13.21
CA VAL A 442 -24.41 -26.28 -12.81
C VAL A 442 -22.93 -26.62 -12.48
N VAL A 443 -22.02 -26.24 -13.39
CA VAL A 443 -20.60 -26.50 -13.17
C VAL A 443 -19.93 -25.25 -12.54
N VAL A 444 -19.33 -25.45 -11.35
CA VAL A 444 -18.63 -24.39 -10.63
C VAL A 444 -17.14 -24.55 -10.87
N ALA A 445 -16.52 -23.54 -11.48
CA ALA A 445 -15.20 -23.70 -12.06
C ALA A 445 -14.30 -22.52 -11.78
N THR A 446 -12.99 -22.76 -11.90
CA THR A 446 -12.00 -21.74 -11.97
C THR A 446 -11.69 -21.60 -13.44
N ASP A 447 -10.81 -20.67 -13.79
CA ASP A 447 -10.35 -20.49 -15.17
C ASP A 447 -9.79 -21.75 -15.84
N ALA A 448 -9.33 -22.74 -15.05
CA ALA A 448 -8.91 -24.06 -15.57
C ALA A 448 -9.92 -24.68 -16.54
N LEU A 449 -11.21 -24.42 -16.29
CA LEU A 449 -12.30 -24.73 -17.24
C LEU A 449 -11.90 -24.44 -18.69
N MET A 450 -11.33 -23.27 -18.89
CA MET A 450 -11.15 -22.72 -20.22
C MET A 450 -10.11 -23.46 -21.06
N THR A 451 -9.12 -24.07 -20.42
CA THR A 451 -8.19 -24.94 -21.12
C THR A 451 -8.53 -26.41 -20.97
N GLY A 452 -9.49 -26.75 -20.11
CA GLY A 452 -9.81 -28.17 -19.85
C GLY A 452 -10.98 -28.73 -20.65
N TYR A 453 -11.90 -27.86 -21.08
CA TYR A 453 -13.24 -28.27 -21.51
C TYR A 453 -13.80 -27.26 -22.51
N THR A 454 -14.37 -27.71 -23.62
CA THR A 454 -14.68 -26.81 -24.74
C THR A 454 -16.18 -26.43 -24.91
N GLY A 455 -17.06 -27.05 -24.12
CA GLY A 455 -18.49 -26.74 -24.15
C GLY A 455 -18.89 -25.33 -23.72
N ASP A 456 -20.10 -24.95 -24.11
CA ASP A 456 -20.71 -23.68 -23.69
C ASP A 456 -22.05 -23.95 -22.98
N PHE A 457 -22.66 -22.88 -22.49
CA PHE A 457 -23.72 -22.98 -21.47
C PHE A 457 -24.83 -21.96 -21.70
N ASP A 458 -25.94 -22.14 -21.01
CA ASP A 458 -27.09 -21.25 -21.23
C ASP A 458 -26.84 -19.89 -20.56
N SER A 459 -26.07 -19.92 -19.47
CA SER A 459 -25.69 -18.70 -18.80
C SER A 459 -24.37 -18.85 -18.06
N VAL A 460 -23.62 -17.75 -18.02
CA VAL A 460 -22.39 -17.67 -17.23
C VAL A 460 -22.58 -16.66 -16.09
N ILE A 461 -22.16 -17.08 -14.91
CA ILE A 461 -22.13 -16.23 -13.73
C ILE A 461 -20.67 -16.03 -13.37
N ASP A 462 -20.26 -14.76 -13.24
CA ASP A 462 -18.84 -14.38 -13.04
C ASP A 462 -18.64 -13.57 -11.76
N CYS A 463 -17.72 -14.03 -10.89
CA CYS A 463 -17.28 -13.33 -9.68
C CYS A 463 -16.40 -12.11 -10.02
N ASN A 464 -15.87 -12.10 -11.24
CA ASN A 464 -15.11 -10.98 -11.77
C ASN A 464 -13.83 -10.69 -11.00
N THR A 465 -13.33 -11.71 -10.31
CA THR A 465 -12.01 -11.65 -9.71
C THR A 465 -11.29 -12.93 -10.04
N CYS A 466 -9.97 -12.90 -9.93
CA CYS A 466 -9.12 -14.08 -10.15
C CYS A 466 -7.85 -14.06 -9.28
N VAL A 467 -7.25 -15.24 -9.13
CA VAL A 467 -5.98 -15.38 -8.44
C VAL A 467 -4.85 -15.14 -9.45
N THR A 468 -3.88 -14.33 -9.07
CA THR A 468 -2.69 -14.14 -9.86
C THR A 468 -1.48 -14.10 -8.95
N GLN A 469 -0.28 -14.21 -9.55
CA GLN A 469 0.98 -14.15 -8.77
C GLN A 469 1.72 -12.93 -9.14
N THR A 470 2.41 -12.35 -8.17
CA THR A 470 3.18 -11.15 -8.43
C THR A 470 4.46 -11.14 -7.58
N VAL A 471 5.51 -10.57 -8.15
CA VAL A 471 6.79 -10.56 -7.57
C VAL A 471 7.03 -9.24 -6.82
N ASP A 472 7.68 -9.35 -5.66
CA ASP A 472 7.97 -8.25 -4.80
C ASP A 472 9.50 -8.32 -4.61
N PHE A 473 10.20 -7.28 -5.05
CA PHE A 473 11.63 -7.21 -4.83
C PHE A 473 11.85 -6.71 -3.42
N SER A 474 11.57 -7.55 -2.43
CA SER A 474 11.45 -7.14 -1.03
C SER A 474 12.76 -7.24 -0.22
N LEU A 475 13.83 -7.77 -0.81
CA LEU A 475 15.15 -7.73 -0.22
C LEU A 475 15.21 -8.34 1.19
N ASP A 476 14.40 -9.38 1.39
CA ASP A 476 14.14 -9.92 2.72
C ASP A 476 14.33 -11.44 2.81
N PRO A 477 15.45 -11.98 2.29
CA PRO A 477 16.67 -11.40 1.70
C PRO A 477 16.66 -11.08 0.22
N THR A 478 15.73 -11.62 -0.56
CA THR A 478 15.83 -11.52 -2.01
C THR A 478 14.53 -10.99 -2.64
N PHE A 479 13.63 -11.86 -3.07
CA PHE A 479 12.34 -11.49 -3.65
C PHE A 479 11.30 -12.45 -3.09
N THR A 480 10.06 -12.12 -3.38
CA THR A 480 8.94 -12.78 -2.82
C THR A 480 7.94 -12.97 -3.96
N ILE A 481 7.41 -14.18 -4.14
CA ILE A 481 6.31 -14.39 -5.05
C ILE A 481 5.04 -14.53 -4.24
N GLU A 482 4.13 -13.57 -4.37
CA GLU A 482 2.92 -13.47 -3.53
C GLU A 482 1.79 -13.87 -4.46
N THR A 483 0.88 -14.72 -3.98
CA THR A 483 -0.37 -15.03 -4.67
C THR A 483 -1.40 -14.06 -4.12
N THR A 484 -2.15 -13.42 -5.00
CA THR A 484 -3.23 -12.52 -4.59
C THR A 484 -4.45 -12.63 -5.52
N THR A 485 -5.55 -12.06 -5.04
CA THR A 485 -6.80 -12.02 -5.76
C THR A 485 -6.97 -10.63 -6.27
N VAL A 486 -7.23 -10.48 -7.56
CA VAL A 486 -7.33 -9.16 -8.15
C VAL A 486 -8.57 -9.06 -9.02
N PRO A 487 -9.00 -7.83 -9.33
CA PRO A 487 -10.14 -7.72 -10.24
C PRO A 487 -9.75 -8.21 -11.62
N GLN A 488 -10.70 -8.76 -12.36
CA GLN A 488 -10.42 -9.36 -13.65
C GLN A 488 -10.16 -8.27 -14.69
N ASP A 489 -9.46 -8.62 -15.76
CA ASP A 489 -9.20 -7.71 -16.86
C ASP A 489 -10.12 -7.96 -18.07
N ALA A 490 -10.04 -7.08 -19.04
CA ALA A 490 -10.91 -7.15 -20.19
C ALA A 490 -10.87 -8.53 -20.86
N VAL A 491 -9.68 -9.14 -20.95
CA VAL A 491 -9.52 -10.48 -21.55
C VAL A 491 -10.24 -11.55 -20.74
N SER A 492 -10.02 -11.53 -19.43
CA SER A 492 -10.70 -12.47 -18.54
C SER A 492 -12.22 -12.33 -18.67
N ARG A 493 -12.73 -11.11 -18.61
CA ARG A 493 -14.19 -10.93 -18.68
C ARG A 493 -14.73 -11.48 -19.99
N SER A 494 -14.01 -11.23 -21.08
CA SER A 494 -14.48 -11.63 -22.40
C SER A 494 -14.45 -13.15 -22.60
N GLN A 495 -13.36 -13.80 -22.19
CA GLN A 495 -13.26 -15.24 -22.34
C GLN A 495 -14.29 -15.98 -21.46
N ARG A 496 -14.48 -15.50 -20.23
CA ARG A 496 -15.44 -16.10 -19.31
C ARG A 496 -16.87 -15.96 -19.86
N ARG A 497 -17.21 -14.76 -20.31
CA ARG A 497 -18.53 -14.47 -20.90
C ARG A 497 -18.69 -15.22 -22.21
N GLY A 498 -17.58 -15.40 -22.93
CA GLY A 498 -17.59 -16.11 -24.20
C GLY A 498 -18.07 -17.55 -24.15
N ARG A 499 -18.24 -18.11 -22.94
CA ARG A 499 -18.72 -19.49 -22.77
C ARG A 499 -20.27 -19.59 -22.79
N THR A 500 -20.95 -18.51 -23.16
CA THR A 500 -22.38 -18.53 -23.45
C THR A 500 -22.62 -17.61 -24.65
N GLY A 501 -23.83 -17.65 -25.19
CA GLY A 501 -24.17 -16.86 -26.38
C GLY A 501 -23.36 -17.25 -27.60
N ARG A 502 -23.05 -18.54 -27.73
CA ARG A 502 -22.43 -19.11 -28.93
C ARG A 502 -23.52 -19.71 -29.84
N GLY A 503 -23.98 -18.93 -30.81
CA GLY A 503 -25.08 -19.35 -31.68
C GLY A 503 -26.44 -19.07 -31.05
N ARG A 504 -26.82 -19.88 -30.08
CA ARG A 504 -28.04 -19.62 -29.31
C ARG A 504 -27.94 -18.37 -28.42
N ARG A 505 -29.05 -18.03 -27.76
CA ARG A 505 -29.12 -16.89 -26.84
C ARG A 505 -28.38 -17.24 -25.55
N GLY A 506 -27.80 -16.23 -24.90
CA GLY A 506 -27.08 -16.44 -23.65
C GLY A 506 -27.29 -15.34 -22.63
N ILE A 507 -27.06 -15.67 -21.36
CA ILE A 507 -27.19 -14.71 -20.26
C ILE A 507 -25.90 -14.66 -19.45
N TYR A 508 -25.38 -13.46 -19.23
CA TYR A 508 -24.18 -13.25 -18.41
C TYR A 508 -24.52 -12.50 -17.14
N ARG A 509 -24.34 -13.12 -15.98
CA ARG A 509 -24.57 -12.41 -14.71
C ARG A 509 -23.25 -12.15 -13.97
N PHE A 510 -23.14 -10.99 -13.35
CA PHE A 510 -21.86 -10.56 -12.76
C PHE A 510 -21.96 -9.83 -11.41
N VAL A 511 -20.91 -9.93 -10.61
CA VAL A 511 -20.80 -9.17 -9.36
C VAL A 511 -20.37 -7.70 -9.54
N THR A 512 -19.35 -7.44 -10.36
CA THR A 512 -18.80 -6.08 -10.61
C THR A 512 -18.82 -5.77 -12.10
N PRO A 513 -19.07 -4.50 -12.47
CA PRO A 513 -18.98 -4.03 -13.87
C PRO A 513 -17.54 -3.69 -14.28
N GLY A 514 -16.70 -3.36 -13.31
CA GLY A 514 -15.29 -3.02 -13.57
C GLY A 514 -14.49 -3.97 -14.47
N GLU A 515 -13.32 -3.51 -14.89
CA GLU A 515 -12.50 -4.23 -15.86
C GLU A 515 -11.15 -3.55 -15.90
N ARG A 516 -10.10 -4.28 -15.53
CA ARG A 516 -8.74 -3.75 -15.62
C ARG A 516 -8.23 -3.77 -17.07
N PRO A 517 -7.22 -2.94 -17.36
CA PRO A 517 -6.64 -3.02 -18.71
C PRO A 517 -6.11 -4.41 -19.09
N SER A 518 -6.36 -4.77 -20.33
CA SER A 518 -5.94 -6.02 -20.90
C SER A 518 -4.50 -5.89 -21.34
N GLY A 519 -3.80 -7.01 -21.45
CA GLY A 519 -2.57 -7.09 -22.23
C GLY A 519 -1.27 -6.99 -21.47
N MET A 520 -1.33 -6.83 -20.15
CA MET A 520 -0.14 -6.62 -19.31
C MET A 520 0.07 -7.82 -18.41
N PHE A 521 1.29 -8.33 -18.30
CA PHE A 521 1.60 -9.37 -17.32
C PHE A 521 2.80 -9.05 -16.40
N ASP A 522 2.81 -9.72 -15.25
CA ASP A 522 3.75 -9.43 -14.16
C ASP A 522 5.15 -10.02 -14.43
N SER A 523 6.15 -9.48 -13.78
CA SER A 523 7.48 -10.02 -13.83
C SER A 523 7.49 -11.48 -13.34
N SER A 524 6.57 -11.84 -12.46
CA SER A 524 6.51 -13.23 -11.96
C SER A 524 6.29 -14.21 -13.11
N VAL A 525 5.47 -13.86 -14.09
CA VAL A 525 5.33 -14.66 -15.31
C VAL A 525 6.67 -14.86 -16.04
N LEU A 526 7.55 -13.85 -16.07
CA LEU A 526 8.90 -14.04 -16.62
C LEU A 526 9.69 -15.09 -15.80
N CYS A 527 9.54 -15.01 -14.48
CA CYS A 527 10.07 -16.02 -13.57
C CYS A 527 9.67 -17.45 -13.93
N GLU A 528 8.38 -17.70 -14.16
CA GLU A 528 7.83 -19.03 -14.58
C GLU A 528 8.38 -19.54 -15.90
N CYS A 529 8.80 -18.62 -16.77
CA CYS A 529 9.31 -18.99 -18.08
C CYS A 529 10.68 -19.64 -17.93
N TYR A 530 11.55 -18.96 -17.22
CA TYR A 530 12.85 -19.55 -16.88
C TYR A 530 12.71 -20.84 -16.07
N ASP A 531 11.75 -20.84 -15.15
CA ASP A 531 11.46 -22.00 -14.33
C ASP A 531 11.04 -23.18 -15.21
N ALA A 532 10.04 -22.97 -16.08
CA ALA A 532 9.55 -24.00 -16.99
C ALA A 532 10.62 -24.44 -17.99
N GLY A 533 11.41 -23.49 -18.51
CA GLY A 533 12.53 -23.83 -19.37
C GLY A 533 13.51 -24.79 -18.72
N CYS A 534 13.82 -24.56 -17.44
CA CYS A 534 14.71 -25.46 -16.69
C CYS A 534 14.00 -26.76 -16.29
N ALA A 535 12.73 -26.70 -15.88
CA ALA A 535 12.12 -27.92 -15.35
C ALA A 535 11.64 -28.84 -16.45
N TRP A 536 11.14 -28.28 -17.54
CA TRP A 536 10.45 -29.07 -18.53
C TRP A 536 11.11 -29.18 -19.87
N TYR A 537 11.81 -28.15 -20.32
CA TYR A 537 12.26 -28.07 -21.73
C TYR A 537 13.76 -28.03 -21.93
N GLU A 538 14.53 -28.33 -20.89
CA GLU A 538 16.00 -28.36 -20.99
C GLU A 538 16.52 -27.12 -21.73
N LEU A 539 16.03 -25.95 -21.35
CA LEU A 539 16.56 -24.72 -21.86
C LEU A 539 17.39 -24.09 -20.78
N THR A 540 18.68 -23.88 -21.06
CA THR A 540 19.50 -23.07 -20.17
C THR A 540 18.83 -21.72 -20.08
N PRO A 541 19.11 -21.00 -19.01
CA PRO A 541 18.61 -19.64 -18.93
C PRO A 541 19.00 -18.80 -20.15
N ALA A 542 20.21 -18.95 -20.65
CA ALA A 542 20.65 -18.15 -21.81
C ALA A 542 19.73 -18.37 -23.01
N GLU A 543 19.36 -19.62 -23.25
CA GLU A 543 18.47 -19.97 -24.36
C GLU A 543 17.05 -19.43 -24.13
N THR A 544 16.60 -19.48 -22.89
CA THR A 544 15.29 -18.92 -22.57
C THR A 544 15.23 -17.42 -22.85
N SER A 545 16.29 -16.70 -22.51
CA SER A 545 16.35 -15.25 -22.73
C SER A 545 16.19 -14.88 -24.19
N VAL A 546 16.82 -15.66 -25.10
CA VAL A 546 16.74 -15.46 -26.55
C VAL A 546 15.26 -15.53 -26.94
N ARG A 547 14.57 -16.55 -26.45
CA ARG A 547 13.19 -16.80 -26.82
C ARG A 547 12.26 -15.74 -26.29
N LEU A 548 12.45 -15.38 -25.02
CA LEU A 548 11.66 -14.31 -24.43
C LEU A 548 11.90 -12.99 -25.14
N ARG A 549 13.16 -12.70 -25.46
CA ARG A 549 13.50 -11.48 -26.16
C ARG A 549 12.69 -11.36 -27.49
N ALA A 550 12.59 -12.45 -28.25
CA ALA A 550 11.84 -12.43 -29.51
C ALA A 550 10.39 -12.02 -29.24
N TYR A 551 9.88 -12.44 -28.08
CA TYR A 551 8.52 -12.12 -27.64
C TYR A 551 8.37 -10.63 -27.28
N LEU A 552 9.25 -10.12 -26.44
CA LEU A 552 9.16 -8.71 -26.07
C LEU A 552 9.28 -7.79 -27.30
N ASN A 553 10.19 -8.14 -28.19
CA ASN A 553 10.46 -7.31 -29.33
C ASN A 553 9.40 -7.40 -30.41
N THR A 554 8.55 -8.42 -30.40
CA THR A 554 7.50 -8.48 -31.38
C THR A 554 6.35 -7.61 -30.90
N PRO A 555 5.92 -6.65 -31.73
CA PRO A 555 4.85 -5.75 -31.38
C PRO A 555 3.51 -6.41 -31.45
N GLY A 556 2.61 -5.97 -30.58
CA GLY A 556 1.20 -6.40 -30.58
C GLY A 556 0.96 -7.62 -29.71
N LEU A 557 1.99 -8.03 -28.95
CA LEU A 557 1.80 -9.08 -27.98
C LEU A 557 1.65 -8.46 -26.60
N PRO A 558 1.10 -9.22 -25.66
CA PRO A 558 1.06 -8.71 -24.31
C PRO A 558 2.45 -8.20 -23.82
N VAL A 559 2.44 -7.16 -22.99
CA VAL A 559 3.63 -6.45 -22.61
C VAL A 559 4.03 -6.74 -21.17
N CYS A 560 5.31 -6.56 -20.87
CA CYS A 560 5.80 -6.76 -19.50
C CYS A 560 6.90 -5.80 -19.26
N GLN A 561 7.41 -5.75 -18.04
CA GLN A 561 8.64 -5.00 -17.80
C GLN A 561 9.78 -5.93 -18.16
N ASP A 562 10.86 -5.37 -18.64
CA ASP A 562 12.02 -6.15 -19.10
C ASP A 562 12.86 -6.49 -17.90
N HIS A 563 12.62 -7.66 -17.32
CA HIS A 563 13.42 -8.12 -16.21
C HIS A 563 14.22 -9.33 -16.63
N LEU A 564 14.49 -9.45 -17.92
CA LEU A 564 15.20 -10.62 -18.43
C LEU A 564 16.60 -10.83 -17.85
N GLU A 565 17.49 -9.84 -17.90
CA GLU A 565 18.82 -10.06 -17.38
C GLU A 565 18.73 -10.58 -15.95
N PHE A 566 17.87 -9.95 -15.16
CA PHE A 566 17.77 -10.26 -13.76
C PHE A 566 17.40 -11.71 -13.58
N TRP A 567 16.31 -12.11 -14.20
CA TRP A 567 15.83 -13.47 -13.96
C TRP A 567 16.81 -14.49 -14.50
N GLU A 568 17.37 -14.24 -15.67
CA GLU A 568 18.41 -15.12 -16.22
C GLU A 568 19.56 -15.31 -15.23
N SER A 569 19.95 -14.21 -14.61
CA SER A 569 21.07 -14.24 -13.72
C SER A 569 20.73 -15.02 -12.46
N VAL A 570 19.49 -14.93 -11.99
CA VAL A 570 19.05 -15.72 -10.82
C VAL A 570 19.09 -17.23 -11.10
N PHE A 571 18.48 -17.64 -12.21
CA PHE A 571 18.38 -19.07 -12.53
C PHE A 571 19.72 -19.70 -12.93
N THR A 572 20.63 -18.89 -13.46
CA THR A 572 21.98 -19.34 -13.79
C THR A 572 22.76 -19.80 -12.56
N GLY A 573 22.39 -19.33 -11.38
CA GLY A 573 23.04 -19.76 -10.14
C GLY A 573 22.45 -21.04 -9.56
N LEU A 574 21.24 -21.41 -9.95
CA LEU A 574 20.59 -22.55 -9.32
C LEU A 574 21.03 -23.83 -10.01
N THR A 575 22.25 -24.23 -9.69
CA THR A 575 22.85 -25.42 -10.31
C THR A 575 22.71 -26.67 -9.43
N HIS A 576 22.80 -27.83 -10.04
CA HIS A 576 22.83 -29.10 -9.28
C HIS A 576 21.60 -29.31 -8.41
N ILE A 577 20.44 -29.16 -9.02
CA ILE A 577 19.17 -29.48 -8.38
C ILE A 577 19.06 -30.98 -8.22
N ASP A 578 18.40 -31.42 -7.18
CA ASP A 578 18.08 -32.82 -7.03
C ASP A 578 16.99 -33.28 -8.06
N ALA A 579 17.38 -34.09 -9.05
CA ALA A 579 16.45 -34.69 -10.04
C ALA A 579 15.18 -35.18 -9.39
N HIS A 580 15.34 -35.90 -8.31
CA HIS A 580 14.22 -36.51 -7.62
C HIS A 580 13.18 -35.50 -7.13
N PHE A 581 13.61 -34.43 -6.49
CA PHE A 581 12.66 -33.42 -6.06
C PHE A 581 12.01 -32.73 -7.28
N LEU A 582 12.83 -32.37 -8.26
CA LEU A 582 12.28 -31.72 -9.43
C LEU A 582 11.15 -32.58 -10.05
N SER A 583 11.36 -33.88 -10.20
CA SER A 583 10.34 -34.72 -10.79
C SER A 583 9.04 -34.75 -9.97
N GLN A 584 9.14 -34.63 -8.65
CA GLN A 584 7.94 -34.55 -7.82
C GLN A 584 7.24 -33.21 -7.92
N THR A 585 7.98 -32.10 -7.91
CA THR A 585 7.32 -30.81 -8.01
C THR A 585 6.70 -30.65 -9.39
N LYS A 586 7.39 -31.15 -10.42
CA LYS A 586 6.83 -31.33 -11.78
C LYS A 586 5.53 -32.14 -11.83
N GLN A 587 5.51 -33.35 -11.30
CA GLN A 587 4.27 -34.13 -11.32
C GLN A 587 3.14 -33.52 -10.44
N ALA A 588 3.48 -32.86 -9.34
CA ALA A 588 2.44 -32.36 -8.43
C ALA A 588 1.67 -31.21 -9.07
N GLY A 589 2.20 -30.70 -10.19
CA GLY A 589 1.53 -29.70 -10.99
C GLY A 589 1.48 -28.29 -10.46
N ASP A 590 2.13 -28.01 -9.33
CA ASP A 590 2.05 -26.67 -8.76
C ASP A 590 3.00 -25.68 -9.47
N ASN A 591 2.79 -24.39 -9.22
CA ASN A 591 3.61 -23.34 -9.83
C ASN A 591 5.07 -23.36 -9.37
N PHE A 592 5.97 -22.93 -10.25
CA PHE A 592 7.39 -22.79 -9.92
C PHE A 592 8.02 -24.09 -9.39
N PRO A 593 7.84 -25.21 -10.12
CA PRO A 593 8.44 -26.47 -9.70
C PRO A 593 9.98 -26.41 -9.52
N TYR A 594 10.66 -25.61 -10.33
CA TYR A 594 12.10 -25.48 -10.16
C TYR A 594 12.47 -24.73 -8.89
N LEU A 595 11.84 -23.59 -8.64
CA LEU A 595 12.19 -22.87 -7.43
C LEU A 595 11.85 -23.68 -6.18
N VAL A 596 10.75 -24.45 -6.22
CA VAL A 596 10.31 -25.25 -5.06
C VAL A 596 11.32 -26.40 -4.88
N ALA A 597 11.57 -27.15 -5.95
CA ALA A 597 12.52 -28.27 -5.89
C ALA A 597 13.88 -27.78 -5.46
N TYR A 598 14.24 -26.58 -5.89
CA TYR A 598 15.56 -26.05 -5.57
C TYR A 598 15.69 -25.69 -4.11
N GLN A 599 14.68 -25.07 -3.57
CA GLN A 599 14.76 -24.68 -2.17
C GLN A 599 14.77 -25.94 -1.35
N ALA A 600 14.00 -26.94 -1.78
CA ALA A 600 13.95 -28.20 -1.03
C ALA A 600 15.29 -28.94 -1.16
N THR A 601 15.92 -28.83 -2.33
CA THR A 601 17.22 -29.42 -2.54
C THR A 601 18.25 -28.87 -1.58
N VAL A 602 18.38 -27.55 -1.59
CA VAL A 602 19.22 -26.86 -0.63
C VAL A 602 18.83 -27.21 0.83
N CYS A 603 17.55 -27.37 1.15
CA CYS A 603 17.15 -27.69 2.51
C CYS A 603 17.54 -29.10 2.94
N ALA A 604 17.43 -30.02 2.00
CA ALA A 604 17.75 -31.42 2.28
C ALA A 604 19.28 -31.63 2.43
N ARG A 605 20.09 -30.97 1.61
CA ARG A 605 21.55 -31.05 1.72
C ARG A 605 22.16 -30.35 2.95
N ALA A 606 21.42 -29.47 3.64
CA ALA A 606 21.84 -28.95 4.98
C ALA A 606 21.09 -29.69 6.12
N GLN A 607 20.36 -30.74 5.79
CA GLN A 607 19.49 -31.43 6.74
C GLN A 607 18.61 -30.45 7.53
N ALA A 608 18.16 -29.40 6.85
CA ALA A 608 17.33 -28.36 7.45
C ALA A 608 15.88 -28.47 6.99
N PRO A 609 14.94 -27.90 7.77
CA PRO A 609 13.54 -27.91 7.36
C PRO A 609 13.19 -26.93 6.24
N PRO A 610 12.06 -27.17 5.59
CA PRO A 610 11.57 -26.17 4.63
C PRO A 610 11.00 -24.99 5.39
N PRO A 611 10.81 -23.84 4.72
CA PRO A 611 10.28 -22.62 5.32
C PRO A 611 9.00 -22.83 6.15
N SER A 612 8.20 -23.83 5.77
CA SER A 612 6.99 -24.22 6.50
C SER A 612 6.58 -25.65 6.05
N TRP A 613 5.47 -26.16 6.56
CA TRP A 613 4.95 -27.42 6.08
C TRP A 613 3.65 -27.22 5.30
N ASP A 614 3.54 -26.16 4.51
CA ASP A 614 2.45 -26.07 3.52
C ASP A 614 2.58 -27.27 2.58
N GLN A 615 1.56 -27.50 1.78
CA GLN A 615 1.60 -28.54 0.74
C GLN A 615 2.68 -28.29 -0.32
N MET A 616 3.13 -27.05 -0.43
CA MET A 616 4.23 -26.65 -1.31
C MET A 616 5.45 -27.55 -1.11
N TRP A 617 5.67 -27.92 0.15
CA TRP A 617 6.85 -28.63 0.59
C TRP A 617 6.60 -30.13 0.88
N LYS A 618 5.52 -30.69 0.36
CA LYS A 618 5.25 -32.14 0.62
C LYS A 618 6.40 -33.10 0.23
N CYS A 619 7.23 -32.73 -0.76
CA CYS A 619 8.40 -33.55 -1.11
C CYS A 619 9.38 -33.79 0.03
N LEU A 620 9.28 -33.02 1.12
CA LEU A 620 10.20 -33.17 2.22
C LEU A 620 9.53 -33.79 3.47
N ILE A 621 8.24 -34.09 3.43
CA ILE A 621 7.56 -34.69 4.60
C ILE A 621 8.27 -35.97 5.12
N ARG A 622 8.72 -36.83 4.22
CA ARG A 622 9.32 -38.09 4.65
C ARG A 622 10.61 -37.93 5.45
N LEU A 623 11.32 -36.84 5.20
CA LEU A 623 12.55 -36.51 5.93
C LEU A 623 12.35 -35.68 7.17
N LYS A 624 11.10 -35.35 7.48
CA LYS A 624 10.77 -34.51 8.65
C LYS A 624 11.58 -34.86 9.89
N PRO A 625 11.66 -36.17 10.26
CA PRO A 625 12.35 -36.46 11.50
C PRO A 625 13.87 -36.26 11.49
N THR A 626 14.51 -36.15 10.33
CA THR A 626 15.96 -35.89 10.27
C THR A 626 16.35 -34.43 9.93
N LEU A 627 15.36 -33.54 9.87
CA LEU A 627 15.60 -32.15 9.43
C LEU A 627 15.51 -31.21 10.60
N HIS A 628 16.53 -30.38 10.79
CA HIS A 628 16.63 -29.60 12.01
C HIS A 628 17.34 -28.28 11.77
N GLY A 629 17.07 -27.31 12.64
CA GLY A 629 17.70 -26.00 12.56
C GLY A 629 16.95 -25.02 11.66
N PRO A 630 17.58 -23.88 11.41
CA PRO A 630 16.95 -22.88 10.57
C PRO A 630 17.08 -23.21 9.08
N THR A 631 16.06 -22.83 8.31
CA THR A 631 16.02 -23.00 6.88
C THR A 631 16.95 -22.00 6.21
N PRO A 632 17.80 -22.48 5.31
CA PRO A 632 18.59 -21.51 4.51
C PRO A 632 17.71 -20.97 3.36
N LEU A 633 17.06 -19.82 3.63
CA LEU A 633 16.06 -19.26 2.74
C LEU A 633 16.70 -18.61 1.50
N LEU A 634 16.20 -18.99 0.34
CA LEU A 634 16.72 -18.54 -0.95
C LEU A 634 15.89 -17.36 -1.45
N TYR A 635 14.61 -17.36 -1.08
CA TYR A 635 13.56 -16.49 -1.60
C TYR A 635 12.28 -16.94 -0.92
N ARG A 636 11.26 -16.08 -0.97
CA ARG A 636 9.97 -16.37 -0.33
C ARG A 636 8.90 -16.71 -1.37
N LEU A 637 8.36 -17.91 -1.27
CA LEU A 637 7.29 -18.36 -2.16
C LEU A 637 6.01 -18.56 -1.36
N GLY A 638 6.01 -18.09 -0.12
CA GLY A 638 4.81 -18.14 0.75
C GLY A 638 5.26 -17.83 2.16
N ALA A 639 4.36 -18.02 3.13
CA ALA A 639 4.68 -17.78 4.52
C ALA A 639 5.90 -18.60 4.96
N VAL A 640 6.83 -17.94 5.64
CA VAL A 640 7.97 -18.58 6.23
C VAL A 640 7.77 -18.62 7.74
N GLN A 641 7.61 -19.83 8.27
CA GLN A 641 7.35 -20.08 9.67
C GLN A 641 8.61 -20.47 10.43
N ASN A 642 9.51 -21.19 9.78
CA ASN A 642 10.73 -21.62 10.45
C ASN A 642 11.69 -20.46 10.55
N GLU A 643 12.57 -20.48 11.54
CA GLU A 643 13.67 -19.53 11.58
C GLU A 643 14.59 -19.70 10.34
N VAL A 644 15.21 -18.60 9.93
CA VAL A 644 15.96 -18.60 8.72
C VAL A 644 17.41 -18.24 8.98
N THR A 645 18.31 -18.80 8.16
CA THR A 645 19.70 -18.35 8.10
C THR A 645 19.94 -17.81 6.69
N LEU A 646 20.77 -16.78 6.57
CA LEU A 646 21.04 -16.16 5.29
C LEU A 646 22.47 -16.41 4.78
N THR A 647 23.11 -17.44 5.30
CA THR A 647 24.54 -17.69 5.03
C THR A 647 24.80 -18.71 3.93
N HIS A 648 23.75 -19.29 3.33
CA HIS A 648 24.00 -20.27 2.28
C HIS A 648 24.55 -19.55 1.07
N PRO A 649 25.53 -20.15 0.37
CA PRO A 649 26.08 -19.49 -0.81
C PRO A 649 25.06 -19.12 -1.89
N ILE A 650 24.02 -19.91 -2.06
CA ILE A 650 22.99 -19.60 -3.04
C ILE A 650 22.17 -18.37 -2.64
N THR A 651 21.91 -18.17 -1.33
CA THR A 651 21.23 -16.95 -0.86
C THR A 651 22.07 -15.73 -1.19
N LYS A 652 23.34 -15.77 -0.84
CA LYS A 652 24.28 -14.70 -1.20
C LYS A 652 24.35 -14.42 -2.71
N TYR A 653 24.43 -15.47 -3.51
CA TYR A 653 24.44 -15.31 -4.97
C TYR A 653 23.16 -14.57 -5.40
N ILE A 654 22.02 -14.96 -4.83
CA ILE A 654 20.74 -14.31 -5.16
C ILE A 654 20.72 -12.88 -4.66
N MET A 655 21.27 -12.64 -3.48
CA MET A 655 21.37 -11.27 -2.98
C MET A 655 22.16 -10.39 -3.94
N ALA A 656 23.30 -10.88 -4.43
CA ALA A 656 24.09 -10.14 -5.44
C ALA A 656 23.24 -9.85 -6.68
N CYS A 657 22.42 -10.79 -7.07
CA CYS A 657 21.55 -10.57 -8.24
C CYS A 657 20.58 -9.38 -8.06
N MET A 658 20.14 -9.11 -6.83
CA MET A 658 19.24 -7.99 -6.53
C MET A 658 19.87 -6.59 -6.72
N SER A 659 21.10 -6.54 -7.20
CA SER A 659 21.75 -5.31 -7.59
C SER A 659 21.57 -5.04 -9.09
N ALA A 660 20.85 -5.89 -9.81
CA ALA A 660 20.58 -5.61 -11.22
C ALA A 660 19.77 -4.31 -11.32
N ASP A 661 19.90 -3.62 -12.45
CA ASP A 661 19.02 -2.50 -12.78
C ASP A 661 17.61 -3.04 -13.08
N LEU A 662 16.60 -2.55 -12.36
CA LEU A 662 15.25 -3.08 -12.43
C LEU A 662 14.20 -1.99 -12.69
N GLU A 663 13.61 -2.02 -13.86
CA GLU A 663 12.47 -1.14 -14.17
C GLU A 663 11.33 -1.45 -13.22
N VAL A 664 10.78 -0.42 -12.57
CA VAL A 664 9.57 -0.54 -11.73
C VAL A 664 8.60 0.63 -12.04
N VAL A 665 7.28 0.40 -12.00
CA VAL A 665 6.37 1.48 -12.40
C VAL A 665 5.96 2.40 -11.25
N THR A 666 5.61 3.61 -11.68
CA THR A 666 5.26 4.73 -10.83
C THR A 666 4.12 5.56 -11.45
N GLY B 22 -16.04 13.66 7.65
CA GLY B 22 -16.79 12.46 7.19
C GLY B 22 -17.20 11.52 8.32
N SER B 23 -18.18 10.67 8.03
CA SER B 23 -18.70 9.70 8.98
C SER B 23 -18.28 8.29 8.61
N VAL B 24 -18.24 7.40 9.61
CA VAL B 24 -18.08 5.99 9.30
C VAL B 24 -19.34 5.54 8.57
N VAL B 25 -19.19 4.77 7.48
CA VAL B 25 -20.33 4.17 6.78
C VAL B 25 -20.40 2.64 6.84
N ILE B 26 -21.61 2.12 7.03
CA ILE B 26 -21.90 0.67 6.88
C ILE B 26 -22.00 0.34 5.40
N VAL B 27 -21.13 -0.57 4.95
CA VAL B 27 -21.06 -0.93 3.54
C VAL B 27 -21.42 -2.41 3.31
N GLY B 28 -21.62 -3.16 4.40
CA GLY B 28 -22.02 -4.54 4.28
C GLY B 28 -22.23 -5.19 5.62
N ARG B 29 -22.42 -6.51 5.61
CA ARG B 29 -22.66 -7.24 6.83
C ARG B 29 -22.19 -8.67 6.69
N ILE B 30 -21.60 -9.22 7.76
CA ILE B 30 -21.37 -10.66 7.88
C ILE B 30 -22.56 -11.22 8.65
N ILE B 31 -23.31 -12.12 8.02
CA ILE B 31 -24.42 -12.79 8.71
C ILE B 31 -23.94 -14.07 9.38
N LEU B 32 -24.18 -14.19 10.69
CA LEU B 32 -23.80 -15.37 11.44
C LEU B 32 -24.95 -16.38 11.50
N SER B 33 -24.62 -17.66 11.44
CA SER B 33 -25.58 -18.74 11.63
C SER B 33 -25.14 -19.60 12.81
N SER B 37 -23.23 -25.37 14.98
CA SER B 37 -21.94 -24.93 14.46
C SER B 37 -22.05 -23.54 13.86
N ILE B 38 -20.92 -22.84 13.84
CA ILE B 38 -20.86 -21.45 13.40
C ILE B 38 -20.33 -21.36 11.99
N THR B 39 -21.08 -20.68 11.13
CA THR B 39 -20.62 -20.36 9.77
C THR B 39 -21.15 -18.98 9.43
N ALA B 40 -20.68 -18.42 8.32
CA ALA B 40 -21.12 -17.10 7.91
C ALA B 40 -20.88 -16.80 6.44
N TYR B 41 -21.65 -15.86 5.94
CA TYR B 41 -21.46 -15.35 4.61
C TYR B 41 -21.56 -13.85 4.73
N SER B 42 -20.98 -13.16 3.76
CA SER B 42 -20.95 -11.72 3.80
C SER B 42 -21.84 -11.20 2.70
N GLN B 43 -22.23 -9.93 2.82
CA GLN B 43 -23.12 -9.26 1.89
C GLN B 43 -22.72 -7.81 1.78
N GLN B 44 -22.43 -7.38 0.55
CA GLN B 44 -22.12 -6.00 0.26
C GLN B 44 -23.40 -5.26 -0.10
N THR B 45 -23.51 -4.02 0.38
CA THR B 45 -24.70 -3.19 0.25
C THR B 45 -24.42 -1.76 -0.30
N ARG B 46 -23.15 -1.47 -0.58
CA ARG B 46 -22.78 -0.17 -1.13
C ARG B 46 -21.49 -0.27 -1.89
N GLY B 47 -21.32 0.65 -2.82
CA GLY B 47 -20.08 0.82 -3.57
C GLY B 47 -19.44 2.15 -3.22
N LEU B 48 -18.42 2.52 -3.98
CA LEU B 48 -17.62 3.65 -3.58
C LEU B 48 -18.45 4.94 -3.59
N LEU B 49 -19.20 5.17 -4.65
CA LEU B 49 -19.97 6.40 -4.77
C LEU B 49 -20.88 6.60 -3.55
N GLY B 50 -21.62 5.55 -3.20
CA GLY B 50 -22.53 5.57 -2.06
C GLY B 50 -21.85 5.80 -0.74
N CYS B 51 -20.80 5.03 -0.48
CA CYS B 51 -19.95 5.22 0.69
C CYS B 51 -19.49 6.68 0.79
N ILE B 52 -19.07 7.28 -0.32
CA ILE B 52 -18.58 8.65 -0.23
C ILE B 52 -19.71 9.66 0.11
N ILE B 53 -20.85 9.58 -0.58
CA ILE B 53 -21.96 10.51 -0.32
C ILE B 53 -22.48 10.37 1.11
N THR B 54 -22.66 9.11 1.51
CA THR B 54 -23.20 8.81 2.83
C THR B 54 -22.31 9.34 3.94
N SER B 55 -21.01 9.14 3.79
CA SER B 55 -19.99 9.66 4.73
C SER B 55 -20.01 11.19 4.82
N LEU B 56 -20.32 11.86 3.71
CA LEU B 56 -20.33 13.32 3.67
C LEU B 56 -21.62 13.86 4.31
N THR B 57 -22.76 13.26 3.96
CA THR B 57 -24.04 13.72 4.50
C THR B 57 -24.25 13.27 5.97
N GLY B 58 -23.79 12.07 6.28
CA GLY B 58 -24.06 11.45 7.58
C GLY B 58 -25.40 10.76 7.60
N ARG B 59 -26.07 10.77 6.43
CA ARG B 59 -27.42 10.25 6.29
C ARG B 59 -27.39 8.93 5.52
N ASP B 60 -27.74 7.85 6.23
CA ASP B 60 -27.78 6.47 5.69
C ASP B 60 -29.18 5.90 5.91
N LYS B 61 -29.94 5.71 4.84
CA LYS B 61 -31.33 5.24 4.99
C LYS B 61 -31.47 3.73 4.80
N ASN B 62 -30.37 3.07 4.43
CA ASN B 62 -30.36 1.61 4.24
C ASN B 62 -30.75 0.90 5.53
N GLN B 63 -31.41 -0.24 5.39
CA GLN B 63 -31.81 -1.01 6.56
C GLN B 63 -30.67 -1.88 7.03
N VAL B 64 -30.29 -1.67 8.28
CA VAL B 64 -29.24 -2.43 8.92
C VAL B 64 -29.80 -3.76 9.38
N GLU B 65 -29.13 -4.83 9.00
CA GLU B 65 -29.42 -6.17 9.51
C GLU B 65 -28.14 -6.83 10.00
N GLY B 66 -28.29 -7.86 10.84
CA GLY B 66 -27.14 -8.65 11.29
C GLY B 66 -26.44 -8.14 12.54
N GLU B 67 -25.53 -8.93 13.08
CA GLU B 67 -24.84 -8.55 14.30
C GLU B 67 -23.45 -8.00 14.02
N VAL B 68 -22.88 -8.39 12.87
CA VAL B 68 -21.58 -7.86 12.41
C VAL B 68 -21.74 -7.01 11.17
N GLN B 69 -21.17 -5.82 11.23
CA GLN B 69 -21.30 -4.88 10.15
C GLN B 69 -19.93 -4.65 9.54
N VAL B 70 -19.87 -4.65 8.21
CA VAL B 70 -18.69 -4.22 7.50
C VAL B 70 -18.83 -2.71 7.40
N VAL B 71 -17.81 -1.98 7.85
CA VAL B 71 -17.88 -0.53 7.83
C VAL B 71 -16.64 0.05 7.13
N SER B 72 -16.64 1.36 6.95
CA SER B 72 -15.56 1.93 6.20
C SER B 72 -15.50 3.42 6.39
N THR B 73 -14.29 3.95 6.32
CA THR B 73 -14.05 5.39 6.19
C THR B 73 -13.68 5.65 4.72
N ALA B 74 -13.14 6.83 4.44
CA ALA B 74 -12.57 7.12 3.14
C ALA B 74 -11.20 6.44 3.04
N THR B 75 -10.53 6.22 4.17
CA THR B 75 -9.31 5.40 4.22
C THR B 75 -9.67 3.92 4.42
N GLN B 76 -9.51 3.39 5.64
CA GLN B 76 -9.57 1.94 5.87
C GLN B 76 -11.02 1.40 5.84
N SER B 77 -11.14 0.10 5.54
CA SER B 77 -12.38 -0.64 5.79
C SER B 77 -12.14 -1.65 6.89
N PHE B 78 -13.19 -1.96 7.67
CA PHE B 78 -13.10 -2.87 8.80
C PHE B 78 -14.47 -3.32 9.31
N LEU B 79 -14.52 -3.85 10.52
CA LEU B 79 -15.79 -4.40 11.03
C LEU B 79 -16.30 -3.76 12.31
N ALA B 80 -17.55 -4.06 12.63
CA ALA B 80 -18.18 -3.62 13.86
C ALA B 80 -19.16 -4.68 14.29
N THR B 81 -19.11 -5.03 15.57
CA THR B 81 -19.91 -6.11 16.11
C THR B 81 -20.92 -5.54 17.13
N CYS B 82 -22.21 -5.79 16.93
CA CYS B 82 -23.20 -5.33 17.89
C CYS B 82 -23.28 -6.30 19.06
N VAL B 83 -23.16 -5.74 20.27
CA VAL B 83 -23.26 -6.50 21.52
C VAL B 83 -24.04 -5.63 22.53
N ASN B 84 -25.01 -6.24 23.21
CA ASN B 84 -25.79 -5.56 24.25
C ASN B 84 -26.41 -4.25 23.82
N GLY B 85 -26.81 -4.16 22.55
CA GLY B 85 -27.49 -2.96 22.05
C GLY B 85 -26.53 -1.85 21.64
N VAL B 86 -25.24 -2.09 21.78
CA VAL B 86 -24.26 -1.17 21.22
C VAL B 86 -23.49 -1.82 20.09
N CYS B 87 -23.27 -1.04 19.04
CA CYS B 87 -22.43 -1.44 17.91
C CYS B 87 -20.99 -0.97 18.21
N TRP B 88 -20.06 -1.93 18.31
CA TRP B 88 -18.67 -1.66 18.75
C TRP B 88 -17.61 -1.88 17.65
N THR B 89 -16.52 -1.13 17.77
CA THR B 89 -15.36 -1.30 16.90
C THR B 89 -14.12 -0.63 17.54
N VAL B 90 -13.03 -0.53 16.77
CA VAL B 90 -11.76 -0.10 17.31
C VAL B 90 -11.57 1.38 17.08
N TYR B 91 -10.94 2.06 18.04
CA TYR B 91 -10.64 3.48 17.93
C TYR B 91 -9.66 3.72 16.79
N HIS B 92 -8.71 2.81 16.57
CA HIS B 92 -7.69 3.06 15.52
C HIS B 92 -8.30 3.15 14.13
N GLY B 93 -9.48 2.56 13.93
CA GLY B 93 -10.19 2.71 12.65
C GLY B 93 -11.30 3.77 12.62
N ALA B 94 -12.08 3.82 13.68
CA ALA B 94 -13.23 4.72 13.74
C ALA B 94 -12.85 6.09 14.24
N GLY B 95 -11.77 6.16 14.99
CA GLY B 95 -11.50 7.39 15.72
C GLY B 95 -12.66 7.76 16.62
N SER B 96 -12.96 9.06 16.65
CA SER B 96 -14.08 9.61 17.39
C SER B 96 -15.23 9.95 16.45
N LYS B 97 -15.27 9.32 15.29
CA LYS B 97 -16.19 9.71 14.22
C LYS B 97 -17.62 9.37 14.55
N THR B 98 -18.54 10.14 13.96
CA THR B 98 -19.95 9.78 13.99
C THR B 98 -20.17 8.66 12.97
N LEU B 99 -21.29 7.92 13.13
CA LEU B 99 -21.71 6.85 12.23
C LEU B 99 -22.92 7.35 11.50
N ALA B 100 -22.93 7.15 10.18
CA ALA B 100 -24.06 7.62 9.37
C ALA B 100 -25.28 6.82 9.76
N GLY B 101 -26.42 7.51 9.89
CA GLY B 101 -27.68 6.90 10.34
C GLY B 101 -28.90 7.46 9.61
N PRO B 102 -30.09 6.87 9.88
CA PRO B 102 -31.32 7.26 9.16
C PRO B 102 -31.70 8.73 9.34
N LYS B 103 -31.70 9.21 10.57
CA LYS B 103 -31.97 10.63 10.82
C LYS B 103 -30.78 11.51 10.47
N GLY B 104 -29.57 11.03 10.76
CA GLY B 104 -28.35 11.78 10.43
C GLY B 104 -27.15 11.23 11.17
N PRO B 105 -26.02 11.95 11.15
CA PRO B 105 -24.81 11.50 11.85
C PRO B 105 -25.08 11.15 13.31
N ILE B 106 -24.74 9.91 13.67
CA ILE B 106 -24.84 9.45 15.05
C ILE B 106 -23.52 9.70 15.77
N THR B 107 -23.54 10.51 16.83
CA THR B 107 -22.38 10.70 17.71
C THR B 107 -22.14 9.43 18.51
N GLN B 108 -20.89 9.16 18.85
CA GLN B 108 -20.50 7.97 19.57
C GLN B 108 -20.99 8.04 20.98
N MET B 109 -21.44 6.90 21.47
CA MET B 109 -21.98 6.78 22.81
C MET B 109 -20.85 6.57 23.81
N TYR B 110 -19.90 5.70 23.43
CA TYR B 110 -18.70 5.43 24.23
C TYR B 110 -17.43 5.58 23.40
N THR B 111 -16.36 6.06 24.04
CA THR B 111 -15.07 6.26 23.39
C THR B 111 -13.96 5.93 24.41
N ASN B 112 -13.53 4.68 24.45
CA ASN B 112 -12.49 4.30 25.39
C ASN B 112 -11.15 4.11 24.66
N VAL B 113 -10.41 5.21 24.51
CA VAL B 113 -9.16 5.22 23.74
C VAL B 113 -8.12 4.25 24.35
N ASP B 114 -8.08 4.18 25.67
CA ASP B 114 -7.21 3.26 26.42
C ASP B 114 -7.38 1.79 26.03
N GLN B 115 -8.61 1.39 25.70
CA GLN B 115 -8.91 -0.01 25.32
C GLN B 115 -9.07 -0.22 23.79
N ASP B 116 -8.75 0.80 23.00
CA ASP B 116 -8.93 0.72 21.54
C ASP B 116 -10.36 0.28 21.26
N LEU B 117 -11.30 0.98 21.89
CA LEU B 117 -12.72 0.66 21.80
C LEU B 117 -13.63 1.93 21.75
N VAL B 118 -14.52 1.93 20.77
CA VAL B 118 -15.55 2.92 20.62
C VAL B 118 -16.87 2.20 20.30
N GLY B 119 -17.97 2.94 20.38
CA GLY B 119 -19.28 2.32 20.25
C GLY B 119 -20.43 3.27 20.05
N TRP B 120 -21.28 2.93 19.10
CA TRP B 120 -22.50 3.66 18.82
C TRP B 120 -23.74 2.85 19.23
N GLN B 121 -24.83 3.55 19.55
CA GLN B 121 -26.12 2.93 19.82
C GLN B 121 -26.52 2.12 18.59
N ALA B 122 -26.85 0.85 18.78
CA ALA B 122 -27.25 -0.05 17.69
C ALA B 122 -28.48 0.47 16.93
N PRO B 123 -28.36 0.68 15.60
CA PRO B 123 -29.54 1.10 14.83
C PRO B 123 -30.60 -0.01 14.70
N PRO B 124 -31.86 0.38 14.42
CA PRO B 124 -32.93 -0.62 14.32
C PRO B 124 -32.66 -1.65 13.22
N GLY B 125 -33.02 -2.90 13.50
CA GLY B 125 -32.75 -4.00 12.58
C GLY B 125 -31.44 -4.73 12.86
N ALA B 126 -30.58 -4.12 13.68
CA ALA B 126 -29.36 -4.79 14.15
C ALA B 126 -29.72 -5.78 15.24
N ARG B 127 -29.14 -6.98 15.16
CA ARG B 127 -29.25 -7.97 16.24
C ARG B 127 -28.01 -7.88 17.09
N SER B 128 -28.14 -8.19 18.37
CA SER B 128 -26.98 -8.18 19.25
C SER B 128 -26.54 -9.56 19.66
N LEU B 129 -25.24 -9.79 19.68
CA LEU B 129 -24.70 -11.00 20.27
C LEU B 129 -24.78 -10.76 21.75
N THR B 130 -24.99 -11.82 22.52
CA THR B 130 -25.03 -11.70 23.95
C THR B 130 -23.68 -12.23 24.40
N PRO B 131 -23.17 -11.71 25.53
CA PRO B 131 -21.84 -12.02 26.05
C PRO B 131 -21.65 -13.46 26.46
N CYS B 132 -20.46 -14.00 26.20
CA CYS B 132 -20.14 -15.37 26.57
C CYS B 132 -19.92 -15.46 28.07
N THR B 133 -20.81 -16.20 28.72
CA THR B 133 -20.81 -16.39 30.18
C THR B 133 -19.75 -17.40 30.59
N CYS B 134 -20.01 -18.68 30.27
CA CYS B 134 -19.15 -19.82 30.65
C CYS B 134 -17.65 -19.62 30.35
N GLY B 135 -17.33 -19.22 29.13
CA GLY B 135 -15.95 -19.00 28.71
C GLY B 135 -15.29 -20.30 28.29
N SER B 136 -15.40 -20.64 27.01
CA SER B 136 -14.64 -21.76 26.46
C SER B 136 -13.19 -21.29 26.20
N SER B 137 -12.27 -22.25 26.14
CA SER B 137 -10.90 -21.97 25.69
C SER B 137 -10.87 -21.98 24.17
N ASP B 138 -11.88 -22.60 23.58
CA ASP B 138 -11.97 -22.74 22.15
C ASP B 138 -12.82 -21.56 21.64
N LEU B 139 -12.30 -20.87 20.63
CA LEU B 139 -12.92 -19.62 20.15
C LEU B 139 -12.77 -19.53 18.64
N TYR B 140 -13.72 -18.86 18.02
CA TYR B 140 -13.68 -18.71 16.59
C TYR B 140 -13.72 -17.22 16.25
N LEU B 141 -12.79 -16.81 15.41
CA LEU B 141 -12.74 -15.43 14.94
C LEU B 141 -13.44 -15.40 13.60
N VAL B 142 -14.42 -14.50 13.47
CA VAL B 142 -15.07 -14.25 12.20
C VAL B 142 -14.27 -13.14 11.55
N THR B 143 -13.87 -13.34 10.28
CA THR B 143 -13.11 -12.30 9.54
C THR B 143 -14.03 -11.54 8.59
N ARG B 144 -13.53 -10.46 8.00
CA ARG B 144 -14.34 -9.70 7.06
C ARG B 144 -14.73 -10.54 5.82
N HIS B 145 -13.94 -11.56 5.48
CA HIS B 145 -14.22 -12.38 4.29
C HIS B 145 -15.18 -13.52 4.60
N ALA B 146 -15.68 -13.57 5.84
CA ALA B 146 -16.65 -14.59 6.29
C ALA B 146 -16.01 -15.92 6.64
N ASP B 147 -14.70 -15.94 6.92
CA ASP B 147 -14.06 -17.14 7.48
C ASP B 147 -14.31 -17.25 8.98
N VAL B 148 -14.23 -18.49 9.48
CA VAL B 148 -14.38 -18.77 10.91
C VAL B 148 -13.11 -19.48 11.38
N ILE B 149 -12.17 -18.68 11.89
CA ILE B 149 -10.83 -19.12 12.29
C ILE B 149 -10.78 -19.56 13.74
N PRO B 150 -10.42 -20.83 14.00
CA PRO B 150 -10.35 -21.32 15.39
C PRO B 150 -9.23 -20.68 16.20
N VAL B 151 -9.45 -20.48 17.48
CA VAL B 151 -8.47 -19.84 18.35
C VAL B 151 -8.58 -20.43 19.73
N ARG B 152 -7.42 -20.72 20.31
CA ARG B 152 -7.29 -21.17 21.68
C ARG B 152 -6.91 -19.95 22.54
N ARG B 153 -7.74 -19.63 23.53
CA ARG B 153 -7.50 -18.47 24.40
C ARG B 153 -6.26 -18.74 25.23
N ARG B 154 -5.38 -17.75 25.38
CA ARG B 154 -4.21 -17.86 26.29
C ARG B 154 -4.28 -16.95 27.52
N GLY B 155 -5.23 -16.02 27.54
CA GLY B 155 -5.30 -15.04 28.61
C GLY B 155 -6.54 -14.17 28.49
N ASP B 156 -6.53 -13.02 29.15
CA ASP B 156 -7.69 -12.11 29.08
C ASP B 156 -7.86 -11.57 27.68
N SER B 157 -6.78 -11.09 27.07
CA SER B 157 -6.86 -10.41 25.77
C SER B 157 -6.09 -11.12 24.65
N ARG B 158 -5.83 -12.43 24.82
CA ARG B 158 -4.87 -13.14 23.95
C ARG B 158 -5.35 -14.50 23.56
N GLY B 159 -5.31 -14.78 22.26
CA GLY B 159 -5.58 -16.10 21.72
C GLY B 159 -4.57 -16.48 20.65
N SER B 160 -4.28 -17.78 20.54
CA SER B 160 -3.38 -18.25 19.49
C SER B 160 -4.19 -18.91 18.37
N LEU B 161 -3.81 -18.58 17.14
CA LEU B 161 -4.45 -19.15 15.97
C LEU B 161 -3.97 -20.60 15.89
N LEU B 162 -4.90 -21.54 15.73
CA LEU B 162 -4.56 -22.96 15.59
C LEU B 162 -3.69 -23.15 14.36
N SER B 163 -4.07 -22.52 13.25
CA SER B 163 -3.26 -22.49 12.04
C SER B 163 -2.61 -21.09 11.86
N PRO B 164 -1.31 -21.02 12.07
CA PRO B 164 -0.62 -19.76 11.79
C PRO B 164 -0.85 -19.33 10.35
N ARG B 165 -1.31 -18.09 10.17
CA ARG B 165 -1.61 -17.56 8.85
C ARG B 165 -0.83 -16.28 8.62
N PRO B 166 -0.59 -15.94 7.33
CA PRO B 166 0.05 -14.67 7.03
C PRO B 166 -0.70 -13.53 7.73
N VAL B 167 -0.04 -12.42 8.00
CA VAL B 167 -0.72 -11.31 8.67
C VAL B 167 -1.80 -10.67 7.78
N SER B 168 -1.49 -10.52 6.51
CA SER B 168 -2.38 -9.84 5.60
C SER B 168 -3.76 -10.52 5.41
N TYR B 169 -3.88 -11.76 5.84
CA TYR B 169 -5.14 -12.52 5.82
C TYR B 169 -6.20 -11.87 6.74
N LEU B 170 -5.73 -11.35 7.88
CA LEU B 170 -6.58 -10.71 8.88
C LEU B 170 -6.83 -9.21 8.65
N LYS B 171 -6.23 -8.63 7.61
CA LYS B 171 -6.39 -7.19 7.43
C LYS B 171 -7.81 -6.82 6.98
N GLY B 172 -8.33 -5.73 7.54
CA GLY B 172 -9.71 -5.35 7.35
C GLY B 172 -10.67 -5.96 8.38
N SER B 173 -10.17 -6.77 9.31
CA SER B 173 -11.04 -7.43 10.27
C SER B 173 -11.02 -6.89 11.70
N SER B 174 -10.33 -5.79 11.94
CA SER B 174 -10.41 -5.10 13.23
C SER B 174 -11.88 -4.89 13.53
N GLY B 175 -12.27 -5.15 14.76
CA GLY B 175 -13.65 -5.00 15.18
C GLY B 175 -14.56 -6.21 14.97
N GLY B 176 -14.02 -7.31 14.48
CA GLY B 176 -14.82 -8.51 14.25
C GLY B 176 -14.94 -9.31 15.52
N PRO B 177 -15.98 -10.16 15.61
CA PRO B 177 -16.24 -10.89 16.85
C PRO B 177 -15.37 -12.10 16.98
N LEU B 178 -14.91 -12.36 18.20
CA LEU B 178 -14.45 -13.67 18.63
C LEU B 178 -15.63 -14.27 19.39
N LEU B 179 -15.94 -15.53 19.07
CA LEU B 179 -17.13 -16.22 19.55
C LEU B 179 -16.73 -17.50 20.24
N CYS B 180 -17.51 -17.88 21.25
CA CYS B 180 -17.40 -19.22 21.84
C CYS B 180 -18.21 -20.16 20.95
N PRO B 181 -18.12 -21.50 21.18
CA PRO B 181 -18.87 -22.47 20.38
C PRO B 181 -20.37 -22.18 20.28
N SER B 182 -20.97 -21.78 21.40
CA SER B 182 -22.40 -21.46 21.44
C SER B 182 -22.79 -20.20 20.66
N GLY B 183 -21.83 -19.38 20.26
CA GLY B 183 -22.11 -18.18 19.44
C GLY B 183 -22.25 -16.86 20.21
N HIS B 184 -21.98 -16.92 21.51
CA HIS B 184 -21.95 -15.71 22.33
C HIS B 184 -20.57 -15.03 22.16
N ALA B 185 -20.57 -13.70 22.23
CA ALA B 185 -19.35 -12.93 22.01
C ALA B 185 -18.36 -12.99 23.19
N VAL B 186 -17.12 -13.37 22.92
CA VAL B 186 -16.03 -13.28 23.93
C VAL B 186 -15.22 -11.96 23.87
N GLY B 187 -15.31 -11.25 22.76
CA GLY B 187 -14.58 -9.99 22.56
C GLY B 187 -14.53 -9.60 21.10
N ILE B 188 -13.94 -8.44 20.80
CA ILE B 188 -13.73 -8.07 19.41
C ILE B 188 -12.25 -8.01 19.12
N PHE B 189 -11.88 -8.50 17.93
CA PHE B 189 -10.51 -8.57 17.44
C PHE B 189 -9.93 -7.18 17.25
N ARG B 190 -8.74 -6.93 17.78
CA ARG B 190 -8.08 -5.61 17.61
C ARG B 190 -6.71 -5.58 16.93
N ALA B 191 -5.89 -6.63 17.06
CA ALA B 191 -4.52 -6.62 16.47
C ALA B 191 -3.94 -8.03 16.26
N ALA B 192 -3.10 -8.20 15.23
CA ALA B 192 -2.38 -9.47 15.06
C ALA B 192 -1.14 -9.41 15.93
N VAL B 193 -0.75 -10.56 16.49
CA VAL B 193 0.57 -10.74 17.11
C VAL B 193 1.44 -11.51 16.11
N CYS B 194 2.25 -10.78 15.35
CA CYS B 194 3.21 -11.30 14.38
C CYS B 194 4.52 -11.88 14.95
N THR B 195 4.99 -12.96 14.32
CA THR B 195 6.38 -13.43 14.47
C THR B 195 6.99 -13.46 13.08
N ARG B 196 7.93 -12.58 12.80
CA ARG B 196 8.52 -12.45 11.46
C ARG B 196 7.49 -12.51 10.34
N GLY B 197 6.47 -11.68 10.43
CA GLY B 197 5.55 -11.47 9.31
C GLY B 197 4.42 -12.47 9.21
N VAL B 198 4.30 -13.35 10.19
CA VAL B 198 3.26 -14.36 10.19
C VAL B 198 2.46 -14.29 11.49
N ALA B 199 1.14 -14.34 11.38
CA ALA B 199 0.27 -14.14 12.52
C ALA B 199 0.12 -15.46 13.27
N LYS B 200 0.55 -15.51 14.52
CA LYS B 200 0.40 -16.70 15.35
C LYS B 200 -0.59 -16.49 16.50
N ALA B 201 -0.91 -15.23 16.79
CA ALA B 201 -1.88 -14.95 17.85
C ALA B 201 -2.77 -13.75 17.51
N VAL B 202 -3.74 -13.48 18.39
CA VAL B 202 -4.61 -12.33 18.24
C VAL B 202 -4.92 -11.63 19.58
N ASP B 203 -4.81 -10.31 19.51
CA ASP B 203 -5.20 -9.42 20.59
C ASP B 203 -6.64 -9.06 20.31
N PHE B 204 -7.49 -9.18 21.33
CA PHE B 204 -8.87 -8.75 21.22
C PHE B 204 -9.25 -7.92 22.46
N VAL B 205 -10.29 -7.11 22.32
CA VAL B 205 -10.92 -6.41 23.45
C VAL B 205 -11.96 -7.32 24.10
N PRO B 206 -11.74 -7.73 25.36
CA PRO B 206 -12.70 -8.56 26.11
C PRO B 206 -14.11 -7.98 26.23
N VAL B 207 -15.12 -8.84 26.23
CA VAL B 207 -16.50 -8.40 26.40
C VAL B 207 -16.72 -7.68 27.73
N GLU B 208 -15.94 -8.06 28.74
CA GLU B 208 -15.95 -7.43 30.06
C GLU B 208 -15.36 -6.00 30.07
N SER B 209 -14.49 -5.69 29.11
CA SER B 209 -14.04 -4.30 28.92
C SER B 209 -15.15 -3.43 28.31
N MET B 210 -16.05 -4.06 27.56
CA MET B 210 -17.18 -3.36 26.99
C MET B 210 -18.20 -3.10 28.05
N GLU B 211 -18.46 -4.09 28.92
CA GLU B 211 -19.45 -3.89 29.96
C GLU B 211 -18.92 -2.88 30.98
N THR B 212 -17.62 -2.90 31.24
CA THR B 212 -17.01 -1.82 32.05
C THR B 212 -17.18 -0.43 31.42
N THR B 213 -17.09 -0.35 30.10
CA THR B 213 -17.19 0.93 29.42
C THR B 213 -18.62 1.43 29.47
N MET B 214 -19.58 0.51 29.45
CA MET B 214 -20.99 0.88 29.53
C MET B 214 -21.42 1.37 30.91
N ARG B 215 -20.58 1.16 31.91
CA ARG B 215 -20.83 1.54 33.30
C ARG B 215 -20.04 2.79 33.75
N SER B 216 -19.11 3.28 32.93
CA SER B 216 -18.42 4.55 33.22
C SER B 216 -19.24 5.72 32.65
N PRO B 217 -19.02 6.94 33.16
CA PRO B 217 -19.81 8.09 32.65
C PRO B 217 -19.41 8.59 31.25
N VAL B 218 -20.37 9.15 30.50
CA VAL B 218 -20.09 9.81 29.21
C VAL B 218 -19.66 11.28 29.45
N PHE B 219 -19.86 11.77 30.67
CA PHE B 219 -19.55 13.15 31.07
C PHE B 219 -18.79 13.15 32.41
N THR B 220 -17.47 13.05 32.34
CA THR B 220 -16.61 13.31 33.50
C THR B 220 -16.01 14.70 33.32
N ASP B 221 -16.31 15.61 34.25
CA ASP B 221 -15.83 16.99 34.15
C ASP B 221 -14.38 17.07 34.67
N ASN B 222 -13.49 17.51 33.78
CA ASN B 222 -12.06 17.64 34.05
C ASN B 222 -11.59 19.10 33.95
N SER B 223 -12.51 20.05 33.83
CA SER B 223 -12.15 21.46 33.59
C SER B 223 -11.70 22.25 34.85
N SER B 224 -11.71 21.61 36.03
CA SER B 224 -11.22 22.24 37.25
C SER B 224 -10.07 21.45 37.92
N PRO B 225 -9.02 22.15 38.36
CA PRO B 225 -7.96 21.46 39.11
C PRO B 225 -8.53 20.71 40.29
N PRO B 226 -8.01 19.51 40.57
CA PRO B 226 -8.44 18.80 41.78
C PRO B 226 -7.89 19.48 42.99
N ALA B 227 -8.49 19.20 44.15
CA ALA B 227 -7.93 19.59 45.45
C ALA B 227 -6.88 18.55 45.81
N VAL B 228 -5.85 18.95 46.56
CA VAL B 228 -4.74 18.04 46.83
C VAL B 228 -5.20 16.92 47.75
N PRO B 229 -4.86 15.66 47.43
CA PRO B 229 -5.34 14.53 48.25
C PRO B 229 -4.41 14.11 49.39
N GLN B 230 -4.97 13.39 50.36
CA GLN B 230 -4.24 12.92 51.52
C GLN B 230 -3.09 11.97 51.13
N SER B 231 -3.30 11.18 50.06
CA SER B 231 -2.23 10.38 49.48
C SER B 231 -2.25 10.39 47.95
N PHE B 232 -1.22 9.78 47.35
CA PHE B 232 -0.89 9.96 45.93
C PHE B 232 -2.02 9.65 44.96
N GLN B 233 -2.24 10.53 43.99
CA GLN B 233 -3.22 10.34 42.92
C GLN B 233 -2.79 11.03 41.62
N VAL B 234 -3.07 10.40 40.47
CA VAL B 234 -2.92 11.06 39.16
C VAL B 234 -4.27 11.63 38.74
N ALA B 235 -4.31 12.89 38.32
CA ALA B 235 -5.57 13.53 37.94
C ALA B 235 -5.50 14.24 36.58
N HIS B 236 -6.62 14.39 35.89
CA HIS B 236 -6.61 15.01 34.56
C HIS B 236 -7.24 16.41 34.52
N LEU B 237 -6.55 17.34 33.86
CA LEU B 237 -7.08 18.68 33.68
C LEU B 237 -7.25 19.02 32.20
N HIS B 238 -8.51 19.18 31.78
CA HIS B 238 -8.83 19.57 30.42
C HIS B 238 -9.38 21.01 30.37
N ALA B 239 -8.58 21.92 29.81
CA ALA B 239 -8.98 23.30 29.68
C ALA B 239 -8.03 23.99 28.71
N PRO B 240 -8.49 25.04 27.99
CA PRO B 240 -7.68 25.67 26.93
C PRO B 240 -6.48 26.46 27.44
N THR B 241 -5.53 26.71 26.55
CA THR B 241 -4.37 27.56 26.86
C THR B 241 -4.87 28.98 27.09
N GLY B 242 -4.34 29.62 28.13
CA GLY B 242 -4.76 30.96 28.53
C GLY B 242 -5.56 30.90 29.81
N SER B 243 -6.30 29.82 29.99
CA SER B 243 -7.19 29.65 31.16
C SER B 243 -6.45 29.61 32.48
N GLY B 244 -5.12 29.62 32.46
CA GLY B 244 -4.32 29.64 33.68
C GLY B 244 -4.13 28.26 34.29
N LYS B 245 -4.26 27.23 33.45
CA LYS B 245 -3.85 25.87 33.82
C LYS B 245 -2.37 25.82 34.27
N SER B 246 -1.58 26.74 33.72
CA SER B 246 -0.14 26.75 33.92
C SER B 246 0.33 27.91 34.81
N THR B 247 -0.55 28.89 35.04
CA THR B 247 -0.21 30.10 35.77
C THR B 247 -1.07 30.24 37.04
N LYS B 248 -2.33 30.62 36.90
CA LYS B 248 -3.26 30.75 38.07
C LYS B 248 -3.27 29.50 38.97
N VAL B 249 -3.34 28.32 38.37
CA VAL B 249 -3.52 27.11 39.16
C VAL B 249 -2.31 26.76 40.00
N PRO B 250 -1.11 26.85 39.43
CA PRO B 250 0.05 26.65 40.31
C PRO B 250 0.17 27.69 41.42
N ALA B 251 -0.19 28.94 41.11
CA ALA B 251 -0.32 29.99 42.11
C ALA B 251 -1.30 29.62 43.24
N ALA B 252 -2.57 29.33 42.89
CA ALA B 252 -3.55 28.85 43.90
C ALA B 252 -2.93 27.80 44.80
N TYR B 253 -2.23 26.84 44.22
CA TYR B 253 -1.61 25.76 45.01
C TYR B 253 -0.51 26.30 45.92
N ALA B 254 0.30 27.21 45.39
CA ALA B 254 1.40 27.80 46.16
C ALA B 254 0.85 28.56 47.37
N ALA B 255 -0.22 29.34 47.16
CA ALA B 255 -0.94 30.02 48.26
C ALA B 255 -1.32 29.03 49.37
N GLN B 256 -1.95 27.90 49.03
CA GLN B 256 -2.27 26.90 50.07
C GLN B 256 -1.01 26.30 50.75
N GLY B 257 0.19 26.63 50.27
CA GLY B 257 1.41 26.26 50.98
C GLY B 257 2.21 25.10 50.40
N TYR B 258 1.88 24.72 49.17
CA TYR B 258 2.52 23.57 48.54
C TYR B 258 3.69 23.96 47.62
N LYS B 259 4.62 23.03 47.44
CA LYS B 259 5.65 23.13 46.41
C LYS B 259 5.20 22.47 45.08
N VAL B 260 5.24 23.21 43.98
CA VAL B 260 4.73 22.70 42.71
C VAL B 260 5.77 22.79 41.57
N LEU B 261 5.93 21.67 40.84
CA LEU B 261 6.77 21.60 39.62
C LEU B 261 5.83 21.54 38.42
N VAL B 262 5.98 22.49 37.50
CA VAL B 262 5.22 22.54 36.24
C VAL B 262 6.18 22.18 35.12
N LEU B 263 5.92 21.07 34.42
CA LEU B 263 6.71 20.60 33.25
C LEU B 263 6.04 21.03 31.95
N ASN B 264 6.86 21.40 30.98
CA ASN B 264 6.38 21.91 29.71
C ASN B 264 7.37 21.52 28.63
N PRO B 265 6.91 21.28 27.40
CA PRO B 265 7.86 20.78 26.39
C PRO B 265 8.56 21.88 25.59
N SER B 266 8.20 23.13 25.85
CA SER B 266 8.79 24.29 25.19
C SER B 266 9.69 25.12 26.11
N VAL B 267 10.88 25.43 25.61
CA VAL B 267 11.81 26.31 26.30
C VAL B 267 11.22 27.70 26.39
N ALA B 268 10.67 28.20 25.28
CA ALA B 268 10.11 29.54 25.21
C ALA B 268 8.91 29.78 26.15
N ALA B 269 8.06 28.77 26.32
CA ALA B 269 6.92 28.92 27.23
C ALA B 269 7.40 28.86 28.69
N THR B 270 8.32 27.95 28.99
CA THR B 270 8.89 27.86 30.33
C THR B 270 9.55 29.13 30.83
N LEU B 271 10.32 29.77 29.97
CA LEU B 271 11.02 31.00 30.32
C LEU B 271 10.03 32.14 30.49
N GLY B 272 8.99 32.14 29.64
CA GLY B 272 8.01 33.21 29.64
C GLY B 272 7.10 33.21 30.85
N PHE B 273 7.00 32.04 31.50
CA PHE B 273 6.31 31.93 32.79
C PHE B 273 7.08 32.67 33.90
N GLY B 274 8.40 32.73 33.78
CA GLY B 274 9.23 33.43 34.75
C GLY B 274 8.80 34.86 34.99
N ALA B 275 8.80 35.67 33.92
CA ALA B 275 8.40 37.07 34.05
C ALA B 275 6.89 37.21 34.11
N TYR B 276 6.16 36.16 33.74
CA TYR B 276 4.70 36.22 33.86
C TYR B 276 4.25 36.09 35.33
N MET B 277 4.75 35.08 36.04
CA MET B 277 4.39 34.90 37.46
C MET B 277 4.84 36.05 38.34
N SER B 278 5.98 36.63 38.00
CA SER B 278 6.53 37.74 38.77
C SER B 278 5.58 38.92 38.72
N LYS B 279 5.19 39.31 37.51
CA LYS B 279 4.25 40.41 37.31
C LYS B 279 2.91 40.11 37.98
N ALA B 280 2.37 38.92 37.72
CA ALA B 280 0.94 38.65 37.88
C ALA B 280 0.51 38.07 39.22
N HIS B 281 1.36 37.28 39.86
CA HIS B 281 1.03 36.67 41.15
C HIS B 281 2.18 36.82 42.14
N GLY B 282 3.05 37.81 41.93
CA GLY B 282 4.20 38.05 42.82
C GLY B 282 4.93 36.79 43.28
N ILE B 283 5.19 35.86 42.38
CA ILE B 283 6.02 34.69 42.70
C ILE B 283 7.19 34.69 41.70
N ASP B 284 8.42 34.78 42.21
CA ASP B 284 9.59 34.78 41.34
C ASP B 284 10.12 33.36 41.35
N PRO B 285 9.71 32.54 40.37
CA PRO B 285 9.88 31.11 40.45
C PRO B 285 11.20 30.62 39.96
N ASN B 286 11.45 29.35 40.22
CA ASN B 286 12.61 28.67 39.67
C ASN B 286 12.31 28.32 38.23
N ILE B 287 13.32 28.52 37.36
CA ILE B 287 13.24 28.23 35.93
C ILE B 287 14.36 27.29 35.59
N ARG B 288 14.05 26.24 34.84
CA ARG B 288 15.04 25.24 34.48
C ARG B 288 14.90 24.74 33.04
N THR B 289 15.63 25.40 32.14
CA THR B 289 15.78 24.96 30.75
C THR B 289 17.26 24.69 30.44
N GLY B 290 17.54 24.02 29.31
CA GLY B 290 18.91 23.68 28.93
C GLY B 290 19.75 24.92 28.73
N VAL B 291 19.16 25.92 28.10
CA VAL B 291 19.84 27.14 27.81
C VAL B 291 19.92 28.04 29.05
N ARG B 292 18.97 27.95 29.98
CA ARG B 292 18.96 28.87 31.12
C ARG B 292 18.42 28.27 32.41
N THR B 293 19.09 28.53 33.53
CA THR B 293 18.63 28.10 34.83
C THR B 293 18.69 29.24 35.85
N ILE B 294 17.58 29.44 36.55
CA ILE B 294 17.48 30.35 37.67
C ILE B 294 16.91 29.60 38.86
N THR B 295 17.63 29.59 39.98
CA THR B 295 17.08 29.16 41.27
C THR B 295 16.85 30.38 42.16
N THR B 296 15.60 30.66 42.52
CA THR B 296 15.30 31.73 43.46
C THR B 296 14.88 31.19 44.83
N GLY B 297 14.81 29.88 44.99
CA GLY B 297 14.20 29.27 46.18
C GLY B 297 12.68 29.51 46.36
N ALA B 298 11.99 29.78 45.26
CA ALA B 298 10.57 29.92 45.29
C ALA B 298 9.97 28.54 45.49
N PRO B 299 8.70 28.49 45.94
CA PRO B 299 8.00 27.20 46.10
C PRO B 299 7.41 26.67 44.78
N VAL B 300 7.54 27.44 43.69
CA VAL B 300 7.10 27.01 42.36
C VAL B 300 8.26 26.98 41.35
N THR B 301 8.33 25.90 40.57
CA THR B 301 9.37 25.70 39.57
C THR B 301 8.77 25.37 38.21
N TYR B 302 9.32 25.97 37.15
CA TYR B 302 8.91 25.66 35.78
C TYR B 302 10.14 25.09 35.08
N SER B 303 10.02 23.89 34.51
CA SER B 303 11.14 23.22 33.85
C SER B 303 10.68 22.55 32.56
N THR B 304 11.60 22.30 31.64
CA THR B 304 11.24 21.56 30.42
C THR B 304 11.23 20.10 30.83
N TYR B 305 10.54 19.24 30.08
CA TYR B 305 10.69 17.78 30.31
C TYR B 305 12.15 17.39 30.13
N GLY B 306 12.81 18.00 29.14
CA GLY B 306 14.22 17.70 28.84
C GLY B 306 15.17 18.03 29.99
N LYS B 307 15.08 19.24 30.53
CA LYS B 307 15.96 19.60 31.65
C LYS B 307 15.62 18.76 32.88
N PHE B 308 14.35 18.43 33.03
CA PHE B 308 13.92 17.56 34.12
C PHE B 308 14.63 16.19 34.09
N LEU B 309 14.78 15.63 32.88
CA LEU B 309 15.47 14.35 32.69
C LEU B 309 17.00 14.46 32.80
N ALA B 310 17.53 15.58 32.34
CA ALA B 310 18.96 15.88 32.51
C ALA B 310 19.33 15.93 34.00
N ASP B 311 18.43 16.45 34.84
CA ASP B 311 18.63 16.55 36.28
C ASP B 311 18.27 15.25 37.02
N GLY B 312 18.01 14.15 36.30
CA GLY B 312 17.82 12.83 36.92
C GLY B 312 16.40 12.46 37.36
N GLY B 313 15.41 13.25 36.98
CA GLY B 313 14.03 13.01 37.41
C GLY B 313 13.67 13.65 38.75
N CYS B 314 12.79 13.00 39.49
CA CYS B 314 12.27 13.51 40.77
C CYS B 314 13.28 13.42 41.90
N SER B 315 13.64 14.58 42.48
CA SER B 315 14.48 14.66 43.68
C SER B 315 13.70 14.36 44.96
N GLY B 316 14.21 13.44 45.77
CA GLY B 316 13.53 13.04 47.00
C GLY B 316 13.05 14.23 47.82
N GLY B 317 11.72 14.38 47.93
CA GLY B 317 11.10 15.34 48.86
C GLY B 317 10.85 16.73 48.34
N ALA B 318 11.40 17.04 47.17
CA ALA B 318 11.36 18.38 46.61
C ALA B 318 9.95 18.84 46.20
N TYR B 319 9.05 17.94 45.82
CA TYR B 319 7.73 18.45 45.35
C TYR B 319 6.49 17.71 45.85
N ASP B 320 5.43 18.50 46.02
CA ASP B 320 4.12 18.00 46.46
C ASP B 320 3.20 17.75 45.29
N ILE B 321 3.17 18.70 44.36
CA ILE B 321 2.35 18.60 43.16
C ILE B 321 3.29 18.63 41.95
N ILE B 322 3.09 17.72 40.99
CA ILE B 322 3.79 17.79 39.70
C ILE B 322 2.76 17.92 38.60
N ILE B 323 2.69 19.08 37.96
CA ILE B 323 1.81 19.30 36.85
C ILE B 323 2.48 19.11 35.46
N CYS B 324 2.11 18.08 34.73
CA CYS B 324 2.68 17.83 33.38
C CYS B 324 1.82 18.51 32.31
N ASP B 325 2.23 19.70 31.91
CA ASP B 325 1.50 20.49 30.93
C ASP B 325 1.79 19.94 29.51
N GLU B 326 0.88 20.23 28.57
CA GLU B 326 0.86 19.67 27.24
C GLU B 326 1.10 18.15 27.22
N CYS B 327 0.45 17.42 28.13
CA CYS B 327 0.53 15.97 28.18
C CYS B 327 -0.07 15.26 26.95
N HIS B 328 -0.70 16.02 26.04
CA HIS B 328 -1.08 15.53 24.70
C HIS B 328 0.08 15.44 23.74
N SER B 329 1.20 16.07 24.08
CA SER B 329 2.38 16.09 23.27
C SER B 329 2.98 14.65 23.20
N THR B 330 3.38 14.23 22.01
CA THR B 330 3.82 12.85 21.82
C THR B 330 5.21 12.80 21.21
N ASP B 331 6.01 13.81 21.49
CA ASP B 331 7.43 13.75 21.21
C ASP B 331 8.10 12.92 22.28
N SER B 332 9.32 12.49 22.00
CA SER B 332 9.97 11.51 22.84
C SER B 332 10.35 12.05 24.23
N THR B 333 10.84 13.28 24.28
CA THR B 333 11.18 13.93 25.54
C THR B 333 9.96 14.01 26.48
N THR B 334 8.81 14.42 25.99
CA THR B 334 7.61 14.54 26.83
C THR B 334 7.16 13.19 27.39
N ILE B 335 7.11 12.19 26.51
CA ILE B 335 6.74 10.85 26.88
C ILE B 335 7.69 10.30 27.93
N LEU B 336 8.98 10.38 27.66
CA LEU B 336 9.97 9.85 28.58
C LEU B 336 9.89 10.64 29.89
N GLY B 337 9.69 11.94 29.77
CA GLY B 337 9.57 12.80 30.94
C GLY B 337 8.32 12.54 31.78
N ILE B 338 7.17 12.43 31.14
CA ILE B 338 5.93 12.09 31.86
C ILE B 338 5.98 10.73 32.55
N GLY B 339 6.64 9.76 31.94
CA GLY B 339 6.68 8.42 32.51
C GLY B 339 7.69 8.31 33.66
N THR B 340 8.65 9.21 33.65
CA THR B 340 9.57 9.38 34.76
C THR B 340 8.77 9.92 35.97
N VAL B 341 8.11 11.06 35.82
CA VAL B 341 7.21 11.53 36.85
C VAL B 341 6.36 10.41 37.42
N LEU B 342 5.65 9.69 36.54
CA LEU B 342 4.67 8.66 36.97
C LEU B 342 5.35 7.48 37.65
N ASP B 343 6.62 7.23 37.34
CA ASP B 343 7.35 6.14 37.99
C ASP B 343 7.92 6.53 39.36
N GLN B 344 8.19 7.84 39.54
CA GLN B 344 8.96 8.32 40.67
C GLN B 344 8.19 9.18 41.68
N ALA B 345 7.08 9.77 41.26
CA ALA B 345 6.39 10.79 42.04
C ALA B 345 6.05 10.33 43.46
N GLU B 346 5.39 9.18 43.59
CA GLU B 346 4.94 8.73 44.90
C GLU B 346 6.12 8.49 45.86
N THR B 347 7.17 7.81 45.37
CA THR B 347 8.39 7.60 46.18
C THR B 347 9.22 8.85 46.48
N ALA B 348 9.08 9.91 45.68
CA ALA B 348 9.70 11.21 45.98
C ALA B 348 8.79 12.06 46.89
N GLY B 349 7.68 11.45 47.35
CA GLY B 349 6.78 12.10 48.29
C GLY B 349 5.74 13.00 47.66
N ALA B 350 5.51 12.90 46.35
CA ALA B 350 4.43 13.62 45.72
C ALA B 350 3.11 13.05 46.19
N ARG B 351 2.12 13.93 46.30
CA ARG B 351 0.75 13.53 46.59
C ARG B 351 -0.17 13.67 45.37
N LEU B 352 0.31 14.34 44.33
CA LEU B 352 -0.53 14.71 43.21
C LEU B 352 0.26 14.88 41.91
N VAL B 353 -0.10 14.11 40.89
CA VAL B 353 0.33 14.40 39.53
C VAL B 353 -0.89 14.83 38.76
N VAL B 354 -0.79 15.93 38.03
CA VAL B 354 -1.89 16.42 37.21
C VAL B 354 -1.50 16.40 35.73
N LEU B 355 -2.20 15.61 34.93
CA LEU B 355 -1.89 15.60 33.49
C LEU B 355 -2.77 16.61 32.74
N ALA B 356 -2.15 17.68 32.26
CA ALA B 356 -2.92 18.81 31.77
C ALA B 356 -2.77 19.00 30.26
N THR B 357 -3.91 19.22 29.59
CA THR B 357 -3.93 19.47 28.14
C THR B 357 -5.28 20.08 27.73
N ALA B 358 -5.31 20.83 26.63
CA ALA B 358 -6.59 21.24 26.04
C ALA B 358 -7.10 20.22 25.05
N THR B 359 -6.27 19.23 24.70
CA THR B 359 -6.60 18.30 23.62
C THR B 359 -6.26 16.85 23.97
N PRO B 360 -7.05 16.24 24.87
CA PRO B 360 -6.78 14.88 25.31
C PRO B 360 -7.08 13.86 24.20
N PRO B 361 -6.55 12.62 24.31
CA PRO B 361 -6.85 11.58 23.29
C PRO B 361 -8.34 11.40 23.12
N GLY B 362 -8.82 11.43 21.89
CA GLY B 362 -10.24 11.30 21.64
C GLY B 362 -10.91 12.61 21.39
N SER B 363 -10.21 13.71 21.64
CA SER B 363 -10.75 15.04 21.28
C SER B 363 -10.95 15.15 19.77
N VAL B 364 -11.94 15.93 19.36
CA VAL B 364 -12.10 16.37 17.98
C VAL B 364 -12.05 17.91 17.96
N THR B 365 -11.96 18.52 16.79
CA THR B 365 -11.92 19.98 16.73
C THR B 365 -13.34 20.51 16.55
N VAL B 366 -13.84 21.16 17.60
CA VAL B 366 -15.12 21.88 17.59
C VAL B 366 -14.93 23.36 17.21
N PRO B 367 -15.99 23.99 16.68
CA PRO B 367 -15.90 25.43 16.42
C PRO B 367 -15.39 26.23 17.63
N HIS B 368 -14.77 27.35 17.34
CA HIS B 368 -14.25 28.24 18.34
C HIS B 368 -14.93 29.59 18.06
N PRO B 369 -15.50 30.20 19.12
CA PRO B 369 -16.26 31.47 18.96
C PRO B 369 -15.40 32.61 18.37
N ASN B 370 -14.22 32.77 18.93
CA ASN B 370 -13.27 33.78 18.52
C ASN B 370 -12.56 33.52 17.17
N ILE B 371 -12.88 32.43 16.46
CA ILE B 371 -12.15 32.07 15.21
C ILE B 371 -13.08 31.77 14.06
N GLU B 372 -12.97 32.56 12.99
CA GLU B 372 -13.73 32.34 11.78
C GLU B 372 -12.88 31.46 10.89
N GLU B 373 -13.53 30.48 10.28
CA GLU B 373 -12.88 29.49 9.45
C GLU B 373 -13.32 29.56 7.99
N VAL B 374 -12.36 29.59 7.09
CA VAL B 374 -12.66 29.83 5.69
C VAL B 374 -11.74 28.95 4.89
N ALA B 375 -12.30 27.90 4.32
CA ALA B 375 -11.60 27.10 3.34
C ALA B 375 -10.93 28.04 2.34
N LEU B 376 -9.73 27.67 1.92
CA LEU B 376 -9.07 28.28 0.78
C LEU B 376 -9.66 27.75 -0.54
N SER B 377 -9.52 28.54 -1.60
CA SER B 377 -10.05 28.23 -2.92
C SER B 377 -8.88 28.18 -3.87
N ASN B 378 -9.16 28.21 -5.16
CA ASN B 378 -8.11 28.32 -6.15
C ASN B 378 -7.87 29.74 -6.56
N THR B 379 -8.71 30.66 -6.10
CA THR B 379 -8.52 32.03 -6.48
C THR B 379 -7.53 32.64 -5.43
N GLY B 380 -6.36 33.04 -5.93
CA GLY B 380 -5.28 33.58 -5.12
C GLY B 380 -4.05 33.77 -6.02
N GLU B 381 -3.19 34.70 -5.63
CA GLU B 381 -2.00 34.99 -6.39
C GLU B 381 -0.89 34.01 -6.02
N ILE B 382 -1.02 33.39 -4.84
CA ILE B 382 0.04 32.58 -4.24
C ILE B 382 -0.39 31.12 -4.11
N PRO B 383 0.26 30.21 -4.85
CA PRO B 383 -0.12 28.79 -4.74
C PRO B 383 0.23 28.18 -3.37
N PHE B 384 -0.63 27.29 -2.88
CA PHE B 384 -0.42 26.70 -1.60
C PHE B 384 -1.10 25.35 -1.43
N TYR B 385 -0.30 24.30 -1.55
CA TYR B 385 -0.76 22.92 -1.38
C TYR B 385 -1.96 22.63 -2.26
N GLY B 386 -1.86 23.06 -3.52
CA GLY B 386 -2.94 22.88 -4.49
C GLY B 386 -4.08 23.88 -4.43
N LYS B 387 -4.08 24.74 -3.40
CA LYS B 387 -5.06 25.83 -3.33
C LYS B 387 -4.30 27.17 -3.44
N ALA B 388 -4.94 28.26 -3.02
CA ALA B 388 -4.38 29.59 -3.25
C ALA B 388 -4.56 30.47 -2.04
N ILE B 389 -3.63 31.39 -1.86
CA ILE B 389 -3.73 32.46 -0.86
C ILE B 389 -3.74 33.77 -1.65
N PRO B 390 -4.78 34.59 -1.41
CA PRO B 390 -4.83 35.94 -1.99
C PRO B 390 -3.85 36.85 -1.29
N ILE B 391 -3.14 37.71 -2.03
CA ILE B 391 -2.28 38.73 -1.42
C ILE B 391 -3.00 39.57 -0.35
N GLU B 392 -4.25 39.95 -0.59
CA GLU B 392 -5.01 40.75 0.37
C GLU B 392 -5.20 40.09 1.73
N ALA B 393 -5.14 38.77 1.75
CA ALA B 393 -5.35 38.04 2.98
C ALA B 393 -4.16 38.17 3.94
N ILE B 394 -2.99 38.52 3.40
CA ILE B 394 -1.76 38.54 4.21
C ILE B 394 -0.88 39.77 4.02
N ARG B 395 -1.36 40.74 3.26
CA ARG B 395 -0.58 41.94 3.03
C ARG B 395 -0.46 42.71 4.36
N GLY B 396 -1.57 43.16 4.92
CA GLY B 396 -1.46 43.76 6.24
C GLY B 396 -1.35 42.76 7.37
N GLY B 397 -0.65 43.11 8.43
CA GLY B 397 -0.71 42.38 9.70
C GLY B 397 0.34 41.32 9.96
N ARG B 398 0.04 40.49 10.98
CA ARG B 398 0.85 39.38 11.43
C ARG B 398 0.12 38.06 11.14
N HIS B 399 0.75 37.19 10.33
CA HIS B 399 0.12 35.96 9.84
C HIS B 399 1.08 34.79 9.93
N LEU B 400 0.50 33.63 10.23
CA LEU B 400 1.24 32.40 10.47
C LEU B 400 0.81 31.37 9.45
N ILE B 401 1.73 30.95 8.60
CA ILE B 401 1.43 29.96 7.61
C ILE B 401 2.21 28.73 8.01
N PHE B 402 1.49 27.65 8.31
CA PHE B 402 2.12 26.37 8.59
C PHE B 402 2.37 25.60 7.30
N CYS B 403 3.59 25.12 7.08
CA CYS B 403 3.93 24.18 6.00
C CYS B 403 4.52 22.90 6.60
N HIS B 404 4.58 21.82 5.81
CA HIS B 404 4.94 20.52 6.36
C HIS B 404 6.45 20.38 6.51
N SER B 405 7.23 21.01 5.63
CA SER B 405 8.69 20.83 5.65
C SER B 405 9.41 22.13 5.68
N LYS B 406 10.69 22.11 6.03
CA LYS B 406 11.50 23.32 5.91
C LYS B 406 11.65 23.76 4.46
N LYS B 407 11.81 22.80 3.55
CA LYS B 407 12.03 23.13 2.14
C LYS B 407 10.87 23.99 1.64
N LYS B 408 9.65 23.59 1.96
CA LYS B 408 8.48 24.34 1.53
C LYS B 408 8.35 25.72 2.25
N CYS B 409 8.72 25.82 3.52
CA CYS B 409 8.84 27.12 4.18
C CYS B 409 9.77 28.11 3.47
N ASP B 410 10.97 27.65 3.15
CA ASP B 410 11.93 28.42 2.34
C ASP B 410 11.35 28.86 1.02
N GLU B 411 10.64 27.96 0.35
CA GLU B 411 10.05 28.30 -0.95
C GLU B 411 9.02 29.44 -0.78
N LEU B 412 8.07 29.28 0.15
CA LEU B 412 6.99 30.27 0.37
C LEU B 412 7.51 31.67 0.89
N ALA B 413 8.48 31.65 1.81
CA ALA B 413 9.08 32.86 2.30
C ALA B 413 9.75 33.63 1.16
N ALA B 414 10.46 32.91 0.29
CA ALA B 414 11.09 33.49 -0.91
C ALA B 414 10.04 34.12 -1.86
N LYS B 415 8.98 33.40 -2.18
CA LYS B 415 7.99 33.99 -3.06
C LYS B 415 7.45 35.28 -2.42
N LEU B 416 6.99 35.17 -1.17
CA LEU B 416 6.36 36.29 -0.49
C LEU B 416 7.31 37.47 -0.38
N SER B 417 8.57 37.25 -0.03
CA SER B 417 9.53 38.35 -0.01
C SER B 417 9.68 39.02 -1.39
N GLY B 418 9.59 38.22 -2.45
CA GLY B 418 9.78 38.69 -3.82
C GLY B 418 8.61 39.46 -4.36
N LEU B 419 7.48 39.38 -3.67
CA LEU B 419 6.35 40.28 -3.90
C LEU B 419 6.35 41.45 -2.90
N GLY B 420 7.41 41.61 -2.12
CA GLY B 420 7.49 42.68 -1.14
C GLY B 420 6.62 42.52 0.10
N ILE B 421 6.12 41.31 0.34
CA ILE B 421 5.57 41.02 1.65
C ILE B 421 6.71 40.68 2.61
N ASN B 422 6.69 41.27 3.79
CA ASN B 422 7.73 41.03 4.76
C ASN B 422 7.56 39.63 5.35
N ALA B 423 8.41 38.69 4.91
CA ALA B 423 8.21 37.27 5.23
C ALA B 423 9.45 36.62 5.77
N VAL B 424 9.24 35.58 6.54
CA VAL B 424 10.31 35.02 7.33
C VAL B 424 9.95 33.55 7.55
N ALA B 425 10.95 32.67 7.41
CA ALA B 425 10.78 31.22 7.63
C ALA B 425 11.29 30.90 9.01
N TYR B 426 10.66 29.95 9.66
CA TYR B 426 11.15 29.40 10.92
C TYR B 426 10.97 27.88 10.93
N TYR B 427 12.01 27.18 11.35
CA TYR B 427 11.91 25.73 11.58
C TYR B 427 13.05 25.32 12.47
N ARG B 428 13.01 24.07 12.92
CA ARG B 428 14.10 23.47 13.70
C ARG B 428 15.46 23.81 13.13
N GLY B 429 16.34 24.35 13.96
CA GLY B 429 17.64 24.75 13.49
C GLY B 429 17.85 26.23 13.57
N LEU B 430 16.83 27.00 13.20
CA LEU B 430 16.99 28.45 13.22
C LEU B 430 16.86 29.03 14.63
N ASP B 431 17.47 30.19 14.85
CA ASP B 431 17.24 30.92 16.06
C ASP B 431 15.93 31.68 15.98
N VAL B 432 15.24 31.78 17.11
CA VAL B 432 13.90 32.33 17.11
C VAL B 432 13.92 33.82 16.78
N SER B 433 15.07 34.48 17.01
CA SER B 433 15.29 35.87 16.61
C SER B 433 14.86 36.24 15.18
N VAL B 434 14.82 35.28 14.26
CA VAL B 434 14.24 35.53 12.96
C VAL B 434 12.79 35.97 13.13
N ILE B 435 12.23 35.67 14.31
CA ILE B 435 11.12 36.38 15.01
C ILE B 435 9.99 36.88 14.13
N PRO B 436 9.85 38.23 13.84
CA PRO B 436 10.12 39.61 14.34
C PRO B 436 9.24 40.31 15.43
N THR B 437 8.44 39.60 16.22
CA THR B 437 7.79 40.14 17.49
C THR B 437 6.92 41.41 17.44
N ILE B 438 7.38 42.51 16.86
CA ILE B 438 6.49 43.64 16.59
C ILE B 438 6.46 43.94 15.09
N GLY B 439 5.32 44.42 14.59
CA GLY B 439 5.22 44.85 13.17
C GLY B 439 4.69 43.81 12.18
N ASP B 440 4.39 44.24 10.96
CA ASP B 440 3.96 43.34 9.89
C ASP B 440 4.91 42.15 9.64
N VAL B 441 4.36 40.95 9.55
CA VAL B 441 5.16 39.82 9.13
C VAL B 441 4.31 38.65 8.71
N VAL B 442 4.78 37.91 7.71
CA VAL B 442 4.24 36.57 7.48
C VAL B 442 5.34 35.58 7.93
N VAL B 443 5.01 34.77 8.95
CA VAL B 443 5.84 33.69 9.44
C VAL B 443 5.43 32.38 8.77
N VAL B 444 6.36 31.78 8.06
CA VAL B 444 6.14 30.50 7.40
C VAL B 444 6.95 29.50 8.22
N ALA B 445 6.28 28.57 8.89
CA ALA B 445 6.94 27.69 9.86
C ALA B 445 6.46 26.26 9.80
N THR B 446 7.31 25.35 10.26
CA THR B 446 6.88 24.00 10.58
C THR B 446 6.40 24.01 12.01
N ASP B 447 5.91 22.87 12.48
CA ASP B 447 5.45 22.71 13.86
C ASP B 447 6.51 23.04 14.91
N ALA B 448 7.78 23.20 14.51
CA ALA B 448 8.81 23.65 15.45
C ALA B 448 8.40 24.96 16.13
N LEU B 449 7.63 25.76 15.40
CA LEU B 449 7.09 27.04 15.85
C LEU B 449 6.47 26.91 17.22
N MET B 450 5.70 25.84 17.38
CA MET B 450 4.91 25.68 18.56
C MET B 450 5.76 25.41 19.80
N THR B 451 7.06 25.18 19.60
CA THR B 451 7.99 24.99 20.71
C THR B 451 9.03 26.09 20.91
N GLY B 452 9.29 26.90 19.89
CA GLY B 452 10.35 27.90 19.96
C GLY B 452 9.89 29.34 20.09
N TYR B 453 8.57 29.54 20.03
CA TYR B 453 7.97 30.86 19.92
C TYR B 453 6.55 30.83 20.48
N THR B 454 6.25 31.76 21.39
CA THR B 454 5.02 31.72 22.15
C THR B 454 3.93 32.69 21.68
N GLY B 455 4.18 33.46 20.61
CA GLY B 455 3.26 34.50 20.17
C GLY B 455 2.00 34.08 19.40
N ASP B 456 1.05 35.02 19.28
CA ASP B 456 -0.22 34.78 18.56
C ASP B 456 -0.32 35.63 17.32
N PHE B 457 -1.27 35.33 16.44
CA PHE B 457 -1.30 35.98 15.11
C PHE B 457 -2.70 36.35 14.68
N ASP B 458 -2.78 37.27 13.73
CA ASP B 458 -4.08 37.78 13.28
C ASP B 458 -4.82 36.70 12.54
N SER B 459 -4.09 35.96 11.69
CA SER B 459 -4.63 34.76 11.00
C SER B 459 -3.67 33.59 11.06
N VAL B 460 -4.22 32.37 11.00
CA VAL B 460 -3.42 31.19 10.76
C VAL B 460 -3.88 30.48 9.49
N ILE B 461 -2.94 30.22 8.57
CA ILE B 461 -3.20 29.42 7.37
C ILE B 461 -2.50 28.06 7.47
N ASP B 462 -3.27 26.99 7.37
CA ASP B 462 -2.82 25.65 7.68
C ASP B 462 -2.89 24.68 6.47
N CYS B 463 -1.73 24.13 6.07
CA CYS B 463 -1.63 23.10 5.00
C CYS B 463 -2.31 21.78 5.36
N ASN B 464 -2.60 21.58 6.65
CA ASN B 464 -3.35 20.43 7.17
C ASN B 464 -2.65 19.08 7.01
N THR B 465 -1.32 19.12 6.92
CA THR B 465 -0.51 17.91 6.85
C THR B 465 0.71 18.10 7.73
N CYS B 466 1.25 16.99 8.24
CA CYS B 466 2.55 16.96 8.91
C CYS B 466 3.48 15.84 8.44
N VAL B 467 4.76 16.05 8.65
CA VAL B 467 5.76 15.03 8.46
C VAL B 467 5.79 14.21 9.74
N THR B 468 5.84 12.90 9.57
CA THR B 468 5.95 11.95 10.69
C THR B 468 6.88 10.78 10.33
N GLN B 469 7.33 10.09 11.36
CA GLN B 469 8.09 8.90 11.18
C GLN B 469 7.26 7.67 11.53
N THR B 470 7.51 6.60 10.80
CA THR B 470 6.84 5.33 11.05
C THR B 470 7.89 4.23 10.97
N VAL B 471 7.84 3.29 11.92
CA VAL B 471 8.70 2.11 11.87
C VAL B 471 8.02 1.09 11.00
N ASP B 472 8.83 0.36 10.25
CA ASP B 472 8.35 -0.71 9.39
C ASP B 472 9.23 -1.92 9.68
N PHE B 473 8.60 -3.00 10.13
CA PHE B 473 9.31 -4.21 10.45
C PHE B 473 9.56 -5.02 9.15
N SER B 474 10.38 -4.45 8.30
CA SER B 474 10.56 -4.91 6.92
C SER B 474 11.47 -6.13 6.74
N LEU B 475 12.21 -6.48 7.78
CA LEU B 475 13.07 -7.68 7.76
C LEU B 475 14.00 -7.69 6.55
N ASP B 476 14.62 -6.55 6.29
CA ASP B 476 15.47 -6.35 5.12
C ASP B 476 16.71 -5.50 5.41
N PRO B 477 17.52 -5.92 6.38
CA PRO B 477 17.38 -7.15 7.17
C PRO B 477 16.55 -7.03 8.44
N THR B 478 16.38 -5.84 9.00
CA THR B 478 15.80 -5.76 10.35
C THR B 478 14.53 -4.91 10.38
N PHE B 479 14.69 -3.58 10.50
CA PHE B 479 13.54 -2.68 10.49
C PHE B 479 13.95 -1.45 9.76
N THR B 480 12.96 -0.64 9.38
CA THR B 480 13.15 0.63 8.68
C THR B 480 12.45 1.77 9.42
N ILE B 481 13.02 2.97 9.38
CA ILE B 481 12.29 4.16 9.87
C ILE B 481 11.98 5.05 8.67
N GLU B 482 10.74 4.97 8.17
CA GLU B 482 10.28 5.71 6.98
C GLU B 482 9.91 7.12 7.50
N THR B 483 10.31 8.18 6.80
CA THR B 483 9.72 9.50 7.02
C THR B 483 8.61 9.72 5.99
N THR B 484 7.41 10.03 6.45
CA THR B 484 6.26 10.18 5.56
C THR B 484 5.42 11.44 5.83
N THR B 485 4.97 12.10 4.76
CA THR B 485 4.01 13.19 4.86
C THR B 485 2.62 12.61 5.09
N VAL B 486 1.94 13.02 6.15
CA VAL B 486 0.60 12.48 6.45
C VAL B 486 -0.43 13.57 6.78
N PRO B 487 -1.72 13.24 6.66
CA PRO B 487 -2.78 14.18 7.10
C PRO B 487 -2.66 14.48 8.58
N GLN B 488 -3.07 15.67 9.01
CA GLN B 488 -2.96 16.06 10.42
C GLN B 488 -4.09 15.46 11.25
N ASP B 489 -3.80 15.15 12.49
CA ASP B 489 -4.82 14.67 13.40
C ASP B 489 -5.53 15.84 14.07
N ALA B 490 -6.40 15.54 15.02
CA ALA B 490 -7.25 16.55 15.64
C ALA B 490 -6.47 17.45 16.60
N VAL B 491 -5.32 16.98 17.08
CA VAL B 491 -4.48 17.76 18.01
C VAL B 491 -3.62 18.76 17.22
N SER B 492 -3.00 18.32 16.14
CA SER B 492 -2.26 19.25 15.28
C SER B 492 -3.20 20.40 14.86
N ARG B 493 -4.39 20.06 14.32
CA ARG B 493 -5.31 21.07 13.76
C ARG B 493 -5.75 22.06 14.79
N SER B 494 -6.07 21.54 15.96
CA SER B 494 -6.42 22.41 17.06
C SER B 494 -5.22 23.27 17.55
N GLN B 495 -4.04 22.66 17.72
CA GLN B 495 -2.88 23.43 18.20
C GLN B 495 -2.44 24.51 17.22
N ARG B 496 -2.57 24.25 15.92
CA ARG B 496 -2.20 25.22 14.90
C ARG B 496 -3.20 26.38 14.79
N ARG B 497 -4.47 26.03 14.84
CA ARG B 497 -5.52 27.02 14.77
C ARG B 497 -5.49 27.92 16.00
N GLY B 498 -5.01 27.38 17.12
CA GLY B 498 -4.99 28.10 18.38
C GLY B 498 -3.84 29.06 18.48
N ARG B 499 -3.16 29.33 17.38
CA ARG B 499 -2.15 30.39 17.33
C ARG B 499 -2.79 31.70 16.85
N THR B 500 -4.09 31.65 16.61
CA THR B 500 -4.93 32.84 16.43
C THR B 500 -6.14 32.75 17.36
N GLY B 501 -6.82 33.85 17.61
CA GLY B 501 -8.06 33.85 18.39
C GLY B 501 -7.88 33.83 19.90
N ARG B 502 -6.66 34.07 20.37
CA ARG B 502 -6.39 34.11 21.79
C ARG B 502 -6.64 35.55 22.24
N GLY B 503 -7.78 35.76 22.89
CA GLY B 503 -8.27 37.10 23.21
C GLY B 503 -8.20 38.13 22.09
N ARG B 504 -8.60 37.77 20.88
CA ARG B 504 -8.68 38.72 19.75
C ARG B 504 -9.02 38.07 18.42
N ARG B 505 -10.03 38.61 17.75
CA ARG B 505 -10.68 37.95 16.62
C ARG B 505 -9.68 37.39 15.58
N GLY B 506 -9.68 36.07 15.43
CA GLY B 506 -8.75 35.40 14.55
C GLY B 506 -9.43 34.79 13.36
N ILE B 507 -8.68 34.61 12.28
CA ILE B 507 -9.16 33.88 11.10
C ILE B 507 -8.29 32.61 10.99
N TYR B 508 -8.88 31.54 10.48
CA TYR B 508 -8.15 30.29 10.26
C TYR B 508 -8.54 29.81 8.90
N ARG B 509 -7.59 29.80 7.97
CA ARG B 509 -7.83 29.33 6.62
C ARG B 509 -7.19 27.98 6.43
N PHE B 510 -7.82 27.11 5.66
CA PHE B 510 -7.29 25.76 5.49
C PHE B 510 -7.39 25.25 4.06
N VAL B 511 -6.51 24.31 3.76
CA VAL B 511 -6.57 23.56 2.51
C VAL B 511 -7.62 22.43 2.53
N THR B 512 -7.86 21.82 3.69
CA THR B 512 -8.75 20.64 3.73
C THR B 512 -9.42 20.43 5.09
N PRO B 513 -10.68 19.96 5.10
CA PRO B 513 -11.48 20.06 6.32
C PRO B 513 -11.45 18.86 7.30
N GLY B 514 -10.92 17.70 6.88
CA GLY B 514 -10.87 16.53 7.78
C GLY B 514 -9.77 16.51 8.84
N GLU B 515 -9.73 15.45 9.64
CA GLU B 515 -8.69 15.28 10.65
C GLU B 515 -8.66 13.85 11.15
N ARG B 516 -7.48 13.20 11.12
CA ARG B 516 -7.29 11.86 11.69
C ARG B 516 -7.59 11.86 13.19
N PRO B 517 -7.83 10.67 13.78
CA PRO B 517 -7.98 10.55 15.23
C PRO B 517 -6.75 10.92 16.05
N SER B 518 -7.01 11.40 17.25
CA SER B 518 -6.03 11.98 18.11
C SER B 518 -5.60 10.99 19.19
N GLY B 519 -4.41 11.21 19.73
CA GLY B 519 -3.93 10.48 20.87
C GLY B 519 -3.18 9.19 20.56
N MET B 520 -2.97 8.89 19.30
CA MET B 520 -2.17 7.72 18.92
C MET B 520 -0.80 8.18 18.48
N PHE B 521 0.22 7.49 18.93
CA PHE B 521 1.54 7.69 18.38
C PHE B 521 2.15 6.36 17.91
N ASP B 522 3.11 6.45 16.98
CA ASP B 522 3.76 5.30 16.33
C ASP B 522 4.88 4.62 17.18
N SER B 523 5.17 3.37 16.84
CA SER B 523 6.26 2.66 17.48
C SER B 523 7.64 3.31 17.29
N SER B 524 7.82 4.15 16.27
CA SER B 524 9.10 4.83 16.16
C SER B 524 9.32 5.86 17.27
N VAL B 525 8.25 6.44 17.81
CA VAL B 525 8.38 7.32 18.95
C VAL B 525 8.93 6.53 20.14
N LEU B 526 8.50 5.28 20.30
CA LEU B 526 9.03 4.46 21.37
C LEU B 526 10.54 4.27 21.16
N CYS B 527 10.90 3.92 19.94
CA CYS B 527 12.32 3.75 19.56
C CYS B 527 13.12 5.03 19.87
N GLU B 528 12.59 6.17 19.45
CA GLU B 528 13.17 7.49 19.78
C GLU B 528 13.45 7.74 21.27
N CYS B 529 12.62 7.17 22.15
CA CYS B 529 12.76 7.28 23.61
C CYS B 529 13.92 6.45 24.13
N TYR B 530 14.22 5.30 23.53
CA TYR B 530 15.40 4.55 23.96
C TYR B 530 16.62 5.32 23.49
N ASP B 531 16.56 5.74 22.24
CA ASP B 531 17.65 6.45 21.62
C ASP B 531 18.07 7.67 22.44
N ALA B 532 17.13 8.58 22.72
CA ALA B 532 17.38 9.77 23.54
C ALA B 532 17.82 9.36 24.94
N GLY B 533 17.19 8.34 25.50
CA GLY B 533 17.58 7.82 26.80
C GLY B 533 19.08 7.56 26.82
N CYS B 534 19.52 6.72 25.90
CA CYS B 534 20.93 6.36 25.78
C CYS B 534 21.80 7.56 25.41
N ALA B 535 21.33 8.35 24.45
CA ALA B 535 22.15 9.39 23.88
C ALA B 535 22.34 10.54 24.85
N TRP B 536 21.24 10.93 25.47
CA TRP B 536 21.10 12.24 26.09
C TRP B 536 20.96 12.23 27.61
N TYR B 537 20.46 11.13 28.19
CA TYR B 537 20.09 11.12 29.62
C TYR B 537 20.59 9.93 30.38
N GLU B 538 21.63 9.27 29.89
CA GLU B 538 22.32 8.24 30.66
C GLU B 538 21.43 7.13 31.18
N LEU B 539 20.37 6.81 30.43
CA LEU B 539 19.42 5.77 30.87
C LEU B 539 19.73 4.47 30.16
N THR B 540 19.78 3.37 30.90
CA THR B 540 19.87 2.05 30.29
C THR B 540 18.52 1.75 29.60
N PRO B 541 18.50 0.76 28.70
CA PRO B 541 17.23 0.33 28.10
C PRO B 541 16.24 -0.24 29.11
N ALA B 542 16.72 -1.06 30.03
CA ALA B 542 15.91 -1.52 31.16
C ALA B 542 15.25 -0.35 31.92
N GLU B 543 16.02 0.73 32.13
CA GLU B 543 15.54 1.90 32.85
C GLU B 543 14.51 2.64 32.01
N THR B 544 14.83 2.88 30.73
CA THR B 544 13.86 3.46 29.79
C THR B 544 12.55 2.66 29.79
N SER B 545 12.60 1.33 29.84
CA SER B 545 11.38 0.52 29.79
C SER B 545 10.44 0.78 30.95
N VAL B 546 11.02 0.81 32.15
CA VAL B 546 10.27 1.05 33.38
C VAL B 546 9.50 2.37 33.33
N ARG B 547 10.15 3.41 32.83
CA ARG B 547 9.49 4.73 32.71
C ARG B 547 8.44 4.79 31.59
N LEU B 548 8.65 4.04 30.53
CA LEU B 548 7.64 3.92 29.48
C LEU B 548 6.49 3.00 29.98
N ARG B 549 6.84 2.02 30.80
CA ARG B 549 5.82 1.13 31.39
C ARG B 549 4.84 1.94 32.26
N ALA B 550 5.36 2.93 33.00
CA ALA B 550 4.51 3.80 33.85
C ALA B 550 3.61 4.70 33.00
N TYR B 551 4.14 5.17 31.87
CA TYR B 551 3.35 5.97 30.94
C TYR B 551 2.23 5.17 30.31
N LEU B 552 2.56 4.05 29.68
CA LEU B 552 1.54 3.19 29.03
C LEU B 552 0.41 2.87 30.00
N ASN B 553 0.78 2.37 31.18
CA ASN B 553 -0.18 1.91 32.18
C ASN B 553 -1.09 2.95 32.83
N THR B 554 -0.89 4.23 32.55
CA THR B 554 -1.71 5.28 33.13
C THR B 554 -2.83 5.67 32.16
N PRO B 555 -4.06 5.61 32.64
CA PRO B 555 -5.19 5.87 31.74
C PRO B 555 -5.22 7.30 31.27
N GLY B 556 -5.87 7.53 30.15
CA GLY B 556 -6.10 8.86 29.65
C GLY B 556 -4.92 9.51 28.95
N LEU B 557 -3.80 8.81 28.85
CA LEU B 557 -2.67 9.37 28.11
C LEU B 557 -2.73 8.87 26.66
N PRO B 558 -1.96 9.48 25.78
CA PRO B 558 -1.84 8.95 24.44
C PRO B 558 -1.43 7.50 24.42
N VAL B 559 -1.77 6.84 23.33
CA VAL B 559 -1.63 5.42 23.20
C VAL B 559 -0.75 5.03 22.02
N CYS B 560 -0.16 3.84 22.17
CA CYS B 560 0.70 3.23 21.17
C CYS B 560 0.63 1.71 21.35
N GLN B 561 1.27 0.96 20.46
CA GLN B 561 1.31 -0.51 20.58
C GLN B 561 2.41 -0.86 21.57
N ASP B 562 2.29 -1.97 22.27
CA ASP B 562 3.29 -2.31 23.26
C ASP B 562 4.45 -3.04 22.61
N HIS B 563 5.44 -2.28 22.17
CA HIS B 563 6.66 -2.80 21.56
C HIS B 563 7.92 -2.49 22.42
N LEU B 564 7.75 -2.49 23.73
CA LEU B 564 8.85 -2.18 24.65
C LEU B 564 9.90 -3.24 24.73
N GLU B 565 9.46 -4.49 24.83
CA GLU B 565 10.39 -5.62 24.96
C GLU B 565 11.28 -5.62 23.76
N PHE B 566 10.68 -5.32 22.62
CA PHE B 566 11.37 -5.39 21.38
C PHE B 566 12.41 -4.32 21.32
N TRP B 567 12.04 -3.08 21.56
CA TRP B 567 13.05 -1.98 21.43
C TRP B 567 14.07 -2.10 22.53
N GLU B 568 13.64 -2.59 23.70
CA GLU B 568 14.63 -2.78 24.75
C GLU B 568 15.67 -3.74 24.24
N SER B 569 15.21 -4.92 23.80
CA SER B 569 16.15 -5.93 23.28
C SER B 569 17.08 -5.37 22.21
N VAL B 570 16.58 -4.50 21.34
CA VAL B 570 17.42 -3.99 20.26
C VAL B 570 18.58 -3.13 20.75
N PHE B 571 18.25 -2.12 21.55
CA PHE B 571 19.24 -1.20 22.11
C PHE B 571 20.15 -1.86 23.18
N THR B 572 19.71 -2.99 23.71
CA THR B 572 20.49 -3.71 24.71
C THR B 572 21.75 -4.28 24.08
N GLY B 573 21.69 -4.62 22.81
CA GLY B 573 22.85 -5.17 22.12
C GLY B 573 23.77 -4.14 21.51
N LEU B 574 23.49 -2.84 21.68
CA LEU B 574 24.28 -1.81 20.97
C LEU B 574 25.37 -1.20 21.88
N THR B 575 26.42 -1.98 22.13
CA THR B 575 27.41 -1.61 23.15
C THR B 575 28.69 -0.98 22.63
N HIS B 576 29.39 -0.30 23.53
CA HIS B 576 30.67 0.32 23.20
C HIS B 576 30.52 1.12 21.93
N ILE B 577 29.56 2.03 21.93
CA ILE B 577 29.44 3.07 20.91
C ILE B 577 30.67 4.00 20.94
N ASP B 578 30.96 4.69 19.84
CA ASP B 578 32.12 5.58 19.81
C ASP B 578 31.75 7.01 20.26
N ALA B 579 32.31 7.41 21.39
CA ALA B 579 32.02 8.71 22.02
C ALA B 579 31.98 9.85 21.03
N HIS B 580 32.95 9.88 20.10
CA HIS B 580 33.12 11.01 19.19
C HIS B 580 31.97 11.07 18.21
N PHE B 581 31.55 9.90 17.75
CA PHE B 581 30.43 9.84 16.84
C PHE B 581 29.18 10.27 17.59
N LEU B 582 28.94 9.65 18.75
CA LEU B 582 27.78 10.03 19.54
C LEU B 582 27.70 11.56 19.72
N SER B 583 28.78 12.14 20.23
CA SER B 583 28.80 13.57 20.43
C SER B 583 28.43 14.30 19.13
N GLN B 584 29.11 13.96 18.04
CA GLN B 584 28.93 14.69 16.78
C GLN B 584 27.50 14.70 16.24
N THR B 585 26.78 13.58 16.40
CA THR B 585 25.43 13.41 15.85
C THR B 585 24.36 14.01 16.77
N LYS B 586 24.65 13.99 18.08
CA LYS B 586 23.95 14.83 19.04
C LYS B 586 24.07 16.32 18.65
N GLN B 587 25.28 16.77 18.30
CA GLN B 587 25.51 18.18 18.02
C GLN B 587 24.96 18.63 16.67
N ALA B 588 24.77 17.70 15.76
CA ALA B 588 24.16 18.04 14.49
C ALA B 588 22.63 18.09 14.65
N GLY B 589 22.15 17.56 15.78
CA GLY B 589 20.71 17.46 16.06
C GLY B 589 19.91 16.55 15.12
N ASP B 590 20.51 15.48 14.62
CA ASP B 590 19.80 14.51 13.79
C ASP B 590 18.69 13.87 14.64
N ASN B 591 17.68 13.32 13.98
CA ASN B 591 16.85 12.30 14.63
C ASN B 591 17.66 11.00 14.83
N PHE B 592 17.40 10.32 15.94
CA PHE B 592 18.04 9.06 16.25
C PHE B 592 19.55 9.19 16.26
N PRO B 593 20.06 10.10 17.10
CA PRO B 593 21.51 10.31 17.13
C PRO B 593 22.28 9.06 17.54
N TYR B 594 21.68 8.25 18.42
CA TYR B 594 22.26 7.02 18.90
C TYR B 594 22.31 5.92 17.82
N LEU B 595 21.20 5.71 17.10
CA LEU B 595 21.20 4.69 16.05
C LEU B 595 22.17 5.08 14.95
N VAL B 596 22.23 6.37 14.60
CA VAL B 596 23.10 6.82 13.54
C VAL B 596 24.56 6.61 13.95
N ALA B 597 24.90 7.12 15.13
CA ALA B 597 26.21 6.96 15.74
C ALA B 597 26.61 5.51 15.87
N TYR B 598 25.69 4.65 16.30
CA TYR B 598 26.02 3.26 16.47
C TYR B 598 26.35 2.59 15.16
N GLN B 599 25.58 2.88 14.11
CA GLN B 599 25.88 2.37 12.79
C GLN B 599 27.21 2.91 12.34
N ALA B 600 27.47 4.18 12.60
CA ALA B 600 28.74 4.76 12.25
C ALA B 600 29.88 4.00 12.96
N THR B 601 29.72 3.71 14.24
CA THR B 601 30.81 3.06 14.95
C THR B 601 31.08 1.68 14.28
N VAL B 602 30.02 0.94 13.96
CA VAL B 602 30.20 -0.37 13.38
C VAL B 602 30.91 -0.32 12.05
N CYS B 603 30.54 0.66 11.24
CA CYS B 603 31.18 0.87 9.97
C CYS B 603 32.67 1.15 10.11
N ALA B 604 33.02 2.12 10.96
CA ALA B 604 34.44 2.52 11.12
C ALA B 604 35.27 1.41 11.75
N ARG B 605 34.66 0.60 12.60
CA ARG B 605 35.35 -0.56 13.12
C ARG B 605 35.57 -1.62 12.03
N ALA B 606 34.48 -2.03 11.39
CA ALA B 606 34.53 -2.94 10.24
C ALA B 606 35.29 -2.34 9.04
N GLN B 607 35.70 -1.08 9.13
CA GLN B 607 36.51 -0.51 8.07
C GLN B 607 35.65 -0.41 6.79
N ALA B 608 34.34 -0.23 6.98
CA ALA B 608 33.38 -0.24 5.87
C ALA B 608 32.65 1.09 5.73
N PRO B 609 32.24 1.44 4.48
CA PRO B 609 31.55 2.69 4.26
C PRO B 609 30.10 2.67 4.78
N PRO B 610 29.52 3.85 5.03
CA PRO B 610 28.16 3.92 5.56
C PRO B 610 27.11 3.65 4.47
N PRO B 611 25.83 3.45 4.87
CA PRO B 611 24.75 3.16 3.92
C PRO B 611 24.79 4.06 2.68
N SER B 612 25.06 5.35 2.90
CA SER B 612 25.18 6.33 1.82
C SER B 612 26.05 7.46 2.34
N TRP B 613 26.29 8.44 1.47
CA TRP B 613 26.92 9.67 1.90
C TRP B 613 25.91 10.83 2.08
N ASP B 614 24.66 10.52 2.45
CA ASP B 614 23.73 11.55 2.90
C ASP B 614 24.32 12.31 4.11
N GLN B 615 23.90 13.56 4.29
CA GLN B 615 24.27 14.37 5.47
C GLN B 615 24.21 13.55 6.75
N MET B 616 23.24 12.65 6.79
CA MET B 616 23.03 11.78 7.91
C MET B 616 24.35 11.18 8.42
N TRP B 617 25.22 10.77 7.50
CA TRP B 617 26.48 10.11 7.87
C TRP B 617 27.70 11.02 7.77
N LYS B 618 27.52 12.34 7.77
CA LYS B 618 28.67 13.27 7.70
C LYS B 618 29.75 12.96 8.75
N CYS B 619 29.30 12.50 9.93
CA CYS B 619 30.20 12.11 11.04
C CYS B 619 31.34 11.13 10.68
N LEU B 620 31.35 10.65 9.45
CA LEU B 620 32.28 9.62 9.01
C LEU B 620 33.10 10.09 7.81
N ILE B 621 32.98 11.38 7.47
CA ILE B 621 33.46 11.91 6.17
C ILE B 621 34.97 11.95 6.02
N ARG B 622 35.68 12.03 7.13
CA ARG B 622 37.14 12.02 7.07
C ARG B 622 37.76 10.62 6.95
N LEU B 623 36.95 9.56 7.09
CA LEU B 623 37.42 8.18 6.86
C LEU B 623 37.11 7.70 5.43
N LYS B 624 36.54 8.57 4.59
CA LYS B 624 36.10 8.18 3.25
C LYS B 624 37.19 7.60 2.33
N PRO B 625 38.44 8.08 2.46
CA PRO B 625 39.49 7.46 1.64
C PRO B 625 39.69 5.96 1.96
N THR B 626 39.70 5.60 3.22
CA THR B 626 40.07 4.24 3.65
C THR B 626 38.90 3.25 3.81
N LEU B 627 37.65 3.72 3.77
CA LEU B 627 36.50 2.87 4.05
C LEU B 627 36.00 2.30 2.72
N HIS B 628 35.92 0.97 2.62
CA HIS B 628 35.65 0.32 1.32
C HIS B 628 34.90 -0.97 1.53
N GLY B 629 34.15 -1.40 0.51
CA GLY B 629 33.35 -2.63 0.61
C GLY B 629 31.89 -2.48 1.04
N PRO B 630 31.24 -3.62 1.34
CA PRO B 630 29.82 -3.60 1.70
C PRO B 630 29.55 -3.13 3.14
N THR B 631 28.49 -2.35 3.32
CA THR B 631 28.09 -1.82 4.62
C THR B 631 27.50 -2.91 5.50
N PRO B 632 28.04 -3.06 6.70
CA PRO B 632 27.39 -3.95 7.66
C PRO B 632 26.14 -3.28 8.20
N LEU B 633 25.02 -3.54 7.54
CA LEU B 633 23.75 -2.88 7.81
C LEU B 633 23.03 -3.42 9.03
N LEU B 634 22.62 -2.50 9.91
CA LEU B 634 22.02 -2.90 11.18
C LEU B 634 20.52 -2.71 11.13
N TYR B 635 20.14 -1.73 10.31
CA TYR B 635 18.76 -1.32 10.15
C TYR B 635 18.77 -0.22 9.09
N ARG B 636 17.59 0.16 8.63
CA ARG B 636 17.46 1.18 7.59
C ARG B 636 16.90 2.50 8.13
N LEU B 637 17.69 3.58 7.99
CA LEU B 637 17.31 4.91 8.48
C LEU B 637 17.15 5.91 7.35
N GLY B 638 17.39 5.46 6.13
CA GLY B 638 17.14 6.27 4.95
C GLY B 638 17.38 5.40 3.75
N ALA B 639 17.59 6.02 2.61
CA ALA B 639 18.05 5.30 1.45
C ALA B 639 19.42 4.63 1.76
N VAL B 640 19.57 3.39 1.34
CA VAL B 640 20.84 2.69 1.40
C VAL B 640 21.39 2.56 -0.03
N GLN B 641 22.40 3.36 -0.38
CA GLN B 641 23.03 3.28 -1.70
C GLN B 641 24.10 2.19 -1.82
N ASN B 642 24.88 1.97 -0.78
CA ASN B 642 25.98 1.00 -0.86
C ASN B 642 25.48 -0.44 -0.83
N GLU B 643 26.30 -1.35 -1.32
CA GLU B 643 26.08 -2.78 -1.11
C GLU B 643 26.08 -3.10 0.39
N VAL B 644 25.41 -4.17 0.76
CA VAL B 644 25.29 -4.53 2.14
C VAL B 644 25.74 -5.96 2.38
N THR B 645 26.29 -6.22 3.56
CA THR B 645 26.59 -7.56 4.02
C THR B 645 25.83 -7.74 5.35
N LEU B 646 25.28 -8.93 5.55
CA LEU B 646 24.59 -9.27 6.78
C LEU B 646 25.47 -10.03 7.78
N THR B 647 26.78 -10.08 7.57
CA THR B 647 27.61 -10.95 8.42
C THR B 647 28.03 -10.37 9.75
N HIS B 648 27.96 -9.06 9.96
CA HIS B 648 28.38 -8.49 11.24
C HIS B 648 27.59 -9.08 12.39
N PRO B 649 28.25 -9.34 13.54
CA PRO B 649 27.50 -9.93 14.66
C PRO B 649 26.32 -9.09 15.14
N ILE B 650 26.45 -7.75 15.17
CA ILE B 650 25.36 -6.89 15.70
C ILE B 650 24.12 -6.99 14.81
N THR B 651 24.33 -7.09 13.50
CA THR B 651 23.28 -7.32 12.55
C THR B 651 22.55 -8.64 12.91
N LYS B 652 23.30 -9.68 13.20
CA LYS B 652 22.70 -10.99 13.49
C LYS B 652 21.91 -10.95 14.79
N TYR B 653 22.37 -10.17 15.74
CA TYR B 653 21.64 -9.99 17.00
C TYR B 653 20.33 -9.22 16.74
N ILE B 654 20.41 -8.10 16.00
CA ILE B 654 19.20 -7.34 15.67
C ILE B 654 18.27 -8.18 14.81
N MET B 655 18.80 -8.96 13.88
CA MET B 655 17.94 -9.94 13.16
C MET B 655 17.23 -10.85 14.15
N ALA B 656 17.98 -11.42 15.08
CA ALA B 656 17.44 -12.34 16.08
C ALA B 656 16.34 -11.67 16.87
N CYS B 657 16.51 -10.38 17.18
CA CYS B 657 15.49 -9.64 17.95
C CYS B 657 14.13 -9.57 17.22
N MET B 658 14.14 -9.65 15.88
CA MET B 658 12.90 -9.54 15.10
C MET B 658 11.99 -10.76 15.25
N SER B 659 12.44 -11.79 15.97
CA SER B 659 11.61 -12.95 16.24
C SER B 659 10.61 -12.73 17.39
N ALA B 660 10.77 -11.61 18.11
CA ALA B 660 9.87 -11.23 19.23
C ALA B 660 8.44 -11.01 18.77
N ASP B 661 7.49 -11.12 19.69
CA ASP B 661 6.08 -10.98 19.32
C ASP B 661 5.75 -9.51 19.07
N LEU B 662 5.29 -9.19 17.88
CA LEU B 662 4.95 -7.80 17.57
C LEU B 662 3.45 -7.62 17.35
N GLU B 663 2.82 -6.83 18.18
CA GLU B 663 1.48 -6.40 17.91
C GLU B 663 1.49 -5.57 16.61
N VAL B 664 0.57 -5.87 15.70
CA VAL B 664 0.41 -5.05 14.50
C VAL B 664 -1.06 -4.64 14.33
N VAL B 665 -1.28 -3.41 13.89
CA VAL B 665 -2.61 -2.92 13.60
C VAL B 665 -3.14 -3.69 12.39
N THR B 666 -4.39 -4.13 12.49
CA THR B 666 -5.03 -4.92 11.43
C THR B 666 -6.44 -4.39 11.11
F 4VA C . 7.19 -1.88 -19.76
CL 4VA C . 2.21 -1.21 -19.71
C1 4VA C . 7.98 0.52 -23.05
C2 4VA C . 8.37 -0.72 -22.35
C3 4VA C . 7.43 -1.89 -22.60
N5 4VA C . 8.13 -3.17 -22.23
C8 4VA C . 9.12 -3.72 -23.22
C10 4VA C . 9.89 -4.88 -22.60
C11 4VA C . 8.38 -4.11 -24.48
C12 4VA C . 7.39 -5.22 -24.24
O13 4VA C . 6.74 -5.26 -23.22
N14 4VA C . 7.30 -6.14 -25.20
C15 4VA C . 6.11 -1.73 -21.86
C16 4VA C . 4.94 -1.57 -22.56
C17 4VA C . 3.75 -1.40 -21.89
C18 4VA C . 3.73 -1.40 -20.51
C20 4VA C . 4.89 -1.58 -19.79
O21 4VA C . 4.89 -1.57 -18.43
C22 4VA C . 4.33 -2.57 -17.67
C23 4VA C . 3.98 -3.77 -18.23
C24 4VA C . 3.43 -4.77 -17.45
C25 4VA C . 3.23 -4.54 -16.09
C26 4VA C . 3.58 -3.35 -15.53
C27 4VA C . 4.12 -2.35 -16.30
C28 4VA C . 6.07 -1.73 -20.47
H3 4VA C . 7.21 -1.92 -23.55
HN5 4VA C . 8.57 -3.03 -21.43
H8 4VA C . 9.76 -3.00 -23.44
H1 4VA C . 7.18 0.90 -22.65
H1A 4VA C . 8.69 1.18 -23.00
H1B 4VA C . 7.79 0.34 -23.99
H2 4VA C . 9.27 -0.98 -22.65
H2A 4VA C . 8.41 -0.54 -21.39
H10 4VA C . 9.38 -5.25 -21.85
H11 4VA C . 7.90 -3.34 -24.84
H16 4VA C . 4.95 -1.55 -23.51
H17 4VA C . 2.95 -1.29 -22.37
H23 4VA C . 4.11 -3.93 -19.15
H24 4VA C . 3.19 -5.60 -17.84
H25 4VA C . 2.85 -5.23 -15.56
H26 4VA C . 3.44 -3.20 -14.61
H27 4VA C . 4.37 -1.52 -15.92
H7 4VA C . 7.48 -3.81 -22.09
H36 4VA C . 10.04 -5.57 -23.27
H37 4VA C . 10.75 -4.56 -22.27
H39 4VA C . 9.03 -4.42 -25.16
H40 4VA C . 7.77 -6.06 -25.93
H41 4VA C . 6.74 -6.84 -25.08
F 4VA D . -2.50 -0.64 21.28
CL 4VA D . -5.49 2.76 19.01
C1 4VA D . -5.43 -1.89 23.89
C2 4VA D . -3.96 -1.65 23.93
C3 4VA D . -3.58 -0.18 23.91
N5 4VA D . -2.09 -0.09 24.12
C8 4VA D . -1.59 -0.31 25.51
C10 4VA D . -0.07 -0.41 25.48
C11 4VA D . -2.07 0.82 26.42
C12 4VA D . -1.53 2.16 26.04
O13 4VA D . -1.52 2.51 24.89
N14 4VA D . -1.05 2.91 27.02
C15 4VA D . -4.03 0.55 22.66
C16 4VA D . -5.04 1.49 22.75
C17 4VA D . -5.47 2.16 21.62
C18 4VA D . -4.91 1.89 20.40
C20 4VA D . -3.89 0.94 20.28
O21 4VA D . -3.33 0.64 19.07
C22 4VA D . -2.53 1.52 18.38
C23 4VA D . -2.18 1.22 17.06
C24 4VA D . -1.37 2.09 16.36
C25 4VA D . -0.91 3.24 16.94
C26 4VA D . -1.24 3.53 18.24
C27 4VA D . -2.06 2.68 18.97
C28 4VA D . -3.47 0.28 21.39
H3 4VA D . -4.02 0.26 24.67
HN5 4VA D . -1.69 -0.72 23.57
HN5A 4VA D . -1.82 0.74 23.84
H8 4VA D . -1.94 -1.16 25.84
H1 4VA D . -5.75 -1.82 22.98
H1A 4VA D . -5.63 -2.78 24.23
H1B 4VA D . -5.89 -1.22 24.44
H2 4VA D . -3.60 -2.06 24.75
H2A 4VA D . -3.55 -2.10 23.17
H10 4VA D . 0.29 0.23 24.84
H11 4VA D . -3.05 0.86 26.38
H11A 4VA D . -1.81 0.62 27.34
H16 4VA D . -5.43 1.69 23.58
H17 4VA D . -6.15 2.81 21.68
H23 4VA D . -2.51 0.43 16.66
H24 4VA D . -1.15 1.88 15.46
H25 4VA D . -0.36 3.83 16.45
H26 4VA D . -0.92 4.33 18.65
H27 4VA D . -2.28 2.87 19.86
H36 4VA D . 0.29 -0.22 26.37
H37 4VA D . 0.19 -1.32 25.22
H40 4VA D . -1.09 2.63 27.84
H41 4VA D . -0.70 3.72 26.83
#